data_4XYM
#
_entry.id   4XYM
#
_cell.length_a   99.560
_cell.length_b   114.416
_cell.length_c   127.040
_cell.angle_alpha   90.00
_cell.angle_beta   90.00
_cell.angle_gamma   90.00
#
_symmetry.space_group_name_H-M   'P 21 21 21'
#
loop_
_entity.id
_entity.type
_entity.pdbx_description
1 polymer 'alpha subunit of Acyl-CoA synthetase (NDP forming)'
2 polymer 'beta subunit of Acyl-CoA synthetase (NDP forming)'
3 non-polymer 'CHLORIDE ION'
4 non-polymer 'MERCURY (II) ION'
5 non-polymer 'COENZYME A'
6 non-polymer 'PHOSPHOMETHYLPHOSPHONIC ACID ADENOSYL ESTER'
7 non-polymer 'CALCIUM ION'
8 non-polymer 'SODIUM ION'
9 water water
#
loop_
_entity_poly.entity_id
_entity_poly.type
_entity_poly.pdbx_seq_one_letter_code
_entity_poly.pdbx_strand_id
1 'polypeptide(L)'
;MNDLERLFNPSAIAVVGASKDPSKIGSQILRNLLSYGFKGKVYPINPTADELMGLKCYPKVSDVPDKVDVAVISVPSDKV
LGVIDDCGKAGVKFAVVITSGFKEVGNEELEEELVRRAHSYGMRVLGPNIFGYLYAPARLNATFGPKDVLSGNVAFISQS
GALGIALMGYTVVENIGISSIVSVGNKADLDDVDLLDFFDKDPNTGVIMIYLEGIAPGRGRMFIDVASRVSLRKPIIVIK
AGRTEVGARAAASHTGSIAGSVAIYESAFKQSGILMAKSVEDAFDWTKALSWNPIPEGERLIVLTNGGGAGVQSTDTFAD
NGIYLSKPPESLIQEIKKFVPPFASFANPIDITGMAPDDWYYMGTLAALKNPDVDALTVLYCQTAVTTPIGVAKGIVDAI
KEAGNSKPVTVGMVGGPEVAEAVSFLNKQRIAAYPTPERASSAMSALYAYARARSYVMKSLAVR
;
A,C
2 'polypeptide(L)'
;MSSRDLLLKAKENGRKSLLEHEAKYFISSYGIPVTNIRLAKSEEEAVNFSREIGFPVVLKIVSPQVVHKSDVGGVKVNLR
SEEEVRKAYREIIENVKRNVPNAEIEGILVQEFAPPGVELIIGLLRDPQFGPTVMFGLGGVFVELFRDVSFRVAPLSEQD
AESMIKEVKAYKLLTGFRGMEPVDIEAIKDALIRAGRIGVENEEIAEMDLNPVIAYPKGIKVVDARIILR
;
B,D
#
# COMPACT_ATOMS: atom_id res chain seq x y z
N MET A 1 15.42 20.97 -34.97
CA MET A 1 15.98 19.60 -34.84
C MET A 1 15.76 19.06 -33.40
N ASN A 2 16.04 17.78 -33.20
CA ASN A 2 15.83 17.10 -31.92
C ASN A 2 17.09 16.89 -31.09
N ASP A 3 18.20 17.53 -31.50
CA ASP A 3 19.46 17.42 -30.78
C ASP A 3 19.54 18.56 -29.78
N LEU A 4 19.64 18.20 -28.50
CA LEU A 4 19.59 19.17 -27.42
C LEU A 4 20.97 19.51 -26.84
N GLU A 5 22.02 19.09 -27.54
CA GLU A 5 23.39 19.28 -27.06
C GLU A 5 23.66 20.75 -26.73
N ARG A 6 23.20 21.65 -27.59
CA ARG A 6 23.48 23.07 -27.41
C ARG A 6 22.40 23.77 -26.57
N LEU A 7 21.40 23.03 -26.13
CA LEU A 7 20.50 23.55 -25.10
C LEU A 7 21.21 23.44 -23.77
N PHE A 8 21.76 22.25 -23.50
CA PHE A 8 22.37 21.95 -22.21
C PHE A 8 23.81 22.44 -22.13
N ASN A 9 24.45 22.57 -23.30
CA ASN A 9 25.83 23.05 -23.40
C ASN A 9 25.99 24.19 -24.41
N PRO A 10 25.33 25.32 -24.16
CA PRO A 10 25.38 26.48 -25.05
C PRO A 10 26.69 27.24 -24.92
N SER A 11 27.12 27.90 -25.99
CA SER A 11 28.26 28.82 -25.92
C SER A 11 27.79 30.21 -25.51
N ALA A 12 26.54 30.52 -25.79
CA ALA A 12 25.97 31.84 -25.55
C ALA A 12 24.51 31.77 -25.14
N ILE A 13 24.20 32.42 -24.03
CA ILE A 13 22.84 32.47 -23.51
C ILE A 13 22.43 33.92 -23.36
N ALA A 14 21.22 34.23 -23.81
CA ALA A 14 20.63 35.55 -23.60
C ALA A 14 19.56 35.44 -22.51
N VAL A 15 19.46 36.47 -21.68
CA VAL A 15 18.38 36.57 -20.70
C VAL A 15 17.54 37.79 -21.03
N VAL A 16 16.35 37.55 -21.59
CA VAL A 16 15.46 38.62 -22.00
C VAL A 16 14.50 38.93 -20.85
N GLY A 17 14.58 40.13 -20.30
CA GLY A 17 13.71 40.52 -19.20
C GLY A 17 14.43 40.76 -17.88
N ALA A 18 15.75 40.64 -17.89
CA ALA A 18 16.54 41.09 -16.74
C ALA A 18 16.37 42.61 -16.63
N SER A 19 16.61 43.15 -15.44
CA SER A 19 16.32 44.56 -15.16
C SER A 19 17.29 45.12 -14.13
N LYS A 20 17.40 46.45 -14.08
CA LYS A 20 18.16 47.10 -13.03
C LYS A 20 17.50 46.79 -11.69
N ASP A 21 16.21 46.48 -11.74
CA ASP A 21 15.47 46.07 -10.56
C ASP A 21 15.83 44.62 -10.26
N PRO A 22 16.54 44.37 -9.14
CA PRO A 22 17.01 43.00 -8.92
C PRO A 22 15.93 42.04 -8.42
N SER A 23 14.75 42.53 -8.08
CA SER A 23 13.71 41.65 -7.55
C SER A 23 13.04 40.90 -8.68
N LYS A 24 13.21 41.37 -9.92
CA LYS A 24 12.53 40.74 -11.05
C LYS A 24 13.15 39.39 -11.44
N ILE A 25 12.31 38.53 -11.99
CA ILE A 25 12.70 37.14 -12.25
C ILE A 25 13.84 37.06 -13.26
N GLY A 26 13.79 37.88 -14.31
CA GLY A 26 14.87 37.98 -15.27
C GLY A 26 16.20 38.27 -14.59
N SER A 27 16.16 39.13 -13.59
CA SER A 27 17.34 39.51 -12.84
C SER A 27 17.81 38.35 -11.94
N GLN A 28 16.87 37.65 -11.33
CA GLN A 28 17.20 36.50 -10.50
C GLN A 28 17.87 35.40 -11.32
N ILE A 29 17.39 35.19 -12.54
CA ILE A 29 17.98 34.17 -13.44
C ILE A 29 19.38 34.58 -13.84
N LEU A 30 19.56 35.86 -14.20
CA LEU A 30 20.87 36.36 -14.56
C LEU A 30 21.87 36.20 -13.41
N ARG A 31 21.40 36.47 -12.19
CA ARG A 31 22.24 36.35 -11.02
C ARG A 31 22.69 34.89 -10.82
N ASN A 32 21.75 33.95 -10.96
CA ASN A 32 22.07 32.53 -10.82
C ASN A 32 23.06 32.04 -11.89
N LEU A 33 22.86 32.50 -13.12
CA LEU A 33 23.78 32.13 -14.20
C LEU A 33 25.21 32.53 -13.86
N LEU A 34 25.40 33.74 -13.36
CA LEU A 34 26.74 34.21 -13.00
C LEU A 34 27.25 33.52 -11.73
N SER A 35 26.39 33.40 -10.73
CA SER A 35 26.79 32.82 -9.46
C SER A 35 27.25 31.37 -9.61
N TYR A 36 26.56 30.63 -10.48
CA TYR A 36 26.82 29.21 -10.61
C TYR A 36 28.03 28.92 -11.51
N GLY A 37 28.52 29.93 -12.23
CA GLY A 37 29.83 29.86 -12.86
C GLY A 37 29.84 29.50 -14.33
N PHE A 38 28.82 29.94 -15.05
CA PHE A 38 28.75 29.66 -16.48
C PHE A 38 29.99 30.24 -17.19
N LYS A 39 30.58 29.44 -18.08
CA LYS A 39 31.88 29.78 -18.70
C LYS A 39 31.74 30.37 -20.10
N GLY A 40 30.58 30.19 -20.69
CA GLY A 40 30.28 30.78 -21.98
C GLY A 40 29.94 32.25 -21.85
N LYS A 41 29.31 32.81 -22.86
CA LYS A 41 28.93 34.20 -22.86
C LYS A 41 27.46 34.38 -22.47
N VAL A 42 27.22 35.41 -21.67
CA VAL A 42 25.90 35.72 -21.16
C VAL A 42 25.53 37.11 -21.67
N TYR A 43 24.35 37.25 -22.27
CA TYR A 43 23.91 38.52 -22.85
C TYR A 43 22.60 38.98 -22.22
N PRO A 44 22.67 39.87 -21.22
CA PRO A 44 21.43 40.46 -20.74
C PRO A 44 20.72 41.22 -21.85
N ILE A 45 19.41 41.07 -21.94
CA ILE A 45 18.61 41.80 -22.93
C ILE A 45 17.53 42.60 -22.21
N ASN A 46 17.64 43.92 -22.36
CA ASN A 46 16.75 44.86 -21.69
C ASN A 46 16.59 46.11 -22.57
N PRO A 47 15.44 46.79 -22.50
CA PRO A 47 15.24 47.88 -23.47
C PRO A 47 16.14 49.11 -23.30
N THR A 48 16.66 49.36 -22.09
CA THR A 48 17.42 50.61 -21.83
C THR A 48 18.77 50.43 -21.15
N ALA A 49 18.91 49.37 -20.36
CA ALA A 49 20.12 49.18 -19.56
C ALA A 49 21.39 49.19 -20.43
N ASP A 50 22.38 49.97 -19.99
CA ASP A 50 23.69 49.95 -20.62
C ASP A 50 24.42 48.64 -20.31
N GLU A 51 24.31 48.23 -19.06
CA GLU A 51 24.89 46.98 -18.59
C GLU A 51 24.06 46.43 -17.44
N LEU A 52 24.12 45.12 -17.26
CA LEU A 52 23.47 44.45 -16.14
C LEU A 52 24.43 43.42 -15.57
N MET A 53 24.60 43.45 -14.25
CA MET A 53 25.54 42.60 -13.55
C MET A 53 26.93 42.62 -14.20
N GLY A 54 27.34 43.82 -14.60
CA GLY A 54 28.68 44.04 -15.13
C GLY A 54 28.85 43.51 -16.53
N LEU A 55 27.75 43.20 -17.19
CA LEU A 55 27.80 42.65 -18.55
C LEU A 55 27.08 43.56 -19.51
N LYS A 56 27.68 43.77 -20.67
CA LYS A 56 27.09 44.63 -21.69
C LYS A 56 25.71 44.13 -22.04
N CYS A 57 24.74 45.03 -21.97
CA CYS A 57 23.35 44.72 -22.25
C CYS A 57 22.96 45.21 -23.66
N TYR A 58 22.08 44.47 -24.33
CA TYR A 58 21.59 44.84 -25.67
C TYR A 58 20.07 45.00 -25.65
N PRO A 59 19.51 45.81 -26.55
CA PRO A 59 18.06 45.97 -26.57
C PRO A 59 17.33 44.78 -27.20
N LYS A 60 17.99 44.07 -28.10
CA LYS A 60 17.39 42.85 -28.65
C LYS A 60 18.45 41.80 -28.94
N VAL A 61 18.02 40.54 -28.94
CA VAL A 61 18.95 39.44 -29.16
C VAL A 61 19.62 39.57 -30.52
N SER A 62 18.90 40.07 -31.51
CA SER A 62 19.45 40.17 -32.88
C SER A 62 20.59 41.19 -32.99
N ASP A 63 20.76 42.04 -31.99
CA ASP A 63 21.87 43.00 -32.00
C ASP A 63 23.14 42.41 -31.42
N VAL A 64 23.02 41.27 -30.75
CA VAL A 64 24.18 40.64 -30.14
C VAL A 64 25.17 40.20 -31.24
N PRO A 65 26.43 40.66 -31.18
CA PRO A 65 27.41 40.23 -32.17
C PRO A 65 27.95 38.83 -31.86
N ASP A 66 27.05 37.86 -31.85
CA ASP A 66 27.42 36.49 -31.48
C ASP A 66 26.25 35.61 -31.92
N LYS A 67 26.48 34.30 -31.99
CA LYS A 67 25.40 33.36 -32.25
C LYS A 67 24.90 32.93 -30.89
N VAL A 68 23.66 33.28 -30.57
CA VAL A 68 23.04 32.92 -29.30
C VAL A 68 22.37 31.56 -29.43
N ASP A 69 22.75 30.61 -28.59
CA ASP A 69 22.16 29.27 -28.63
C ASP A 69 20.78 29.22 -28.00
N VAL A 70 20.69 29.81 -26.81
CA VAL A 70 19.53 29.75 -25.95
C VAL A 70 19.12 31.16 -25.52
N ALA A 71 17.84 31.48 -25.65
CA ALA A 71 17.28 32.70 -25.09
C ALA A 71 16.32 32.34 -23.97
N VAL A 72 16.66 32.73 -22.76
CA VAL A 72 15.78 32.58 -21.61
C VAL A 72 14.89 33.80 -21.57
N ILE A 73 13.59 33.58 -21.75
CA ILE A 73 12.64 34.67 -21.92
C ILE A 73 11.77 34.88 -20.68
N SER A 74 11.96 36.04 -20.07
CA SER A 74 11.25 36.44 -18.86
C SER A 74 10.58 37.82 -19.03
N VAL A 75 9.67 37.92 -19.99
CA VAL A 75 8.85 39.12 -20.20
C VAL A 75 7.37 38.71 -20.15
N PRO A 76 6.46 39.67 -19.92
CA PRO A 76 5.04 39.31 -19.88
C PRO A 76 4.56 38.65 -21.17
N SER A 77 3.50 37.86 -21.07
CA SER A 77 3.02 37.06 -22.19
C SER A 77 2.69 37.88 -23.44
N ASP A 78 2.24 39.12 -23.24
CA ASP A 78 1.92 40.03 -24.34
C ASP A 78 3.17 40.59 -25.02
N LYS A 79 4.34 40.27 -24.47
CA LYS A 79 5.62 40.68 -25.06
C LYS A 79 6.39 39.49 -25.62
N VAL A 80 5.92 38.27 -25.35
CA VAL A 80 6.68 37.08 -25.73
C VAL A 80 6.82 36.87 -27.24
N LEU A 81 5.71 36.97 -27.98
CA LEU A 81 5.76 36.66 -29.42
C LEU A 81 6.73 37.54 -30.19
N GLY A 82 6.80 38.81 -29.80
CA GLY A 82 7.72 39.74 -30.41
C GLY A 82 9.16 39.30 -30.18
N VAL A 83 9.45 38.92 -28.93
CA VAL A 83 10.78 38.45 -28.60
C VAL A 83 11.12 37.19 -29.38
N ILE A 84 10.14 36.33 -29.57
CA ILE A 84 10.34 35.09 -30.35
C ILE A 84 10.77 35.43 -31.77
N ASP A 85 10.11 36.43 -32.35
CA ASP A 85 10.42 36.85 -33.72
C ASP A 85 11.86 37.37 -33.83
N ASP A 86 12.27 38.21 -32.88
CA ASP A 86 13.64 38.72 -32.91
C ASP A 86 14.64 37.58 -32.71
N CYS A 87 14.34 36.69 -31.78
CA CYS A 87 15.18 35.51 -31.56
C CYS A 87 15.30 34.69 -32.85
N GLY A 88 14.19 34.58 -33.58
CA GLY A 88 14.21 33.93 -34.86
C GLY A 88 15.17 34.59 -35.82
N LYS A 89 15.07 35.91 -35.97
CA LYS A 89 15.99 36.65 -36.82
C LYS A 89 17.45 36.40 -36.44
N ALA A 90 17.70 36.28 -35.15
CA ALA A 90 19.04 36.10 -34.62
C ALA A 90 19.51 34.66 -34.74
N GLY A 91 18.60 33.76 -35.12
CA GLY A 91 18.94 32.36 -35.30
C GLY A 91 19.03 31.55 -34.00
N VAL A 92 18.36 32.00 -32.94
CA VAL A 92 18.51 31.26 -31.69
C VAL A 92 17.82 29.90 -31.84
N LYS A 93 18.46 28.87 -31.34
CA LYS A 93 17.93 27.53 -31.52
C LYS A 93 16.91 27.14 -30.46
N PHE A 94 17.00 27.72 -29.27
CA PHE A 94 16.10 27.36 -28.16
C PHE A 94 15.54 28.57 -27.41
N ALA A 95 14.22 28.59 -27.28
CA ALA A 95 13.52 29.57 -26.44
C ALA A 95 13.06 28.90 -25.13
N VAL A 96 13.66 29.33 -24.04
CA VAL A 96 13.30 28.86 -22.71
C VAL A 96 12.35 29.90 -22.13
N VAL A 97 11.05 29.63 -22.24
CA VAL A 97 10.04 30.65 -21.93
C VAL A 97 9.54 30.53 -20.49
N ILE A 98 10.09 31.36 -19.62
CA ILE A 98 9.68 31.36 -18.21
C ILE A 98 8.21 31.71 -18.10
N THR A 99 7.81 32.67 -18.92
CA THR A 99 6.50 33.32 -18.84
C THR A 99 5.27 32.43 -18.68
N SER A 100 4.43 32.78 -17.71
CA SER A 100 3.13 32.13 -17.51
C SER A 100 2.04 32.92 -18.22
N GLY A 101 0.85 32.35 -18.33
CA GLY A 101 -0.29 33.05 -18.90
C GLY A 101 -0.66 32.50 -20.26
N PHE A 102 -0.44 31.20 -20.43
CA PHE A 102 -0.77 30.52 -21.69
C PHE A 102 -1.88 29.48 -21.45
N LYS A 103 -1.66 28.24 -21.89
CA LYS A 103 -2.71 27.23 -21.86
C LYS A 103 -3.20 26.94 -20.44
N GLU A 104 -2.32 27.08 -19.46
CA GLU A 104 -2.65 26.70 -18.09
C GLU A 104 -3.73 27.61 -17.51
N VAL A 105 -3.92 28.77 -18.13
CA VAL A 105 -4.98 29.70 -17.74
C VAL A 105 -6.02 29.88 -18.87
N GLY A 106 -6.01 28.98 -19.85
CA GLY A 106 -7.05 28.95 -20.85
C GLY A 106 -6.70 29.56 -22.19
N ASN A 107 -5.50 30.15 -22.30
CA ASN A 107 -5.09 30.76 -23.56
C ASN A 107 -4.31 29.78 -24.44
N GLU A 108 -5.03 28.76 -24.89
CA GLU A 108 -4.46 27.72 -25.75
C GLU A 108 -3.94 28.34 -27.04
N GLU A 109 -4.64 29.36 -27.53
CA GLU A 109 -4.34 29.94 -28.83
C GLU A 109 -3.00 30.66 -28.81
N LEU A 110 -2.74 31.40 -27.74
CA LEU A 110 -1.49 32.13 -27.62
C LEU A 110 -0.32 31.12 -27.57
N GLU A 111 -0.51 30.05 -26.82
CA GLU A 111 0.49 28.99 -26.70
C GLU A 111 0.78 28.28 -28.03
N GLU A 112 -0.26 27.99 -28.80
CA GLU A 112 -0.07 27.33 -30.08
C GLU A 112 0.63 28.25 -31.08
N GLU A 113 0.32 29.54 -31.00
CA GLU A 113 0.96 30.52 -31.87
C GLU A 113 2.45 30.64 -31.52
N LEU A 114 2.74 30.63 -30.23
CA LEU A 114 4.11 30.65 -29.74
C LEU A 114 4.95 29.58 -30.41
N VAL A 115 4.44 28.34 -30.39
CA VAL A 115 5.18 27.22 -30.92
C VAL A 115 5.30 27.32 -32.45
N ARG A 116 4.22 27.74 -33.11
CA ARG A 116 4.22 27.86 -34.57
C ARG A 116 5.29 28.82 -35.07
N ARG A 117 5.33 29.99 -34.43
CA ARG A 117 6.30 31.00 -34.77
C ARG A 117 7.72 30.51 -34.51
N ALA A 118 7.91 29.83 -33.38
CA ALA A 118 9.24 29.32 -33.06
C ALA A 118 9.69 28.31 -34.10
N HIS A 119 8.82 27.39 -34.44
CA HIS A 119 9.14 26.34 -35.40
C HIS A 119 9.42 26.95 -36.78
N SER A 120 8.76 28.04 -37.09
CA SER A 120 8.95 28.70 -38.37
C SER A 120 10.39 29.20 -38.52
N TYR A 121 11.11 29.36 -37.41
CA TYR A 121 12.52 29.76 -37.47
C TYR A 121 13.50 28.62 -37.14
N GLY A 122 13.01 27.39 -37.09
CA GLY A 122 13.87 26.27 -36.72
C GLY A 122 14.25 26.32 -35.23
N MET A 123 13.44 27.02 -34.45
CA MET A 123 13.67 27.22 -33.01
C MET A 123 12.75 26.32 -32.16
N ARG A 124 13.28 25.68 -31.12
CA ARG A 124 12.46 24.84 -30.24
C ARG A 124 12.08 25.59 -28.97
N VAL A 125 10.94 25.23 -28.38
CA VAL A 125 10.44 25.86 -27.17
C VAL A 125 10.49 24.91 -25.97
N LEU A 126 11.07 25.39 -24.87
CA LEU A 126 10.92 24.74 -23.58
C LEU A 126 9.91 25.55 -22.78
N GLY A 127 8.90 24.87 -22.25
CA GLY A 127 7.83 25.54 -21.53
C GLY A 127 6.59 25.71 -22.40
N PRO A 128 5.89 26.85 -22.28
CA PRO A 128 6.18 27.97 -21.37
C PRO A 128 5.75 27.65 -19.93
N ASN A 129 5.70 28.66 -19.07
CA ASN A 129 5.26 28.49 -17.67
C ASN A 129 6.22 27.57 -16.91
N ILE A 130 7.50 27.94 -16.87
CA ILE A 130 8.53 27.11 -16.25
C ILE A 130 9.44 27.96 -15.38
N PHE A 131 10.29 27.32 -14.57
CA PHE A 131 11.25 28.08 -13.76
C PHE A 131 12.68 28.00 -14.31
N GLY A 132 12.82 27.43 -15.51
CA GLY A 132 14.09 27.39 -16.21
C GLY A 132 14.72 26.00 -16.17
N TYR A 133 16.05 25.95 -16.25
CA TYR A 133 16.74 24.68 -16.22
C TYR A 133 18.18 24.85 -15.75
N LEU A 134 18.74 23.74 -15.28
CA LEU A 134 20.09 23.71 -14.79
C LEU A 134 20.80 22.50 -15.37
N TYR A 135 22.07 22.69 -15.70
CA TYR A 135 22.91 21.62 -16.17
C TYR A 135 24.28 21.76 -15.55
N ALA A 136 24.56 20.88 -14.60
CA ALA A 136 25.74 20.98 -13.77
C ALA A 136 27.04 20.85 -14.57
N PRO A 137 27.11 19.88 -15.51
CA PRO A 137 28.36 19.73 -16.28
C PRO A 137 28.77 21.00 -17.03
N ALA A 138 27.80 21.84 -17.36
CA ALA A 138 28.05 23.09 -18.07
C ALA A 138 28.05 24.31 -17.12
N ARG A 139 28.03 24.05 -15.81
CA ARG A 139 27.95 25.08 -14.78
C ARG A 139 26.89 26.10 -15.19
N LEU A 140 25.73 25.57 -15.55
CA LEU A 140 24.64 26.35 -16.12
C LEU A 140 23.42 26.32 -15.21
N ASN A 141 23.17 27.41 -14.49
CA ASN A 141 21.97 27.58 -13.66
C ASN A 141 21.08 28.68 -14.22
N ALA A 142 20.22 28.31 -15.16
CA ALA A 142 19.29 29.22 -15.78
C ALA A 142 17.91 29.07 -15.15
N THR A 143 17.85 29.18 -13.82
CA THR A 143 16.58 29.13 -13.10
C THR A 143 16.48 30.31 -12.18
N PHE A 144 15.30 30.54 -11.59
CA PHE A 144 15.22 31.48 -10.48
C PHE A 144 15.00 30.73 -9.16
N GLY A 145 15.50 29.49 -9.14
CA GLY A 145 15.47 28.67 -7.94
C GLY A 145 16.74 28.87 -7.12
N PRO A 146 17.04 27.91 -6.25
CA PRO A 146 18.26 28.02 -5.45
C PRO A 146 19.47 28.24 -6.37
N LYS A 147 20.53 28.83 -5.82
CA LYS A 147 21.68 29.22 -6.61
C LYS A 147 22.58 28.02 -6.91
N ASP A 148 22.46 26.97 -6.12
CA ASP A 148 23.40 25.86 -6.20
C ASP A 148 22.70 24.51 -5.98
N VAL A 149 23.31 23.45 -6.50
CA VAL A 149 22.93 22.08 -6.19
C VAL A 149 24.20 21.29 -5.96
N LEU A 150 24.03 20.11 -5.37
CA LEU A 150 25.12 19.18 -5.24
C LEU A 150 25.33 18.58 -6.62
N SER A 151 26.57 18.40 -7.03
CA SER A 151 26.85 17.84 -8.34
C SER A 151 26.79 16.31 -8.28
N GLY A 152 26.25 15.69 -9.32
CA GLY A 152 26.16 14.25 -9.38
C GLY A 152 25.54 13.82 -10.69
N ASN A 153 24.92 12.64 -10.72
CA ASN A 153 24.50 12.02 -11.97
C ASN A 153 22.99 11.91 -12.13
N VAL A 154 22.22 12.63 -11.31
CA VAL A 154 20.76 12.55 -11.39
C VAL A 154 20.17 13.72 -12.16
N ALA A 155 19.37 13.38 -13.17
CA ALA A 155 18.59 14.35 -13.93
C ALA A 155 17.13 14.36 -13.42
N PHE A 156 16.63 15.53 -13.04
CA PHE A 156 15.27 15.72 -12.53
C PHE A 156 14.48 16.61 -13.48
N ILE A 157 13.43 16.05 -14.04
CA ILE A 157 12.48 16.72 -14.92
C ILE A 157 11.17 16.92 -14.16
N SER A 158 10.62 18.13 -14.18
CA SER A 158 9.38 18.42 -13.43
C SER A 158 8.34 19.16 -14.26
N GLN A 159 7.16 18.55 -14.38
CA GLN A 159 6.03 19.21 -15.00
C GLN A 159 5.40 20.23 -14.05
N SER A 160 5.69 20.12 -12.76
CA SER A 160 5.17 21.06 -11.76
C SER A 160 6.16 22.18 -11.45
N GLY A 161 5.63 23.40 -11.36
CA GLY A 161 6.45 24.58 -11.12
C GLY A 161 6.91 24.70 -9.67
N ALA A 162 5.98 24.99 -8.75
CA ALA A 162 6.33 25.19 -7.34
C ALA A 162 6.91 23.93 -6.70
N LEU A 163 6.30 22.78 -6.93
CA LEU A 163 6.87 21.57 -6.36
C LEU A 163 8.24 21.28 -6.97
N GLY A 164 8.39 21.49 -8.28
CA GLY A 164 9.68 21.30 -8.94
C GLY A 164 10.80 22.17 -8.35
N ILE A 165 10.51 23.45 -8.17
CA ILE A 165 11.55 24.36 -7.74
C ILE A 165 11.85 24.08 -6.27
N ALA A 166 10.85 23.69 -5.50
CA ALA A 166 11.05 23.28 -4.10
C ALA A 166 11.89 21.98 -4.01
N LEU A 167 11.62 21.03 -4.88
CA LEU A 167 12.33 19.76 -4.83
C LEU A 167 13.79 19.96 -5.22
N MET A 168 14.02 20.96 -6.07
CA MET A 168 15.39 21.36 -6.41
C MET A 168 16.17 21.67 -5.14
N GLY A 169 15.54 22.42 -4.23
CA GLY A 169 16.16 22.71 -2.95
C GLY A 169 16.30 21.48 -2.09
N TYR A 170 15.29 20.62 -2.13
CA TYR A 170 15.27 19.43 -1.29
C TYR A 170 16.37 18.43 -1.65
N THR A 171 16.85 18.46 -2.90
CA THR A 171 17.92 17.55 -3.29
C THR A 171 19.14 17.79 -2.42
N VAL A 172 19.37 19.05 -2.03
CA VAL A 172 20.53 19.38 -1.20
C VAL A 172 20.40 18.75 0.18
N VAL A 173 19.23 18.89 0.78
CA VAL A 173 18.98 18.34 2.11
C VAL A 173 19.10 16.83 2.11
N GLU A 174 18.67 16.19 1.01
CA GLU A 174 18.74 14.74 0.91
C GLU A 174 20.05 14.23 0.28
N ASN A 175 21.01 15.12 0.09
CA ASN A 175 22.35 14.78 -0.41
C ASN A 175 22.34 14.13 -1.80
N ILE A 176 21.37 14.51 -2.63
CA ILE A 176 21.28 13.93 -3.95
C ILE A 176 22.06 14.77 -4.98
N GLY A 177 23.05 14.14 -5.59
CA GLY A 177 23.88 14.79 -6.58
C GLY A 177 23.18 14.85 -7.91
N ILE A 178 23.14 16.05 -8.46
CA ILE A 178 22.32 16.40 -9.60
C ILE A 178 23.18 16.70 -10.82
N SER A 179 22.80 16.14 -11.96
CA SER A 179 23.37 16.55 -13.23
C SER A 179 22.49 17.60 -13.89
N SER A 180 21.17 17.51 -13.70
CA SER A 180 20.27 18.45 -14.35
C SER A 180 18.94 18.66 -13.61
N ILE A 181 18.43 19.90 -13.69
CA ILE A 181 17.06 20.22 -13.29
C ILE A 181 16.39 20.77 -14.53
N VAL A 182 15.26 20.20 -14.94
CA VAL A 182 14.53 20.76 -16.07
C VAL A 182 13.05 20.94 -15.75
N SER A 183 12.66 22.22 -15.69
CA SER A 183 11.25 22.58 -15.61
C SER A 183 10.62 22.53 -17.00
N VAL A 184 9.58 21.71 -17.18
CA VAL A 184 8.99 21.54 -18.52
C VAL A 184 7.60 22.15 -18.61
N GLY A 185 7.00 22.49 -17.46
CA GLY A 185 5.77 23.26 -17.42
C GLY A 185 4.68 22.76 -18.35
N ASN A 186 4.23 23.64 -19.25
CA ASN A 186 3.13 23.32 -20.15
C ASN A 186 3.46 22.34 -21.27
N LYS A 187 4.76 22.05 -21.48
CA LYS A 187 5.16 21.06 -22.50
C LYS A 187 4.53 21.31 -23.87
N ALA A 188 4.57 22.56 -24.32
CA ALA A 188 3.95 22.91 -25.59
C ALA A 188 4.77 22.39 -26.80
N ASP A 189 6.07 22.19 -26.61
CA ASP A 189 6.96 21.70 -27.67
C ASP A 189 7.88 20.61 -27.10
N LEU A 190 9.07 20.97 -26.63
CA LEU A 190 9.96 19.98 -26.02
C LEU A 190 9.27 19.29 -24.84
N ASP A 191 9.34 17.96 -24.78
CA ASP A 191 8.69 17.22 -23.71
C ASP A 191 9.58 16.12 -23.11
N ASP A 192 8.99 15.24 -22.31
CA ASP A 192 9.74 14.19 -21.63
C ASP A 192 10.51 13.28 -22.59
N VAL A 193 9.91 13.03 -23.75
CA VAL A 193 10.51 12.14 -24.73
C VAL A 193 11.80 12.73 -25.28
N ASP A 194 11.77 14.02 -25.64
CA ASP A 194 12.94 14.71 -26.15
C ASP A 194 14.03 14.69 -25.10
N LEU A 195 13.64 14.95 -23.85
CA LEU A 195 14.61 15.02 -22.78
C LEU A 195 15.20 13.63 -22.45
N LEU A 196 14.38 12.60 -22.52
CA LEU A 196 14.88 11.25 -22.28
C LEU A 196 15.92 10.86 -23.34
N ASP A 197 15.67 11.25 -24.59
CA ASP A 197 16.64 11.00 -25.67
C ASP A 197 17.99 11.66 -25.38
N PHE A 198 17.98 12.88 -24.84
CA PHE A 198 19.23 13.55 -24.49
C PHE A 198 19.95 12.90 -23.30
N PHE A 199 19.22 12.59 -22.24
CA PHE A 199 19.86 12.07 -21.03
C PHE A 199 20.35 10.63 -21.25
N ASP A 200 19.72 9.94 -22.19
CA ASP A 200 20.19 8.62 -22.66
C ASP A 200 21.64 8.68 -23.14
N LYS A 201 21.94 9.67 -23.98
CA LYS A 201 23.27 9.88 -24.55
C LYS A 201 24.24 10.56 -23.57
N ASP A 202 23.69 11.23 -22.55
CA ASP A 202 24.51 12.01 -21.64
C ASP A 202 25.31 11.16 -20.66
N PRO A 203 26.65 11.08 -20.83
CA PRO A 203 27.47 10.31 -19.88
C PRO A 203 27.47 10.86 -18.45
N ASN A 204 27.08 12.11 -18.27
CA ASN A 204 27.03 12.72 -16.94
C ASN A 204 25.78 12.29 -16.16
N THR A 205 24.81 11.71 -16.84
CA THR A 205 23.53 11.39 -16.21
C THR A 205 23.37 9.88 -16.07
N GLY A 206 23.14 9.43 -14.84
CA GLY A 206 22.99 7.99 -14.59
C GLY A 206 21.59 7.60 -14.13
N VAL A 207 20.81 8.56 -13.68
CA VAL A 207 19.46 8.30 -13.21
C VAL A 207 18.57 9.45 -13.62
N ILE A 208 17.37 9.12 -14.08
CA ILE A 208 16.38 10.14 -14.43
C ILE A 208 15.13 9.99 -13.58
N MET A 209 14.76 11.09 -12.93
CA MET A 209 13.56 11.17 -12.11
C MET A 209 12.64 12.21 -12.71
N ILE A 210 11.37 11.87 -12.85
CA ILE A 210 10.40 12.73 -13.51
C ILE A 210 9.15 12.94 -12.64
N TYR A 211 8.80 14.19 -12.38
CA TYR A 211 7.48 14.50 -11.84
C TYR A 211 6.56 14.73 -13.03
N LEU A 212 5.61 13.82 -13.21
CA LEU A 212 4.78 13.75 -14.40
C LEU A 212 3.31 13.84 -14.08
N GLU A 213 2.63 14.85 -14.63
CA GLU A 213 1.18 14.99 -14.51
C GLU A 213 0.53 14.23 -15.68
N GLY A 214 1.02 14.46 -16.88
CA GLY A 214 0.55 13.72 -18.04
C GLY A 214 1.37 14.03 -19.28
N ILE A 215 1.18 13.23 -20.31
CA ILE A 215 1.79 13.50 -21.60
C ILE A 215 0.71 13.84 -22.62
N ALA A 216 1.13 14.36 -23.76
CA ALA A 216 0.21 14.83 -24.78
C ALA A 216 -0.48 13.70 -25.53
N PRO A 217 -1.73 13.92 -25.98
CA PRO A 217 -2.36 12.95 -26.86
C PRO A 217 -1.45 12.55 -28.04
N GLY A 218 -1.42 11.27 -28.37
CA GLY A 218 -0.65 10.78 -29.49
C GLY A 218 0.85 10.63 -29.23
N ARG A 219 1.28 10.92 -28.01
CA ARG A 219 2.69 10.95 -27.68
C ARG A 219 3.16 9.73 -26.89
N GLY A 220 2.21 8.95 -26.38
CA GLY A 220 2.49 7.84 -25.51
C GLY A 220 3.24 6.67 -26.11
N ARG A 221 2.96 6.37 -27.37
CA ARG A 221 3.61 5.25 -28.03
C ARG A 221 5.10 5.53 -28.13
N MET A 222 5.43 6.73 -28.56
CA MET A 222 6.84 7.14 -28.66
C MET A 222 7.48 7.23 -27.27
N PHE A 223 6.70 7.65 -26.27
CA PHE A 223 7.19 7.68 -24.90
C PHE A 223 7.66 6.30 -24.48
N ILE A 224 6.82 5.30 -24.73
CA ILE A 224 7.19 3.93 -24.40
C ILE A 224 8.41 3.48 -25.21
N ASP A 225 8.48 3.78 -26.51
CA ASP A 225 9.61 3.32 -27.34
C ASP A 225 10.95 3.87 -26.83
N VAL A 226 10.97 5.16 -26.48
CA VAL A 226 12.20 5.79 -26.00
C VAL A 226 12.54 5.36 -24.57
N ALA A 227 11.56 5.47 -23.67
CA ALA A 227 11.78 5.14 -22.26
C ALA A 227 12.25 3.71 -22.08
N SER A 228 11.66 2.77 -22.81
CA SER A 228 12.01 1.37 -22.64
C SER A 228 13.48 1.14 -22.99
N ARG A 229 13.94 1.76 -24.07
CA ARG A 229 15.34 1.57 -24.41
C ARG A 229 16.28 2.33 -23.47
N VAL A 230 15.90 3.53 -23.03
CA VAL A 230 16.70 4.21 -22.00
C VAL A 230 16.86 3.32 -20.76
N SER A 231 15.77 2.68 -20.37
CA SER A 231 15.72 1.86 -19.17
C SER A 231 16.65 0.68 -19.21
N LEU A 232 17.03 0.25 -20.41
CA LEU A 232 18.01 -0.82 -20.50
C LEU A 232 19.34 -0.40 -19.86
N ARG A 233 19.63 0.90 -19.84
CA ARG A 233 20.91 1.37 -19.32
C ARG A 233 20.80 2.32 -18.12
N LYS A 234 19.71 3.07 -18.02
CA LYS A 234 19.57 4.02 -16.92
C LYS A 234 18.18 3.95 -16.31
N PRO A 235 18.10 3.83 -14.98
CA PRO A 235 16.77 3.78 -14.34
C PRO A 235 16.00 5.10 -14.45
N ILE A 236 14.71 4.96 -14.74
CA ILE A 236 13.80 6.08 -14.76
C ILE A 236 12.78 5.89 -13.63
N ILE A 237 12.67 6.89 -12.76
CA ILE A 237 11.70 6.94 -11.67
C ILE A 237 10.67 8.01 -11.98
N VAL A 238 9.39 7.64 -12.01
CA VAL A 238 8.33 8.63 -12.23
C VAL A 238 7.50 8.84 -10.96
N ILE A 239 7.39 10.08 -10.53
CA ILE A 239 6.38 10.46 -9.57
C ILE A 239 5.14 10.79 -10.39
N LYS A 240 4.15 9.91 -10.36
CA LYS A 240 2.94 10.13 -11.13
C LYS A 240 1.93 10.95 -10.34
N ALA A 241 1.55 12.07 -10.91
CA ALA A 241 0.54 12.95 -10.32
C ALA A 241 -0.82 12.53 -10.85
N GLY A 242 -1.74 12.24 -9.94
CA GLY A 242 -3.06 11.78 -10.31
C GLY A 242 -3.02 10.29 -10.51
N ARG A 243 -2.39 9.60 -9.57
CA ARG A 243 -2.28 8.15 -9.66
C ARG A 243 -3.54 7.45 -9.12
N THR A 244 -4.47 8.23 -8.58
CA THR A 244 -5.75 7.69 -8.13
C THR A 244 -6.83 8.29 -9.01
N GLU A 245 -8.00 7.68 -9.04
CA GLU A 245 -9.10 8.21 -9.83
C GLU A 245 -9.43 9.63 -9.41
N VAL A 246 -9.52 9.88 -8.10
CA VAL A 246 -9.86 11.21 -7.62
C VAL A 246 -8.72 12.21 -7.88
N GLY A 247 -7.48 11.74 -7.78
CA GLY A 247 -6.36 12.61 -8.07
C GLY A 247 -6.31 12.97 -9.54
N ALA A 248 -6.63 12.01 -10.41
CA ALA A 248 -6.62 12.24 -11.84
C ALA A 248 -7.76 13.17 -12.24
N ARG A 249 -8.94 12.96 -11.66
CA ARG A 249 -10.07 13.85 -11.89
C ARG A 249 -9.71 15.29 -11.47
N ALA A 250 -9.24 15.44 -10.23
CA ALA A 250 -8.82 16.74 -9.72
C ALA A 250 -7.74 17.37 -10.63
N ALA A 251 -6.61 16.67 -10.76
CA ALA A 251 -5.50 17.11 -11.59
C ALA A 251 -5.94 17.50 -13.00
N ALA A 252 -7.01 16.88 -13.50
CA ALA A 252 -7.52 17.20 -14.82
C ALA A 252 -7.83 18.69 -14.86
N SER A 253 -8.31 19.23 -13.75
CA SER A 253 -8.71 20.63 -13.64
C SER A 253 -7.51 21.55 -13.35
N HIS A 254 -6.37 20.96 -12.98
CA HIS A 254 -5.16 21.74 -12.69
C HIS A 254 -4.68 22.51 -13.92
N THR A 255 -4.81 21.92 -15.10
CA THR A 255 -4.51 22.58 -16.38
C THR A 255 -5.72 22.55 -17.34
N GLY A 256 -6.82 21.93 -16.92
CA GLY A 256 -8.04 21.91 -17.71
C GLY A 256 -8.03 20.93 -18.87
N SER A 257 -7.67 19.68 -18.58
CA SER A 257 -7.57 18.61 -19.59
C SER A 257 -8.55 17.48 -19.29
N ILE A 258 -8.51 16.43 -20.11
CA ILE A 258 -9.27 15.21 -19.83
C ILE A 258 -8.43 14.34 -18.90
N ALA A 259 -9.09 13.67 -17.97
CA ALA A 259 -8.37 12.83 -17.03
C ALA A 259 -7.74 11.66 -17.79
N GLY A 260 -6.44 11.46 -17.59
CA GLY A 260 -5.76 10.33 -18.21
C GLY A 260 -6.06 9.03 -17.47
N SER A 261 -6.06 7.92 -18.19
CA SER A 261 -6.35 6.64 -17.56
C SER A 261 -5.26 6.22 -16.58
N VAL A 262 -5.64 6.11 -15.31
CA VAL A 262 -4.71 5.66 -14.29
C VAL A 262 -4.11 4.31 -14.66
N ALA A 263 -4.96 3.35 -14.96
CA ALA A 263 -4.49 1.99 -15.19
C ALA A 263 -3.59 1.88 -16.42
N ILE A 264 -3.89 2.63 -17.47
CA ILE A 264 -3.11 2.53 -18.71
C ILE A 264 -1.75 3.23 -18.58
N TYR A 265 -1.69 4.34 -17.84
CA TYR A 265 -0.39 4.93 -17.53
C TYR A 265 0.50 3.94 -16.79
N GLU A 266 -0.06 3.22 -15.82
CA GLU A 266 0.71 2.26 -15.03
C GLU A 266 1.27 1.14 -15.90
N SER A 267 0.46 0.64 -16.83
CA SER A 267 0.93 -0.37 -17.78
C SER A 267 1.99 0.19 -18.70
N ALA A 268 1.81 1.41 -19.17
CA ALA A 268 2.81 2.03 -20.04
C ALA A 268 4.15 2.12 -19.31
N PHE A 269 4.11 2.47 -18.03
CA PHE A 269 5.34 2.56 -17.24
C PHE A 269 5.97 1.19 -17.08
N LYS A 270 5.15 0.17 -16.86
CA LYS A 270 5.65 -1.19 -16.75
C LYS A 270 6.31 -1.65 -18.07
N GLN A 271 5.63 -1.40 -19.20
CA GLN A 271 6.20 -1.74 -20.51
C GLN A 271 7.44 -0.91 -20.85
N SER A 272 7.63 0.21 -20.14
CA SER A 272 8.80 1.09 -20.33
C SER A 272 9.94 0.80 -19.35
N GLY A 273 9.74 -0.14 -18.42
CA GLY A 273 10.74 -0.42 -17.40
C GLY A 273 10.86 0.65 -16.32
N ILE A 274 9.89 1.55 -16.27
CA ILE A 274 9.90 2.69 -15.34
C ILE A 274 9.42 2.31 -13.94
N LEU A 275 10.08 2.85 -12.93
CA LEU A 275 9.65 2.68 -11.55
C LEU A 275 8.74 3.82 -11.16
N MET A 276 7.53 3.49 -10.74
CA MET A 276 6.58 4.51 -10.31
C MET A 276 6.63 4.71 -8.80
N ALA A 277 6.95 5.93 -8.40
CA ALA A 277 6.97 6.31 -6.99
C ALA A 277 5.65 6.99 -6.62
N LYS A 278 5.12 6.60 -5.47
CA LYS A 278 3.85 7.12 -4.97
C LYS A 278 4.03 8.31 -4.05
N SER A 279 5.28 8.66 -3.78
CA SER A 279 5.59 9.79 -2.93
C SER A 279 6.97 10.37 -3.25
N VAL A 280 7.14 11.63 -2.87
CA VAL A 280 8.41 12.30 -2.97
C VAL A 280 9.50 11.54 -2.24
N GLU A 281 9.19 11.11 -1.03
CA GLU A 281 10.19 10.47 -0.19
C GLU A 281 10.71 9.15 -0.79
N ASP A 282 9.78 8.33 -1.30
CA ASP A 282 10.15 7.11 -1.99
C ASP A 282 11.01 7.44 -3.22
N ALA A 283 10.57 8.41 -4.03
CA ALA A 283 11.31 8.78 -5.22
C ALA A 283 12.74 9.15 -4.84
N PHE A 284 12.89 9.93 -3.78
CA PHE A 284 14.22 10.39 -3.41
C PHE A 284 15.03 9.25 -2.80
N ASP A 285 14.40 8.42 -1.96
CA ASP A 285 15.07 7.29 -1.35
C ASP A 285 15.59 6.31 -2.41
N TRP A 286 14.76 6.04 -3.42
CA TRP A 286 15.17 5.12 -4.48
C TRP A 286 16.27 5.75 -5.34
N THR A 287 16.09 7.03 -5.68
CA THR A 287 17.00 7.74 -6.57
C THR A 287 18.41 7.68 -6.00
N LYS A 288 18.49 7.91 -4.70
CA LYS A 288 19.75 7.84 -3.97
C LYS A 288 20.41 6.47 -4.11
N ALA A 289 19.66 5.41 -3.86
CA ALA A 289 20.21 4.05 -3.95
C ALA A 289 20.67 3.72 -5.39
N LEU A 290 19.86 4.09 -6.37
CA LEU A 290 20.14 3.79 -7.77
C LEU A 290 21.28 4.65 -8.31
N SER A 291 21.46 5.81 -7.69
CA SER A 291 22.48 6.74 -8.12
C SER A 291 23.86 6.28 -7.68
N TRP A 292 23.91 5.62 -6.52
CA TRP A 292 25.17 5.33 -5.84
C TRP A 292 25.56 3.85 -5.82
N ASN A 293 24.80 3.01 -6.52
CA ASN A 293 25.03 1.56 -6.49
C ASN A 293 24.86 0.93 -7.84
N PRO A 294 25.66 -0.10 -8.13
CA PRO A 294 25.36 -0.92 -9.31
C PRO A 294 24.15 -1.78 -9.02
N ILE A 295 23.58 -2.36 -10.07
CA ILE A 295 22.44 -3.24 -9.91
C ILE A 295 22.95 -4.59 -9.39
N PRO A 296 22.18 -5.22 -8.50
CA PRO A 296 22.64 -6.53 -8.01
C PRO A 296 22.75 -7.55 -9.13
N GLU A 297 23.78 -8.38 -9.04
CA GLU A 297 24.06 -9.37 -10.07
C GLU A 297 23.26 -10.66 -9.84
N GLY A 298 22.66 -10.79 -8.67
CA GLY A 298 21.80 -11.92 -8.40
C GLY A 298 20.89 -11.64 -7.21
N GLU A 299 20.25 -12.70 -6.73
CA GLU A 299 19.22 -12.60 -5.72
C GLU A 299 19.76 -12.88 -4.31
N ARG A 300 21.06 -13.07 -4.16
CA ARG A 300 21.62 -13.36 -2.84
C ARG A 300 21.78 -12.10 -1.96
N LEU A 301 20.64 -11.64 -1.45
CA LEU A 301 20.60 -10.46 -0.59
C LEU A 301 20.75 -10.85 0.88
N ILE A 302 21.71 -10.20 1.54
CA ILE A 302 21.96 -10.40 2.97
C ILE A 302 21.56 -9.16 3.75
N VAL A 303 20.88 -9.39 4.87
CA VAL A 303 20.59 -8.33 5.83
C VAL A 303 21.39 -8.60 7.10
N LEU A 304 22.09 -7.57 7.57
CA LEU A 304 22.91 -7.66 8.78
C LEU A 304 22.30 -6.73 9.82
N THR A 305 22.06 -7.24 11.02
CA THR A 305 21.35 -6.45 12.03
C THR A 305 21.78 -6.74 13.47
N ASN A 306 21.75 -5.73 14.35
CA ASN A 306 21.90 -5.99 15.78
C ASN A 306 20.50 -6.09 16.42
N GLY A 307 20.12 -7.26 16.89
CA GLY A 307 18.78 -7.45 17.44
C GLY A 307 17.75 -7.70 16.36
N GLY A 308 16.80 -8.59 16.66
CA GLY A 308 15.79 -9.04 15.70
C GLY A 308 14.74 -8.06 15.20
N GLY A 309 14.38 -7.09 16.03
CA GLY A 309 13.30 -6.17 15.70
C GLY A 309 13.45 -5.45 14.37
N ALA A 310 14.57 -4.76 14.19
CA ALA A 310 14.85 -4.06 12.94
C ALA A 310 14.85 -5.07 11.78
N GLY A 311 15.39 -6.26 12.05
CA GLY A 311 15.44 -7.33 11.05
C GLY A 311 14.05 -7.78 10.58
N VAL A 312 13.10 -7.85 11.51
CA VAL A 312 11.72 -8.25 11.19
C VAL A 312 11.04 -7.16 10.36
N GLN A 313 11.25 -5.90 10.75
CA GLN A 313 10.73 -4.77 10.00
C GLN A 313 11.27 -4.83 8.55
N SER A 314 12.54 -5.19 8.44
CA SER A 314 13.20 -5.30 7.12
C SER A 314 12.57 -6.42 6.32
N THR A 315 12.38 -7.58 6.95
CA THR A 315 11.82 -8.75 6.28
C THR A 315 10.43 -8.48 5.75
N ASP A 316 9.58 -7.90 6.61
CA ASP A 316 8.22 -7.51 6.22
C ASP A 316 8.24 -6.52 5.05
N THR A 317 9.09 -5.51 5.14
CA THR A 317 9.16 -4.51 4.09
C THR A 317 9.65 -5.14 2.76
N PHE A 318 10.68 -5.98 2.81
CA PHE A 318 11.16 -6.65 1.59
C PHE A 318 10.06 -7.51 1.00
N ALA A 319 9.35 -8.26 1.85
CA ALA A 319 8.23 -9.09 1.40
C ALA A 319 7.14 -8.28 0.68
N ASP A 320 6.79 -7.11 1.22
CA ASP A 320 5.82 -6.22 0.58
C ASP A 320 6.29 -5.81 -0.82
N ASN A 321 7.59 -5.90 -1.07
CA ASN A 321 8.16 -5.58 -2.36
C ASN A 321 8.49 -6.83 -3.16
N GLY A 322 8.00 -7.98 -2.68
CA GLY A 322 8.18 -9.24 -3.36
C GLY A 322 9.62 -9.70 -3.34
N ILE A 323 10.33 -9.39 -2.26
CA ILE A 323 11.70 -9.82 -2.09
C ILE A 323 11.75 -10.70 -0.85
N TYR A 324 12.25 -11.92 -1.04
CA TYR A 324 12.30 -12.90 0.03
C TYR A 324 13.73 -13.31 0.33
N LEU A 325 14.06 -13.37 1.62
CA LEU A 325 15.43 -13.66 2.01
C LEU A 325 15.65 -15.16 2.09
N SER A 326 16.86 -15.60 1.76
CA SER A 326 17.24 -17.01 1.86
C SER A 326 18.36 -17.13 2.85
N LYS A 327 18.50 -18.32 3.42
CA LYS A 327 19.55 -18.58 4.39
C LYS A 327 20.90 -18.17 3.76
N PRO A 328 21.80 -17.58 4.56
CA PRO A 328 23.09 -17.15 4.01
C PRO A 328 23.98 -18.34 3.66
N PRO A 329 24.98 -18.13 2.80
CA PRO A 329 25.89 -19.23 2.50
C PRO A 329 26.64 -19.71 3.77
N GLU A 330 26.91 -21.00 3.85
CA GLU A 330 27.60 -21.56 5.02
C GLU A 330 28.98 -20.93 5.21
N SER A 331 29.63 -20.55 4.12
CA SER A 331 30.97 -19.94 4.19
C SER A 331 30.90 -18.61 4.93
N LEU A 332 29.83 -17.86 4.69
CA LEU A 332 29.63 -16.60 5.41
C LEU A 332 29.30 -16.83 6.88
N ILE A 333 28.47 -17.83 7.13
CA ILE A 333 28.10 -18.16 8.50
C ILE A 333 29.33 -18.50 9.31
N GLN A 334 30.21 -19.33 8.78
CA GLN A 334 31.41 -19.72 9.51
C GLN A 334 32.32 -18.53 9.76
N GLU A 335 32.49 -17.70 8.74
CA GLU A 335 33.30 -16.50 8.90
C GLU A 335 32.77 -15.63 10.05
N ILE A 336 31.46 -15.40 10.09
CA ILE A 336 30.90 -14.53 11.12
C ILE A 336 30.89 -15.19 12.50
N LYS A 337 30.80 -16.51 12.52
CA LYS A 337 30.81 -17.24 13.77
C LYS A 337 32.19 -17.17 14.43
N LYS A 338 33.17 -16.63 13.72
CA LYS A 338 34.50 -16.43 14.33
C LYS A 338 34.50 -15.34 15.40
N PHE A 339 33.50 -14.45 15.40
CA PHE A 339 33.44 -13.38 16.41
C PHE A 339 32.06 -13.19 17.02
N VAL A 340 31.04 -13.85 16.47
CA VAL A 340 29.68 -13.69 16.97
C VAL A 340 29.34 -14.83 17.94
N PRO A 341 28.54 -14.55 19.01
CA PRO A 341 28.17 -15.61 19.93
C PRO A 341 27.23 -16.65 19.30
N PRO A 342 27.12 -17.83 19.93
CA PRO A 342 26.32 -18.94 19.40
C PRO A 342 24.81 -18.65 19.48
N PHE A 343 24.43 -17.63 20.25
CA PHE A 343 23.03 -17.26 20.41
C PHE A 343 22.59 -16.28 19.32
N ALA A 344 23.45 -16.08 18.33
CA ALA A 344 23.11 -15.25 17.19
C ALA A 344 22.28 -16.04 16.18
N SER A 345 21.37 -15.35 15.50
CA SER A 345 20.54 -15.97 14.44
C SER A 345 21.19 -15.77 13.10
N PHE A 346 21.28 -16.84 12.31
CA PHE A 346 21.86 -16.78 10.98
C PHE A 346 20.83 -17.18 9.93
N ALA A 347 19.56 -16.93 10.21
CA ALA A 347 18.48 -17.29 9.29
C ALA A 347 18.45 -16.38 8.05
N ASN A 348 19.03 -15.19 8.20
CA ASN A 348 18.88 -14.04 7.29
C ASN A 348 17.51 -13.37 7.53
N PRO A 349 17.51 -12.20 8.16
CA PRO A 349 18.68 -11.40 8.56
C PRO A 349 19.66 -12.12 9.49
N ILE A 350 20.91 -11.71 9.42
CA ILE A 350 21.94 -12.19 10.33
C ILE A 350 21.95 -11.25 11.54
N ASP A 351 21.63 -11.81 12.69
CA ASP A 351 21.52 -11.05 13.92
C ASP A 351 22.83 -11.18 14.67
N ILE A 352 23.64 -10.13 14.68
CA ILE A 352 24.91 -10.17 15.40
C ILE A 352 24.75 -9.79 16.87
N THR A 353 23.49 -9.74 17.32
CA THR A 353 23.05 -9.46 18.70
C THR A 353 23.09 -7.98 19.03
N GLY A 354 22.16 -7.57 19.89
CA GLY A 354 21.90 -6.17 20.13
C GLY A 354 23.04 -5.42 20.75
N MET A 355 23.89 -6.12 21.48
CA MET A 355 25.01 -5.51 22.17
C MET A 355 26.32 -5.70 21.41
N ALA A 356 26.24 -5.96 20.11
CA ALA A 356 27.45 -6.07 19.32
C ALA A 356 28.26 -4.77 19.39
N PRO A 357 29.59 -4.86 19.56
CA PRO A 357 30.40 -3.62 19.50
C PRO A 357 30.66 -3.10 18.08
N ASP A 358 31.15 -1.86 17.97
CA ASP A 358 31.43 -1.24 16.68
C ASP A 358 32.14 -2.18 15.73
N ASP A 359 33.14 -2.86 16.27
CA ASP A 359 34.06 -3.67 15.48
C ASP A 359 33.34 -4.74 14.66
N TRP A 360 32.27 -5.30 15.21
CA TRP A 360 31.59 -6.39 14.53
C TRP A 360 30.87 -5.89 13.28
N TYR A 361 30.53 -4.60 13.25
CA TYR A 361 29.91 -4.03 12.06
C TYR A 361 30.88 -3.98 10.92
N TYR A 362 32.12 -3.60 11.21
CA TYR A 362 33.19 -3.64 10.23
C TYR A 362 33.42 -5.06 9.71
N MET A 363 33.63 -6.00 10.63
CA MET A 363 33.92 -7.39 10.26
C MET A 363 32.78 -8.11 9.56
N GLY A 364 31.55 -7.89 10.01
CA GLY A 364 30.39 -8.51 9.39
C GLY A 364 30.16 -7.98 7.98
N THR A 365 30.24 -6.67 7.83
CA THR A 365 30.03 -6.06 6.53
C THR A 365 31.11 -6.53 5.55
N LEU A 366 32.35 -6.57 6.00
CA LEU A 366 33.48 -6.99 5.16
C LEU A 366 33.32 -8.45 4.73
N ALA A 367 32.98 -9.31 5.68
CA ALA A 367 32.80 -10.73 5.40
C ALA A 367 31.69 -10.91 4.36
N ALA A 368 30.56 -10.23 4.55
CA ALA A 368 29.46 -10.32 3.60
C ALA A 368 29.86 -9.84 2.20
N LEU A 369 30.44 -8.64 2.12
CA LEU A 369 30.76 -8.08 0.81
C LEU A 369 31.78 -8.92 0.06
N LYS A 370 32.71 -9.52 0.79
CA LYS A 370 33.78 -10.32 0.18
C LYS A 370 33.29 -11.70 -0.24
N ASN A 371 32.21 -12.16 0.36
CA ASN A 371 31.72 -13.49 0.03
C ASN A 371 31.21 -13.58 -1.42
N PRO A 372 31.64 -14.60 -2.18
CA PRO A 372 31.24 -14.70 -3.59
C PRO A 372 29.77 -15.07 -3.84
N ASP A 373 29.07 -15.54 -2.82
CA ASP A 373 27.67 -15.90 -2.95
C ASP A 373 26.77 -14.90 -2.24
N VAL A 374 27.25 -13.66 -2.14
CA VAL A 374 26.48 -12.54 -1.64
C VAL A 374 26.44 -11.48 -2.72
N ASP A 375 25.24 -11.05 -3.12
CA ASP A 375 25.10 -10.10 -4.22
C ASP A 375 24.84 -8.68 -3.75
N ALA A 376 24.28 -8.57 -2.55
CA ALA A 376 23.83 -7.27 -2.04
C ALA A 376 23.72 -7.32 -0.53
N LEU A 377 23.87 -6.17 0.11
CA LEU A 377 23.87 -6.08 1.57
C LEU A 377 23.07 -4.88 2.08
N THR A 378 22.16 -5.15 3.02
CA THR A 378 21.51 -4.09 3.77
C THR A 378 21.99 -4.21 5.21
N VAL A 379 22.56 -3.14 5.73
CA VAL A 379 23.06 -3.12 7.09
C VAL A 379 22.15 -2.27 7.96
N LEU A 380 21.72 -2.85 9.09
CA LEU A 380 20.80 -2.20 10.01
C LEU A 380 21.47 -2.08 11.37
N TYR A 381 21.31 -0.92 11.98
CA TYR A 381 22.00 -0.60 13.22
C TYR A 381 21.07 0.11 14.15
N CYS A 382 20.85 -0.51 15.31
CA CYS A 382 20.16 0.13 16.43
C CYS A 382 21.11 0.66 17.46
N GLN A 383 21.05 1.97 17.72
CA GLN A 383 21.96 2.60 18.67
C GLN A 383 21.69 2.13 20.07
N THR A 384 22.73 1.64 20.72
CA THR A 384 22.74 1.37 22.16
C THR A 384 23.98 2.00 22.74
N ALA A 385 24.17 1.83 24.05
CA ALA A 385 25.28 2.47 24.76
C ALA A 385 26.63 1.79 24.53
N VAL A 386 26.62 0.54 24.04
CA VAL A 386 27.87 -0.18 23.82
C VAL A 386 28.54 0.19 22.49
N THR A 387 27.85 0.94 21.64
CA THR A 387 28.40 1.38 20.36
C THR A 387 28.45 2.88 20.22
N THR A 388 29.12 3.32 19.17
CA THR A 388 29.02 4.70 18.72
C THR A 388 28.51 4.68 17.29
N PRO A 389 27.48 5.49 16.99
CA PRO A 389 26.97 5.51 15.62
C PRO A 389 28.06 5.87 14.59
N ILE A 390 28.92 6.83 14.91
CA ILE A 390 29.92 7.26 13.95
C ILE A 390 30.96 6.16 13.76
N GLY A 391 31.29 5.46 14.84
CA GLY A 391 32.19 4.32 14.77
C GLY A 391 31.65 3.22 13.87
N VAL A 392 30.37 2.91 14.03
CA VAL A 392 29.72 1.94 13.16
C VAL A 392 29.73 2.40 11.70
N ALA A 393 29.42 3.67 11.48
CA ALA A 393 29.38 4.22 10.13
C ALA A 393 30.74 4.10 9.43
N LYS A 394 31.79 4.44 10.16
CA LYS A 394 33.15 4.38 9.64
C LYS A 394 33.57 2.94 9.42
N GLY A 395 33.09 2.02 10.25
CA GLY A 395 33.34 0.60 10.06
C GLY A 395 32.76 0.09 8.74
N ILE A 396 31.60 0.62 8.39
CA ILE A 396 30.94 0.25 7.14
C ILE A 396 31.70 0.82 5.94
N VAL A 397 32.08 2.09 6.03
CA VAL A 397 32.90 2.74 4.99
C VAL A 397 34.17 1.92 4.74
N ASP A 398 34.88 1.60 5.81
CA ASP A 398 36.14 0.88 5.69
C ASP A 398 35.94 -0.51 5.10
N ALA A 399 34.86 -1.17 5.49
CA ALA A 399 34.55 -2.49 4.97
C ALA A 399 34.29 -2.44 3.46
N ILE A 400 33.56 -1.42 3.03
CA ILE A 400 33.21 -1.28 1.62
C ILE A 400 34.47 -1.02 0.77
N LYS A 401 35.41 -0.27 1.36
CA LYS A 401 36.67 0.08 0.71
C LYS A 401 37.57 -1.16 0.60
N GLU A 402 37.72 -1.87 1.71
CA GLU A 402 38.60 -3.02 1.74
C GLU A 402 38.07 -4.18 0.91
N ALA A 403 36.75 -4.33 0.85
CA ALA A 403 36.16 -5.36 0.00
C ALA A 403 36.56 -5.07 -1.44
N GLY A 404 36.69 -3.77 -1.74
CA GLY A 404 37.25 -3.35 -3.01
C GLY A 404 36.38 -3.63 -4.22
N ASN A 405 35.24 -4.31 -4.01
CA ASN A 405 34.34 -4.62 -5.09
C ASN A 405 33.24 -3.58 -5.16
N SER A 406 32.24 -3.85 -5.97
CA SER A 406 31.10 -2.98 -6.06
C SER A 406 29.85 -3.83 -5.97
N LYS A 407 29.31 -3.89 -4.77
CA LYS A 407 28.06 -4.60 -4.53
C LYS A 407 27.13 -3.59 -3.92
N PRO A 408 25.84 -3.65 -4.28
CA PRO A 408 24.90 -2.69 -3.69
C PRO A 408 24.81 -2.81 -2.18
N VAL A 409 24.86 -1.66 -1.51
CA VAL A 409 24.65 -1.62 -0.08
C VAL A 409 23.69 -0.49 0.29
N THR A 410 22.77 -0.79 1.22
CA THR A 410 21.99 0.27 1.84
C THR A 410 22.15 0.14 3.35
N VAL A 411 21.99 1.26 4.05
CA VAL A 411 22.19 1.29 5.48
C VAL A 411 20.98 1.94 6.19
N GLY A 412 20.54 1.30 7.25
CA GLY A 412 19.52 1.86 8.13
C GLY A 412 20.12 2.03 9.50
N MET A 413 19.89 3.20 10.08
CA MET A 413 20.33 3.52 11.43
C MET A 413 19.19 4.17 12.22
N VAL A 414 18.90 3.60 13.39
CA VAL A 414 17.88 4.13 14.29
C VAL A 414 18.53 4.63 15.57
N GLY A 415 18.28 5.89 15.91
CA GLY A 415 18.72 6.41 17.20
C GLY A 415 18.52 7.90 17.35
N GLY A 416 19.27 8.48 18.28
CA GLY A 416 19.15 9.88 18.63
C GLY A 416 20.00 10.78 17.72
N PRO A 417 20.34 11.99 18.19
CA PRO A 417 21.09 12.98 17.41
C PRO A 417 22.39 12.44 16.81
N GLU A 418 23.08 11.55 17.52
CA GLU A 418 24.32 10.96 17.01
C GLU A 418 24.06 10.09 15.78
N VAL A 419 22.93 9.38 15.76
CA VAL A 419 22.58 8.61 14.58
C VAL A 419 22.22 9.53 13.41
N ALA A 420 21.52 10.62 13.67
CA ALA A 420 21.20 11.56 12.62
C ALA A 420 22.50 12.04 11.95
N GLU A 421 23.52 12.24 12.79
CA GLU A 421 24.84 12.68 12.32
C GLU A 421 25.55 11.60 11.50
N ALA A 422 25.47 10.36 11.95
CA ALA A 422 26.13 9.25 11.29
C ALA A 422 25.51 8.98 9.92
N VAL A 423 24.18 9.06 9.86
CA VAL A 423 23.46 8.89 8.60
C VAL A 423 23.83 9.98 7.61
N SER A 424 23.94 11.23 8.08
CA SER A 424 24.37 12.35 7.24
C SER A 424 25.80 12.12 6.70
N PHE A 425 26.67 11.68 7.59
CA PHE A 425 28.05 11.33 7.26
C PHE A 425 28.10 10.28 6.15
N LEU A 426 27.32 9.22 6.29
CA LEU A 426 27.29 8.17 5.29
C LEU A 426 26.77 8.70 3.94
N ASN A 427 25.70 9.49 3.97
CA ASN A 427 25.12 9.98 2.73
C ASN A 427 26.07 10.95 2.03
N LYS A 428 26.87 11.68 2.78
CA LYS A 428 27.81 12.60 2.19
C LYS A 428 28.98 11.85 1.56
N GLN A 429 29.12 10.56 1.88
CA GLN A 429 30.09 9.72 1.19
C GLN A 429 29.46 8.83 0.12
N ARG A 430 28.22 9.15 -0.26
CA ARG A 430 27.48 8.44 -1.30
C ARG A 430 27.29 7.00 -0.91
N ILE A 431 27.04 6.78 0.37
CA ILE A 431 26.54 5.52 0.86
C ILE A 431 25.09 5.73 1.30
N ALA A 432 24.18 5.01 0.67
CA ALA A 432 22.75 5.24 0.85
C ALA A 432 22.31 4.86 2.25
N ALA A 433 22.12 5.88 3.09
CA ALA A 433 21.75 5.67 4.49
C ALA A 433 20.44 6.36 4.85
N TYR A 434 19.67 5.71 5.73
CA TYR A 434 18.32 6.13 6.06
C TYR A 434 18.06 5.92 7.55
N PRO A 435 17.16 6.73 8.14
CA PRO A 435 16.92 6.70 9.58
C PRO A 435 15.95 5.64 10.07
N THR A 436 15.50 4.74 9.20
CA THR A 436 14.70 3.60 9.63
C THR A 436 15.04 2.38 8.79
N PRO A 437 14.83 1.18 9.37
CA PRO A 437 15.12 -0.07 8.65
C PRO A 437 14.24 -0.27 7.43
N GLU A 438 12.98 0.18 7.49
CA GLU A 438 12.07 0.04 6.36
C GLU A 438 12.48 0.89 5.15
N ARG A 439 12.98 2.09 5.41
CA ARG A 439 13.42 2.95 4.31
C ARG A 439 14.72 2.40 3.69
N ALA A 440 15.59 1.83 4.51
CA ALA A 440 16.81 1.21 3.99
C ALA A 440 16.43 0.01 3.15
N SER A 441 15.41 -0.72 3.59
CA SER A 441 14.99 -1.91 2.86
C SER A 441 14.21 -1.54 1.60
N SER A 442 13.42 -0.48 1.65
CA SER A 442 12.71 -0.06 0.45
C SER A 442 13.68 0.45 -0.59
N ALA A 443 14.75 1.07 -0.14
CA ALA A 443 15.76 1.61 -1.05
C ALA A 443 16.49 0.47 -1.75
N MET A 444 16.88 -0.57 -1.00
CA MET A 444 17.46 -1.77 -1.59
C MET A 444 16.46 -2.44 -2.53
N SER A 445 15.18 -2.46 -2.15
CA SER A 445 14.14 -3.02 -3.01
C SER A 445 14.07 -2.30 -4.35
N ALA A 446 14.35 -0.99 -4.39
CA ALA A 446 14.32 -0.28 -5.68
C ALA A 446 15.40 -0.80 -6.62
N LEU A 447 16.54 -1.19 -6.07
CA LEU A 447 17.60 -1.75 -6.93
C LEU A 447 17.09 -3.02 -7.60
N TYR A 448 16.44 -3.88 -6.82
CA TYR A 448 15.90 -5.12 -7.37
C TYR A 448 14.72 -4.86 -8.30
N ALA A 449 13.88 -3.87 -7.96
CA ALA A 449 12.75 -3.50 -8.79
C ALA A 449 13.24 -3.01 -10.17
N TYR A 450 14.35 -2.29 -10.18
CA TYR A 450 14.88 -1.82 -11.45
C TYR A 450 15.43 -2.98 -12.27
N ALA A 451 16.14 -3.92 -11.62
CA ALA A 451 16.60 -5.14 -12.32
C ALA A 451 15.42 -5.89 -12.95
N ARG A 452 14.32 -5.99 -12.21
CA ARG A 452 13.15 -6.69 -12.70
C ARG A 452 12.45 -5.92 -13.82
N ALA A 453 12.44 -4.60 -13.71
CA ALA A 453 11.83 -3.77 -14.74
C ALA A 453 12.60 -3.92 -16.05
N ARG A 454 13.93 -3.92 -15.94
CA ARG A 454 14.81 -4.08 -17.09
C ARG A 454 14.59 -5.44 -17.74
N SER A 455 14.43 -6.47 -16.92
CA SER A 455 14.19 -7.82 -17.40
C SER A 455 12.85 -7.90 -18.17
N TYR A 456 11.84 -7.19 -17.70
CA TYR A 456 10.56 -7.11 -18.41
C TYR A 456 10.75 -6.58 -19.84
N VAL A 457 11.51 -5.49 -19.95
CA VAL A 457 11.71 -4.85 -21.25
C VAL A 457 12.53 -5.76 -22.16
N MET A 458 13.56 -6.39 -21.61
CA MET A 458 14.41 -7.31 -22.37
C MET A 458 13.58 -8.49 -22.88
N LYS A 459 12.74 -9.06 -22.02
CA LYS A 459 11.88 -10.15 -22.43
C LYS A 459 10.98 -9.68 -23.54
N SER A 460 10.47 -8.46 -23.39
CA SER A 460 9.60 -7.87 -24.38
C SER A 460 10.33 -7.67 -25.72
N LEU A 461 11.65 -7.43 -25.67
CA LEU A 461 12.45 -7.19 -26.88
C LEU A 461 13.14 -8.44 -27.43
N ALA A 462 12.91 -9.59 -26.79
CA ALA A 462 13.59 -10.83 -27.14
C ALA A 462 13.34 -11.24 -28.59
N VAL A 463 14.44 -11.45 -29.31
CA VAL A 463 14.37 -11.84 -30.72
C VAL A 463 13.76 -13.24 -30.89
N ARG A 464 12.80 -13.34 -31.80
CA ARG A 464 12.14 -14.60 -32.12
C ARG A 464 12.83 -15.36 -33.26
N SER B 2 -6.68 -7.60 -43.08
CA SER B 2 -7.49 -8.80 -43.35
C SER B 2 -8.97 -8.43 -43.50
N SER B 3 -9.47 -8.46 -44.74
CA SER B 3 -10.88 -8.10 -45.03
C SER B 3 -11.21 -6.73 -44.45
N ARG B 4 -10.34 -5.76 -44.75
CA ARG B 4 -10.60 -4.37 -44.40
C ARG B 4 -11.89 -3.90 -45.05
N ASP B 5 -12.31 -4.62 -46.10
CA ASP B 5 -13.50 -4.29 -46.86
C ASP B 5 -14.73 -4.13 -45.98
N LEU B 6 -14.87 -4.94 -44.92
CA LEU B 6 -16.00 -4.79 -44.02
C LEU B 6 -16.00 -3.43 -43.34
N LEU B 7 -14.83 -2.98 -42.88
CA LEU B 7 -14.71 -1.67 -42.26
C LEU B 7 -15.00 -0.55 -43.26
N LEU B 8 -14.45 -0.67 -44.46
CA LEU B 8 -14.69 0.33 -45.49
C LEU B 8 -16.18 0.39 -45.86
N LYS B 9 -16.83 -0.76 -45.99
CA LYS B 9 -18.26 -0.81 -46.33
C LYS B 9 -19.11 -0.17 -45.24
N ALA B 10 -18.78 -0.46 -43.98
CA ALA B 10 -19.51 0.14 -42.86
C ALA B 10 -19.41 1.66 -42.87
N LYS B 11 -18.21 2.18 -43.13
CA LYS B 11 -18.03 3.63 -43.20
C LYS B 11 -18.78 4.23 -44.36
N GLU B 12 -18.63 3.63 -45.53
CA GLU B 12 -19.31 4.05 -46.74
C GLU B 12 -20.82 4.14 -46.53
N ASN B 13 -21.35 3.26 -45.68
CA ASN B 13 -22.78 3.21 -45.42
C ASN B 13 -23.20 3.91 -44.12
N GLY B 14 -22.27 4.65 -43.53
CA GLY B 14 -22.58 5.46 -42.37
C GLY B 14 -22.98 4.67 -41.13
N ARG B 15 -22.45 3.46 -40.99
CA ARG B 15 -22.60 2.68 -39.77
C ARG B 15 -21.43 2.98 -38.84
N LYS B 16 -21.69 2.96 -37.53
CA LYS B 16 -20.65 3.24 -36.54
C LYS B 16 -20.24 2.00 -35.77
N SER B 17 -20.65 0.84 -36.28
CA SER B 17 -20.28 -0.43 -35.67
C SER B 17 -20.41 -1.59 -36.66
N LEU B 18 -19.61 -2.63 -36.42
CA LEU B 18 -19.81 -3.92 -37.05
C LEU B 18 -20.76 -4.73 -36.16
N LEU B 19 -21.67 -5.44 -36.80
CA LEU B 19 -22.60 -6.32 -36.09
C LEU B 19 -21.95 -7.65 -35.85
N GLU B 20 -22.56 -8.46 -34.97
CA GLU B 20 -21.93 -9.68 -34.49
C GLU B 20 -21.30 -10.53 -35.59
N HIS B 21 -22.03 -10.80 -36.67
CA HIS B 21 -21.47 -11.66 -37.73
C HIS B 21 -20.32 -11.00 -38.48
N GLU B 22 -20.44 -9.71 -38.76
CA GLU B 22 -19.33 -8.99 -39.40
C GLU B 22 -18.12 -8.91 -38.47
N ALA B 23 -18.35 -8.62 -37.19
CA ALA B 23 -17.26 -8.54 -36.22
C ALA B 23 -16.54 -9.87 -36.09
N LYS B 24 -17.32 -10.95 -35.99
CA LYS B 24 -16.73 -12.27 -35.90
C LYS B 24 -15.95 -12.62 -37.16
N TYR B 25 -16.52 -12.34 -38.33
CA TYR B 25 -15.77 -12.58 -39.58
C TYR B 25 -14.47 -11.79 -39.57
N PHE B 26 -14.56 -10.52 -39.18
CA PHE B 26 -13.39 -9.66 -39.18
C PHE B 26 -12.28 -10.19 -38.28
N ILE B 27 -12.58 -10.51 -37.02
CA ILE B 27 -11.51 -10.97 -36.13
C ILE B 27 -11.04 -12.38 -36.50
N SER B 28 -11.95 -13.16 -37.08
CA SER B 28 -11.58 -14.48 -37.56
C SER B 28 -10.48 -14.38 -38.63
N SER B 29 -10.54 -13.35 -39.46
CA SER B 29 -9.55 -13.18 -40.51
C SER B 29 -8.21 -12.79 -39.91
N TYR B 30 -8.21 -12.44 -38.62
CA TYR B 30 -6.97 -12.14 -37.92
C TYR B 30 -6.49 -13.35 -37.13
N GLY B 31 -7.23 -14.45 -37.17
CA GLY B 31 -6.79 -15.69 -36.54
C GLY B 31 -7.31 -15.88 -35.13
N ILE B 32 -8.34 -15.13 -34.78
CA ILE B 32 -9.02 -15.34 -33.50
C ILE B 32 -10.19 -16.31 -33.72
N PRO B 33 -10.21 -17.44 -32.99
CA PRO B 33 -11.29 -18.41 -33.24
C PRO B 33 -12.65 -17.88 -32.87
N VAL B 34 -13.61 -17.96 -33.78
CA VAL B 34 -14.98 -17.54 -33.51
C VAL B 34 -15.94 -18.69 -33.72
N THR B 35 -17.23 -18.47 -33.47
CA THR B 35 -18.24 -19.47 -33.78
C THR B 35 -18.51 -19.53 -35.28
N ASN B 36 -18.86 -20.71 -35.78
CA ASN B 36 -19.41 -20.81 -37.12
C ASN B 36 -20.73 -20.04 -37.13
N ILE B 37 -21.01 -19.29 -38.20
CA ILE B 37 -22.24 -18.50 -38.26
C ILE B 37 -22.95 -18.44 -39.62
N ARG B 38 -24.26 -18.26 -39.56
CA ARG B 38 -25.15 -18.11 -40.71
C ARG B 38 -26.21 -17.05 -40.46
N LEU B 39 -26.39 -16.12 -41.39
CA LEU B 39 -27.44 -15.11 -41.23
C LEU B 39 -28.73 -15.56 -41.92
N ALA B 40 -29.72 -15.93 -41.11
CA ALA B 40 -31.00 -16.41 -41.62
C ALA B 40 -32.00 -15.27 -41.78
N LYS B 41 -32.59 -15.18 -42.97
CA LYS B 41 -33.58 -14.15 -43.30
C LYS B 41 -34.99 -14.63 -43.02
N SER B 42 -35.14 -15.95 -42.95
CA SER B 42 -36.43 -16.59 -42.71
C SER B 42 -36.29 -17.70 -41.67
N GLU B 43 -37.43 -18.12 -41.13
CA GLU B 43 -37.45 -19.25 -40.23
C GLU B 43 -36.93 -20.51 -40.92
N GLU B 44 -37.18 -20.61 -42.22
CA GLU B 44 -36.76 -21.78 -42.99
C GLU B 44 -35.25 -21.81 -43.16
N GLU B 45 -34.66 -20.66 -43.47
CA GLU B 45 -33.21 -20.56 -43.56
C GLU B 45 -32.57 -20.87 -42.21
N ALA B 46 -33.21 -20.43 -41.13
CA ALA B 46 -32.71 -20.71 -39.78
C ALA B 46 -32.66 -22.22 -39.55
N VAL B 47 -33.73 -22.92 -39.87
CA VAL B 47 -33.73 -24.38 -39.75
C VAL B 47 -32.62 -25.03 -40.57
N ASN B 48 -32.52 -24.63 -41.84
CA ASN B 48 -31.55 -25.24 -42.75
C ASN B 48 -30.11 -24.94 -42.30
N PHE B 49 -29.86 -23.70 -41.92
CA PHE B 49 -28.56 -23.31 -41.41
C PHE B 49 -28.21 -24.07 -40.15
N SER B 50 -29.21 -24.32 -39.31
CA SER B 50 -28.97 -25.08 -38.08
C SER B 50 -28.47 -26.49 -38.39
N ARG B 51 -29.06 -27.14 -39.40
CA ARG B 51 -28.60 -28.48 -39.79
C ARG B 51 -27.18 -28.42 -40.33
N GLU B 52 -26.89 -27.37 -41.10
CA GLU B 52 -25.58 -27.21 -41.67
C GLU B 52 -24.53 -27.06 -40.55
N ILE B 53 -24.84 -26.23 -39.56
CA ILE B 53 -23.96 -25.99 -38.43
C ILE B 53 -23.82 -27.23 -37.54
N GLY B 54 -24.94 -27.93 -37.33
CA GLY B 54 -25.00 -29.07 -36.43
C GLY B 54 -25.58 -28.68 -35.09
N PHE B 55 -26.36 -29.57 -34.48
CA PHE B 55 -27.03 -29.30 -33.22
C PHE B 55 -26.14 -29.67 -32.02
N PRO B 56 -26.30 -28.96 -30.89
CA PRO B 56 -27.27 -27.89 -30.65
C PRO B 56 -26.77 -26.55 -31.20
N VAL B 57 -27.67 -25.60 -31.42
CA VAL B 57 -27.29 -24.30 -31.95
C VAL B 57 -27.73 -23.17 -31.04
N VAL B 58 -27.34 -21.97 -31.42
CA VAL B 58 -27.74 -20.75 -30.75
C VAL B 58 -28.30 -19.80 -31.80
N LEU B 59 -29.39 -19.12 -31.46
CA LEU B 59 -29.98 -18.08 -32.32
C LEU B 59 -29.94 -16.72 -31.63
N LYS B 60 -29.62 -15.69 -32.39
CA LYS B 60 -29.52 -14.33 -31.88
C LYS B 60 -30.10 -13.31 -32.87
N ILE B 61 -30.75 -12.29 -32.35
CA ILE B 61 -31.17 -11.16 -33.16
C ILE B 61 -29.96 -10.44 -33.77
N VAL B 62 -30.12 -9.95 -35.00
CA VAL B 62 -29.13 -9.08 -35.63
C VAL B 62 -29.83 -7.78 -36.01
N SER B 63 -29.45 -6.70 -35.33
CA SER B 63 -30.08 -5.41 -35.51
C SER B 63 -29.19 -4.29 -35.00
N PRO B 64 -29.05 -3.21 -35.79
CA PRO B 64 -28.30 -2.02 -35.33
C PRO B 64 -28.85 -1.42 -34.04
N GLN B 65 -30.17 -1.52 -33.82
CA GLN B 65 -30.79 -0.89 -32.65
C GLN B 65 -30.77 -1.79 -31.42
N VAL B 66 -30.15 -2.96 -31.55
CA VAL B 66 -30.05 -3.90 -30.44
C VAL B 66 -28.59 -4.21 -30.16
N VAL B 67 -28.00 -3.53 -29.18
CA VAL B 67 -26.63 -3.80 -28.80
C VAL B 67 -26.61 -4.85 -27.69
N HIS B 68 -27.52 -4.72 -26.73
CA HIS B 68 -27.63 -5.69 -25.63
C HIS B 68 -28.77 -6.66 -25.96
N LYS B 69 -28.40 -7.82 -26.49
CA LYS B 69 -29.37 -8.74 -27.06
C LYS B 69 -30.13 -9.54 -26.00
N SER B 70 -29.42 -10.00 -24.96
CA SER B 70 -30.07 -10.76 -23.89
C SER B 70 -31.14 -9.93 -23.17
N ASP B 71 -30.82 -8.66 -22.92
CA ASP B 71 -31.71 -7.80 -22.14
C ASP B 71 -33.09 -7.64 -22.78
N VAL B 72 -33.17 -7.84 -24.09
CA VAL B 72 -34.45 -7.70 -24.81
C VAL B 72 -34.97 -9.03 -25.33
N GLY B 73 -34.43 -10.13 -24.83
CA GLY B 73 -34.90 -11.46 -25.18
C GLY B 73 -34.51 -11.91 -26.59
N GLY B 74 -33.36 -11.43 -27.05
CA GLY B 74 -32.91 -11.71 -28.41
C GLY B 74 -31.87 -12.81 -28.52
N VAL B 75 -31.66 -13.60 -27.47
CA VAL B 75 -30.69 -14.69 -27.48
C VAL B 75 -31.27 -16.00 -26.94
N LYS B 76 -31.18 -17.06 -27.74
CA LYS B 76 -31.66 -18.39 -27.35
C LYS B 76 -30.56 -19.42 -27.56
N VAL B 77 -30.21 -20.13 -26.49
CA VAL B 77 -29.10 -21.07 -26.54
C VAL B 77 -29.58 -22.52 -26.45
N ASN B 78 -28.67 -23.44 -26.76
CA ASN B 78 -28.91 -24.87 -26.64
C ASN B 78 -30.20 -25.36 -27.31
N LEU B 79 -30.39 -24.93 -28.55
CA LEU B 79 -31.51 -25.40 -29.36
C LEU B 79 -31.12 -26.70 -30.06
N ARG B 80 -31.79 -27.78 -29.69
CA ARG B 80 -31.30 -29.13 -29.98
C ARG B 80 -32.01 -29.84 -31.13
N SER B 81 -33.05 -29.22 -31.67
CA SER B 81 -33.83 -29.82 -32.75
C SER B 81 -34.38 -28.77 -33.69
N GLU B 82 -34.92 -29.22 -34.82
CA GLU B 82 -35.61 -28.32 -35.76
C GLU B 82 -36.74 -27.58 -35.05
N GLU B 83 -37.57 -28.31 -34.32
CA GLU B 83 -38.72 -27.69 -33.67
C GLU B 83 -38.29 -26.65 -32.64
N GLU B 84 -37.20 -26.90 -31.92
CA GLU B 84 -36.74 -25.93 -30.93
C GLU B 84 -36.20 -24.68 -31.63
N VAL B 85 -35.56 -24.86 -32.78
CA VAL B 85 -35.08 -23.74 -33.57
C VAL B 85 -36.23 -22.86 -34.04
N ARG B 86 -37.29 -23.48 -34.56
CA ARG B 86 -38.47 -22.73 -35.01
C ARG B 86 -39.12 -21.96 -33.87
N LYS B 87 -39.27 -22.62 -32.73
CA LYS B 87 -39.84 -22.00 -31.54
C LYS B 87 -39.01 -20.78 -31.14
N ALA B 88 -37.69 -20.97 -31.04
CA ALA B 88 -36.79 -19.88 -30.65
C ALA B 88 -36.83 -18.72 -31.63
N TYR B 89 -36.84 -19.04 -32.91
CA TYR B 89 -36.88 -18.03 -33.96
C TYR B 89 -38.05 -17.07 -33.73
N ARG B 90 -39.24 -17.63 -33.61
CA ARG B 90 -40.42 -16.80 -33.46
C ARG B 90 -40.39 -16.03 -32.14
N GLU B 91 -39.89 -16.67 -31.10
CA GLU B 91 -39.81 -16.02 -29.77
C GLU B 91 -38.91 -14.79 -29.80
N ILE B 92 -37.78 -14.88 -30.49
CA ILE B 92 -36.85 -13.76 -30.58
C ILE B 92 -37.49 -12.61 -31.34
N ILE B 93 -38.04 -12.90 -32.51
CA ILE B 93 -38.66 -11.87 -33.34
C ILE B 93 -39.74 -11.13 -32.55
N GLU B 94 -40.60 -11.87 -31.84
CA GLU B 94 -41.65 -11.26 -31.05
C GLU B 94 -41.08 -10.44 -29.90
N ASN B 95 -40.02 -10.92 -29.28
CA ASN B 95 -39.39 -10.22 -28.16
C ASN B 95 -38.83 -8.88 -28.62
N VAL B 96 -38.18 -8.89 -29.79
CA VAL B 96 -37.56 -7.68 -30.29
C VAL B 96 -38.62 -6.68 -30.79
N LYS B 97 -39.61 -7.13 -31.56
CA LYS B 97 -40.68 -6.24 -31.99
C LYS B 97 -41.41 -5.59 -30.80
N ARG B 98 -41.53 -6.31 -29.69
CA ARG B 98 -42.21 -5.79 -28.51
C ARG B 98 -41.33 -4.83 -27.70
N ASN B 99 -40.05 -5.20 -27.52
CA ASN B 99 -39.16 -4.43 -26.66
C ASN B 99 -38.44 -3.29 -27.40
N VAL B 100 -38.24 -3.48 -28.69
CA VAL B 100 -37.58 -2.51 -29.56
C VAL B 100 -38.38 -2.40 -30.85
N PRO B 101 -39.56 -1.75 -30.78
CA PRO B 101 -40.48 -1.63 -31.91
C PRO B 101 -39.80 -1.12 -33.18
N ASN B 102 -38.97 -0.09 -33.03
CA ASN B 102 -38.39 0.57 -34.19
C ASN B 102 -37.04 -0.02 -34.55
N ALA B 103 -36.90 -1.34 -34.40
CA ALA B 103 -35.65 -2.04 -34.69
C ALA B 103 -35.62 -2.61 -36.10
N GLU B 104 -34.57 -2.26 -36.85
CA GLU B 104 -34.35 -2.84 -38.17
C GLU B 104 -33.82 -4.26 -38.07
N ILE B 105 -34.69 -5.23 -38.31
CA ILE B 105 -34.28 -6.62 -38.19
C ILE B 105 -33.51 -7.06 -39.44
N GLU B 106 -32.19 -7.12 -39.35
CA GLU B 106 -31.38 -7.58 -40.47
C GLU B 106 -31.49 -9.09 -40.64
N GLY B 107 -31.93 -9.78 -39.59
CA GLY B 107 -32.09 -11.22 -39.62
C GLY B 107 -31.79 -11.87 -38.28
N ILE B 108 -31.61 -13.20 -38.32
CA ILE B 108 -31.33 -13.99 -37.12
C ILE B 108 -30.04 -14.77 -37.36
N LEU B 109 -29.07 -14.59 -36.48
CA LEU B 109 -27.80 -15.26 -36.61
C LEU B 109 -27.86 -16.65 -35.97
N VAL B 110 -27.45 -17.66 -36.73
CA VAL B 110 -27.41 -19.04 -36.29
C VAL B 110 -25.95 -19.39 -36.09
N GLN B 111 -25.62 -19.99 -34.94
CA GLN B 111 -24.24 -20.30 -34.64
C GLN B 111 -24.15 -21.54 -33.78
N GLU B 112 -22.99 -22.19 -33.82
CA GLU B 112 -22.76 -23.37 -33.01
C GLU B 112 -22.94 -23.03 -31.54
N PHE B 113 -23.32 -24.03 -30.76
CA PHE B 113 -23.44 -23.89 -29.32
C PHE B 113 -22.12 -24.24 -28.66
N ALA B 114 -21.47 -23.25 -28.07
CA ALA B 114 -20.22 -23.49 -27.38
C ALA B 114 -20.52 -24.09 -26.00
N PRO B 115 -19.89 -25.23 -25.67
CA PRO B 115 -20.18 -25.82 -24.35
C PRO B 115 -19.54 -24.99 -23.21
N PRO B 116 -20.05 -25.12 -21.98
CA PRO B 116 -19.49 -24.38 -20.85
C PRO B 116 -17.97 -24.56 -20.66
N GLY B 117 -17.32 -23.47 -20.30
CA GLY B 117 -15.89 -23.48 -19.98
C GLY B 117 -15.62 -22.31 -19.05
N VAL B 118 -14.43 -21.72 -19.14
CA VAL B 118 -14.13 -20.54 -18.36
C VAL B 118 -14.29 -19.30 -19.23
N GLU B 119 -15.19 -18.41 -18.83
CA GLU B 119 -15.48 -17.22 -19.63
C GLU B 119 -14.43 -16.11 -19.39
N LEU B 120 -14.02 -15.47 -20.49
CA LEU B 120 -13.10 -14.34 -20.46
C LEU B 120 -13.66 -13.16 -21.22
N ILE B 121 -13.06 -12.00 -20.97
CA ILE B 121 -13.32 -10.81 -21.74
C ILE B 121 -12.00 -10.33 -22.32
N ILE B 122 -12.04 -10.02 -23.62
CA ILE B 122 -10.91 -9.41 -24.32
C ILE B 122 -11.40 -8.14 -24.98
N GLY B 123 -10.73 -7.04 -24.69
CA GLY B 123 -11.16 -5.75 -25.16
C GLY B 123 -10.05 -4.99 -25.88
N LEU B 124 -10.48 -3.99 -26.61
CA LEU B 124 -9.62 -3.06 -27.28
C LEU B 124 -10.22 -1.68 -27.14
N LEU B 125 -9.38 -0.73 -26.78
CA LEU B 125 -9.81 0.66 -26.75
C LEU B 125 -8.70 1.54 -27.29
N ARG B 126 -9.04 2.78 -27.58
CA ARG B 126 -8.06 3.72 -28.09
C ARG B 126 -7.85 4.79 -27.03
N ASP B 127 -6.68 4.75 -26.40
CA ASP B 127 -6.36 5.72 -25.37
C ASP B 127 -5.79 6.98 -26.02
N PRO B 128 -6.23 8.18 -25.57
CA PRO B 128 -5.74 9.43 -26.16
C PRO B 128 -4.22 9.54 -26.15
N GLN B 129 -3.58 9.10 -25.07
CA GLN B 129 -2.12 9.18 -24.99
C GLN B 129 -1.42 8.02 -25.68
N PHE B 130 -1.85 6.80 -25.38
CA PHE B 130 -1.05 5.62 -25.70
C PHE B 130 -1.56 4.84 -26.90
N GLY B 131 -2.69 5.26 -27.46
CA GLY B 131 -3.26 4.64 -28.65
C GLY B 131 -3.92 3.30 -28.35
N PRO B 132 -3.96 2.39 -29.36
CA PRO B 132 -4.61 1.10 -29.14
C PRO B 132 -4.07 0.35 -27.93
N THR B 133 -4.98 -0.07 -27.06
CA THR B 133 -4.64 -0.73 -25.81
C THR B 133 -5.52 -1.96 -25.65
N VAL B 134 -4.91 -3.08 -25.30
CA VAL B 134 -5.63 -4.33 -25.13
C VAL B 134 -6.02 -4.50 -23.66
N MET B 135 -7.25 -4.96 -23.43
CA MET B 135 -7.78 -5.21 -22.08
C MET B 135 -8.10 -6.70 -21.91
N PHE B 136 -7.80 -7.23 -20.72
CA PHE B 136 -8.11 -8.61 -20.37
C PHE B 136 -8.72 -8.75 -18.98
N GLY B 137 -9.65 -9.69 -18.85
CA GLY B 137 -10.23 -10.01 -17.56
C GLY B 137 -11.05 -11.28 -17.62
N LEU B 138 -11.34 -11.84 -16.46
CA LEU B 138 -12.27 -12.96 -16.39
C LEU B 138 -13.69 -12.45 -16.61
N GLY B 139 -14.54 -13.32 -17.12
CA GLY B 139 -15.88 -12.95 -17.52
C GLY B 139 -16.81 -12.64 -16.38
N GLY B 140 -18.00 -12.16 -16.74
CA GLY B 140 -19.07 -11.92 -15.80
C GLY B 140 -18.71 -10.88 -14.76
N VAL B 141 -19.03 -11.22 -13.51
CA VAL B 141 -18.88 -10.28 -12.41
C VAL B 141 -17.45 -9.78 -12.26
N PHE B 142 -16.47 -10.58 -12.69
CA PHE B 142 -15.08 -10.24 -12.40
C PHE B 142 -14.64 -8.95 -13.08
N VAL B 143 -15.03 -8.73 -14.34
CA VAL B 143 -14.81 -7.43 -14.99
C VAL B 143 -15.98 -6.47 -14.74
N GLU B 144 -17.20 -6.97 -14.88
CA GLU B 144 -18.37 -6.08 -14.88
C GLU B 144 -18.70 -5.51 -13.50
N LEU B 145 -18.39 -6.25 -12.44
CA LEU B 145 -18.71 -5.82 -11.08
C LEU B 145 -17.48 -5.43 -10.30
N PHE B 146 -16.47 -6.31 -10.32
CA PHE B 146 -15.24 -6.07 -9.58
C PHE B 146 -14.19 -5.26 -10.34
N ARG B 147 -14.40 -5.09 -11.65
CA ARG B 147 -13.50 -4.29 -12.47
C ARG B 147 -12.05 -4.83 -12.39
N ASP B 148 -11.91 -6.14 -12.33
CA ASP B 148 -10.60 -6.77 -12.29
C ASP B 148 -10.08 -6.91 -13.73
N VAL B 149 -9.37 -5.91 -14.22
CA VAL B 149 -8.88 -5.92 -15.60
C VAL B 149 -7.40 -5.60 -15.65
N SER B 150 -6.72 -6.09 -16.68
CA SER B 150 -5.35 -5.69 -16.97
C SER B 150 -5.29 -5.03 -18.35
N PHE B 151 -4.29 -4.17 -18.57
CA PHE B 151 -4.12 -3.44 -19.81
C PHE B 151 -2.66 -3.53 -20.31
N ARG B 152 -2.51 -3.61 -21.62
CA ARG B 152 -1.19 -3.47 -22.22
C ARG B 152 -1.36 -2.69 -23.50
N VAL B 153 -0.50 -1.70 -23.70
CA VAL B 153 -0.50 -0.87 -24.88
C VAL B 153 0.05 -1.69 -26.05
N ALA B 154 -0.67 -1.65 -27.17
CA ALA B 154 -0.34 -2.45 -28.34
C ALA B 154 0.73 -1.77 -29.19
N PRO B 155 1.49 -2.54 -29.98
CA PRO B 155 1.41 -4.00 -30.12
C PRO B 155 1.94 -4.73 -28.90
N LEU B 156 1.38 -5.90 -28.61
CA LEU B 156 1.81 -6.72 -27.49
C LEU B 156 2.91 -7.69 -27.88
N SER B 157 3.94 -7.75 -27.05
CA SER B 157 4.91 -8.83 -27.10
C SER B 157 4.31 -10.04 -26.39
N GLU B 158 4.99 -11.19 -26.50
CA GLU B 158 4.57 -12.38 -25.75
C GLU B 158 4.66 -12.12 -24.25
N GLN B 159 5.69 -11.37 -23.86
CA GLN B 159 5.88 -10.99 -22.47
C GLN B 159 4.70 -10.16 -21.95
N ASP B 160 4.21 -9.24 -22.76
CA ASP B 160 3.06 -8.42 -22.39
C ASP B 160 1.81 -9.27 -22.19
N ALA B 161 1.55 -10.14 -23.16
CA ALA B 161 0.35 -10.97 -23.14
C ALA B 161 0.36 -11.90 -21.93
N GLU B 162 1.47 -12.59 -21.72
CA GLU B 162 1.55 -13.55 -20.62
C GLU B 162 1.41 -12.87 -19.26
N SER B 163 2.13 -11.76 -19.06
CA SER B 163 2.13 -11.08 -17.77
C SER B 163 0.76 -10.43 -17.49
N MET B 164 0.09 -9.92 -18.52
CA MET B 164 -1.20 -9.27 -18.28
C MET B 164 -2.27 -10.30 -17.88
N ILE B 165 -2.13 -11.53 -18.34
CA ILE B 165 -3.00 -12.61 -17.88
C ILE B 165 -2.74 -12.95 -16.41
N LYS B 166 -1.47 -13.17 -16.08
CA LYS B 166 -1.08 -13.56 -14.74
C LYS B 166 -1.37 -12.45 -13.73
N GLU B 167 -1.54 -11.24 -14.24
CA GLU B 167 -1.68 -10.05 -13.40
C GLU B 167 -3.04 -9.93 -12.72
N VAL B 168 -4.10 -10.40 -13.35
CA VAL B 168 -5.44 -10.13 -12.82
C VAL B 168 -5.73 -10.98 -11.59
N LYS B 169 -6.53 -10.43 -10.68
CA LYS B 169 -6.78 -11.06 -9.40
C LYS B 169 -7.51 -12.40 -9.52
N ALA B 170 -8.32 -12.58 -10.56
CA ALA B 170 -9.06 -13.83 -10.76
C ALA B 170 -8.28 -14.84 -11.63
N TYR B 171 -6.97 -14.64 -11.74
CA TYR B 171 -6.12 -15.45 -12.62
C TYR B 171 -6.26 -16.94 -12.36
N LYS B 172 -6.42 -17.30 -11.08
CA LYS B 172 -6.46 -18.71 -10.67
C LYS B 172 -7.64 -19.48 -11.26
N LEU B 173 -8.64 -18.78 -11.78
CA LEU B 173 -9.71 -19.46 -12.49
C LEU B 173 -9.22 -20.09 -13.79
N LEU B 174 -7.99 -19.78 -14.19
CA LEU B 174 -7.44 -20.27 -15.46
C LEU B 174 -6.48 -21.44 -15.28
N THR B 175 -6.17 -21.76 -14.03
CA THR B 175 -5.09 -22.70 -13.73
C THR B 175 -5.59 -23.89 -12.89
N GLY B 176 -6.89 -24.16 -12.96
CA GLY B 176 -7.46 -25.32 -12.32
C GLY B 176 -8.11 -25.06 -10.98
N PHE B 177 -9.41 -25.36 -10.90
CA PHE B 177 -10.11 -25.31 -9.62
C PHE B 177 -11.17 -26.39 -9.59
N ARG B 178 -11.91 -26.43 -8.48
CA ARG B 178 -12.89 -27.48 -8.23
C ARG B 178 -13.84 -27.64 -9.42
N GLY B 179 -13.76 -28.79 -10.09
CA GLY B 179 -14.64 -29.11 -11.22
C GLY B 179 -14.26 -28.46 -12.54
N MET B 180 -12.99 -28.05 -12.67
CA MET B 180 -12.55 -27.35 -13.87
C MET B 180 -11.04 -27.49 -14.08
N GLU B 181 -10.67 -28.00 -15.25
CA GLU B 181 -9.26 -28.15 -15.63
C GLU B 181 -8.65 -26.79 -16.00
N PRO B 182 -7.32 -26.69 -15.93
CA PRO B 182 -6.64 -25.50 -16.45
C PRO B 182 -6.98 -25.28 -17.91
N VAL B 183 -7.12 -24.04 -18.32
CA VAL B 183 -7.45 -23.73 -19.69
C VAL B 183 -6.19 -23.36 -20.47
N ASP B 184 -6.35 -23.24 -21.78
CA ASP B 184 -5.25 -23.05 -22.69
C ASP B 184 -4.75 -21.58 -22.70
N ILE B 185 -3.80 -21.28 -21.82
CA ILE B 185 -3.25 -19.92 -21.72
C ILE B 185 -2.54 -19.48 -23.01
N GLU B 186 -1.93 -20.41 -23.73
CA GLU B 186 -1.26 -20.05 -24.98
C GLU B 186 -2.27 -19.51 -26.00
N ALA B 187 -3.43 -20.13 -26.08
CA ALA B 187 -4.47 -19.64 -26.98
C ALA B 187 -4.95 -18.25 -26.54
N ILE B 188 -5.01 -18.01 -25.24
CA ILE B 188 -5.43 -16.69 -24.75
C ILE B 188 -4.39 -15.64 -25.14
N LYS B 189 -3.12 -15.94 -24.91
CA LYS B 189 -2.04 -15.02 -25.25
C LYS B 189 -2.07 -14.66 -26.73
N ASP B 190 -2.24 -15.69 -27.56
CA ASP B 190 -2.30 -15.53 -28.99
C ASP B 190 -3.46 -14.61 -29.38
N ALA B 191 -4.61 -14.81 -28.74
CA ALA B 191 -5.76 -13.94 -29.01
C ALA B 191 -5.49 -12.48 -28.58
N LEU B 192 -4.85 -12.30 -27.43
CA LEU B 192 -4.56 -10.95 -26.95
C LEU B 192 -3.59 -10.20 -27.90
N ILE B 193 -2.57 -10.91 -28.37
CA ILE B 193 -1.64 -10.31 -29.32
C ILE B 193 -2.37 -9.90 -30.59
N ARG B 194 -3.20 -10.81 -31.11
CA ARG B 194 -3.92 -10.52 -32.34
C ARG B 194 -4.89 -9.35 -32.14
N ALA B 195 -5.49 -9.27 -30.96
CA ALA B 195 -6.38 -8.15 -30.65
C ALA B 195 -5.58 -6.84 -30.75
N GLY B 196 -4.36 -6.85 -30.25
CA GLY B 196 -3.48 -5.69 -30.35
C GLY B 196 -3.17 -5.31 -31.80
N ARG B 197 -2.94 -6.31 -32.65
CA ARG B 197 -2.67 -6.09 -34.07
C ARG B 197 -3.87 -5.47 -34.77
N ILE B 198 -5.06 -5.99 -34.46
CA ILE B 198 -6.30 -5.41 -34.99
C ILE B 198 -6.38 -3.91 -34.70
N GLY B 199 -6.03 -3.52 -33.47
CA GLY B 199 -6.07 -2.12 -33.10
C GLY B 199 -5.00 -1.29 -33.79
N VAL B 200 -3.77 -1.82 -33.85
CA VAL B 200 -2.65 -1.10 -34.46
C VAL B 200 -2.93 -0.83 -35.93
N GLU B 201 -3.45 -1.85 -36.61
CA GLU B 201 -3.57 -1.84 -38.05
C GLU B 201 -4.84 -1.16 -38.55
N ASN B 202 -5.89 -1.14 -37.74
CA ASN B 202 -7.19 -0.58 -38.14
C ASN B 202 -7.56 0.67 -37.33
N GLU B 203 -7.10 1.81 -37.83
CA GLU B 203 -7.22 3.08 -37.13
C GLU B 203 -8.66 3.53 -36.94
N GLU B 204 -9.56 3.04 -37.79
CA GLU B 204 -10.96 3.45 -37.71
C GLU B 204 -11.73 2.67 -36.61
N ILE B 205 -11.07 1.71 -35.97
CA ILE B 205 -11.68 0.99 -34.85
C ILE B 205 -11.46 1.72 -33.54
N ALA B 206 -12.54 2.16 -32.91
CA ALA B 206 -12.48 2.89 -31.65
C ALA B 206 -12.44 1.93 -30.47
N GLU B 207 -13.25 0.88 -30.57
CA GLU B 207 -13.37 -0.12 -29.52
C GLU B 207 -13.66 -1.49 -30.08
N MET B 208 -13.20 -2.51 -29.39
CA MET B 208 -13.62 -3.88 -29.65
C MET B 208 -13.92 -4.55 -28.32
N ASP B 209 -14.99 -5.32 -28.29
CA ASP B 209 -15.41 -6.01 -27.08
C ASP B 209 -15.73 -7.45 -27.42
N LEU B 210 -14.92 -8.36 -26.90
CA LEU B 210 -15.14 -9.79 -27.03
C LEU B 210 -15.60 -10.31 -25.68
N ASN B 211 -16.91 -10.39 -25.51
CA ASN B 211 -17.51 -10.71 -24.21
C ASN B 211 -18.76 -11.55 -24.37
N PRO B 212 -18.66 -12.87 -24.11
CA PRO B 212 -17.51 -13.63 -23.61
C PRO B 212 -16.76 -14.42 -24.66
N VAL B 213 -15.54 -14.73 -24.27
CA VAL B 213 -14.67 -15.68 -24.93
C VAL B 213 -14.62 -16.89 -24.02
N ILE B 214 -14.99 -18.06 -24.53
CA ILE B 214 -14.98 -19.26 -23.70
C ILE B 214 -13.63 -20.00 -23.86
N ALA B 215 -12.99 -20.25 -22.73
CA ALA B 215 -11.67 -20.89 -22.72
C ALA B 215 -11.79 -22.34 -22.29
N TYR B 216 -11.07 -23.20 -22.99
CA TYR B 216 -11.09 -24.64 -22.76
C TYR B 216 -9.69 -25.17 -22.52
N PRO B 217 -9.57 -26.42 -22.01
CA PRO B 217 -8.25 -27.04 -21.87
C PRO B 217 -7.44 -26.95 -23.15
N LYS B 218 -8.12 -27.00 -24.30
CA LYS B 218 -7.50 -26.79 -25.60
C LYS B 218 -8.24 -25.70 -26.36
N GLY B 219 -7.59 -24.57 -26.55
CA GLY B 219 -8.14 -23.48 -27.35
C GLY B 219 -9.25 -22.68 -26.68
N ILE B 220 -9.63 -21.62 -27.37
CA ILE B 220 -10.68 -20.71 -26.93
C ILE B 220 -11.66 -20.50 -28.07
N LYS B 221 -12.80 -19.88 -27.77
CA LYS B 221 -13.79 -19.57 -28.79
C LYS B 221 -14.57 -18.30 -28.49
N VAL B 222 -14.47 -17.32 -29.37
CA VAL B 222 -15.20 -16.09 -29.19
C VAL B 222 -16.66 -16.29 -29.52
N VAL B 223 -17.51 -16.01 -28.54
CA VAL B 223 -18.92 -16.32 -28.64
C VAL B 223 -19.78 -15.06 -28.90
N ASP B 224 -19.26 -13.89 -28.55
CA ASP B 224 -19.90 -12.62 -28.90
C ASP B 224 -18.83 -11.60 -29.26
N ALA B 225 -19.16 -10.68 -30.14
CA ALA B 225 -18.17 -9.72 -30.63
C ALA B 225 -18.86 -8.45 -31.06
N ARG B 226 -18.28 -7.34 -30.64
CA ARG B 226 -18.73 -6.02 -31.02
C ARG B 226 -17.54 -5.18 -31.42
N ILE B 227 -17.63 -4.53 -32.56
CA ILE B 227 -16.61 -3.57 -32.97
C ILE B 227 -17.26 -2.23 -33.24
N ILE B 228 -16.75 -1.20 -32.57
CA ILE B 228 -17.25 0.16 -32.71
C ILE B 228 -16.24 0.98 -33.53
N LEU B 229 -16.76 1.67 -34.53
CA LEU B 229 -15.95 2.48 -35.44
C LEU B 229 -15.98 3.93 -34.98
N ARG B 230 -15.05 4.73 -35.51
CA ARG B 230 -15.07 6.18 -35.28
C ARG B 230 -15.02 6.94 -36.60
N ASN C 2 -4.74 -6.50 39.30
CA ASN C 2 -3.47 -5.91 39.69
C ASN C 2 -3.46 -4.38 39.64
N ASP C 3 -2.45 -3.79 40.25
CA ASP C 3 -2.29 -2.34 40.30
C ASP C 3 -0.82 -2.00 40.07
N LEU C 4 -0.53 -1.18 39.06
CA LEU C 4 0.84 -0.85 38.68
C LEU C 4 1.29 0.52 39.20
N GLU C 5 0.51 1.11 40.10
CA GLU C 5 0.83 2.41 40.68
C GLU C 5 2.23 2.44 41.27
N ARG C 6 2.61 1.39 41.98
CA ARG C 6 3.90 1.38 42.66
C ARG C 6 5.02 0.82 41.77
N LEU C 7 4.67 0.43 40.54
CA LEU C 7 5.69 0.17 39.53
C LEU C 7 6.14 1.48 38.92
N PHE C 8 5.19 2.31 38.53
CA PHE C 8 5.49 3.56 37.84
C PHE C 8 5.82 4.71 38.79
N ASN C 9 5.29 4.65 40.01
CA ASN C 9 5.54 5.68 41.04
C ASN C 9 6.03 5.04 42.33
N PRO C 10 7.19 4.35 42.27
CA PRO C 10 7.70 3.70 43.47
C PRO C 10 8.32 4.70 44.44
N SER C 11 8.24 4.40 45.73
CA SER C 11 8.90 5.20 46.76
C SER C 11 10.32 4.69 46.97
N ALA C 12 10.56 3.41 46.65
CA ALA C 12 11.88 2.80 46.81
C ALA C 12 12.18 1.79 45.71
N ILE C 13 13.34 1.95 45.08
CA ILE C 13 13.77 1.06 44.00
C ILE C 13 15.17 0.51 44.28
N ALA C 14 15.31 -0.79 44.08
CA ALA C 14 16.61 -1.45 44.21
C ALA C 14 17.17 -1.79 42.84
N VAL C 15 18.49 -1.69 42.71
CA VAL C 15 19.19 -2.12 41.51
C VAL C 15 20.15 -3.25 41.86
N VAL C 16 19.77 -4.46 41.48
CA VAL C 16 20.57 -5.64 41.76
C VAL C 16 21.50 -5.94 40.60
N GLY C 17 22.81 -5.88 40.85
CA GLY C 17 23.78 -6.14 39.81
C GLY C 17 24.59 -4.92 39.42
N ALA C 18 24.37 -3.82 40.11
CA ALA C 18 25.25 -2.67 39.98
C ALA C 18 26.63 -3.07 40.49
N SER C 19 27.68 -2.38 40.03
CA SER C 19 29.04 -2.77 40.35
C SER C 19 29.95 -1.55 40.40
N LYS C 20 31.11 -1.72 41.02
CA LYS C 20 32.15 -0.68 40.99
C LYS C 20 32.59 -0.46 39.55
N ASP C 21 32.46 -1.49 38.72
CA ASP C 21 32.76 -1.37 37.30
C ASP C 21 31.62 -0.60 36.64
N PRO C 22 31.90 0.63 36.14
CA PRO C 22 30.79 1.43 35.61
C PRO C 22 30.32 0.98 34.23
N SER C 23 31.02 0.06 33.59
CA SER C 23 30.63 -0.35 32.25
C SER C 23 29.49 -1.35 32.31
N LYS C 24 29.28 -1.98 33.45
CA LYS C 24 28.25 -3.02 33.55
C LYS C 24 26.85 -2.45 33.52
N ILE C 25 25.90 -3.26 33.03
CA ILE C 25 24.56 -2.79 32.77
C ILE C 25 23.82 -2.38 34.06
N GLY C 26 24.00 -3.13 35.14
CA GLY C 26 23.43 -2.72 36.42
C GLY C 26 23.89 -1.32 36.79
N SER C 27 25.16 -1.02 36.53
CA SER C 27 25.74 0.28 36.86
C SER C 27 25.18 1.37 35.95
N GLN C 28 24.98 1.05 34.67
CA GLN C 28 24.40 2.02 33.75
C GLN C 28 22.99 2.43 34.16
N ILE C 29 22.22 1.46 34.64
CA ILE C 29 20.85 1.71 35.10
C ILE C 29 20.87 2.61 36.34
N LEU C 30 21.76 2.30 37.28
CA LEU C 30 21.88 3.10 38.50
C LEU C 30 22.24 4.54 38.15
N ARG C 31 23.12 4.71 37.18
CA ARG C 31 23.53 6.03 36.72
C ARG C 31 22.34 6.80 36.14
N ASN C 32 21.59 6.15 35.25
CA ASN C 32 20.43 6.79 34.63
C ASN C 32 19.38 7.19 35.66
N LEU C 33 19.15 6.30 36.62
CA LEU C 33 18.20 6.53 37.70
C LEU C 33 18.57 7.80 38.45
N LEU C 34 19.85 7.96 38.77
CA LEU C 34 20.26 9.14 39.49
C LEU C 34 20.26 10.41 38.64
N SER C 35 20.83 10.35 37.43
CA SER C 35 20.95 11.54 36.58
C SER C 35 19.60 12.09 36.16
N TYR C 36 18.62 11.21 35.95
CA TYR C 36 17.31 11.67 35.46
C TYR C 36 16.50 12.29 36.60
N GLY C 37 16.94 12.09 37.85
CA GLY C 37 16.44 12.86 38.98
C GLY C 37 15.40 12.17 39.85
N PHE C 38 15.52 10.86 40.01
CA PHE C 38 14.58 10.14 40.87
C PHE C 38 14.68 10.63 42.31
N LYS C 39 13.53 10.86 42.93
CA LYS C 39 13.45 11.48 44.26
C LYS C 39 13.22 10.48 45.39
N GLY C 40 12.79 9.27 45.05
CA GLY C 40 12.58 8.24 46.06
C GLY C 40 13.91 7.70 46.54
N LYS C 41 13.89 6.57 47.23
CA LYS C 41 15.11 5.96 47.74
C LYS C 41 15.63 4.95 46.74
N VAL C 42 16.95 4.93 46.57
CA VAL C 42 17.63 4.05 45.63
C VAL C 42 18.61 3.15 46.38
N TYR C 43 18.49 1.84 46.19
CA TYR C 43 19.33 0.89 46.92
C TYR C 43 20.14 0.00 45.98
N PRO C 44 21.41 0.39 45.76
CA PRO C 44 22.28 -0.53 45.02
C PRO C 44 22.42 -1.86 45.78
N ILE C 45 22.39 -2.97 45.05
CA ILE C 45 22.58 -4.28 45.64
C ILE C 45 23.74 -4.99 44.95
N ASN C 46 24.79 -5.28 45.72
CA ASN C 46 26.01 -5.90 45.21
C ASN C 46 26.61 -6.76 46.34
N PRO C 47 27.33 -7.83 45.99
CA PRO C 47 27.77 -8.71 47.10
C PRO C 47 28.84 -8.11 48.05
N THR C 48 29.63 -7.12 47.60
CA THR C 48 30.75 -6.63 48.40
C THR C 48 30.83 -5.10 48.54
N ALA C 49 30.31 -4.37 47.56
CA ALA C 49 30.46 -2.92 47.57
C ALA C 49 29.91 -2.30 48.86
N ASP C 50 30.71 -1.45 49.48
CA ASP C 50 30.27 -0.70 50.66
C ASP C 50 29.23 0.35 50.24
N GLU C 51 29.52 0.99 49.12
CA GLU C 51 28.63 1.99 48.53
C GLU C 51 28.80 2.01 47.00
N LEU C 52 27.77 2.47 46.30
CA LEU C 52 27.85 2.66 44.85
C LEU C 52 27.19 3.97 44.48
N MET C 53 27.87 4.77 43.68
CA MET C 53 27.38 6.09 43.30
C MET C 53 26.99 6.89 44.53
N GLY C 54 27.81 6.77 45.58
CA GLY C 54 27.63 7.56 46.78
C GLY C 54 26.46 7.12 47.64
N LEU C 55 25.95 5.91 47.38
CA LEU C 55 24.80 5.40 48.11
C LEU C 55 25.14 4.11 48.84
N LYS C 56 24.63 3.98 50.05
CA LYS C 56 24.89 2.77 50.81
C LYS C 56 24.40 1.57 50.03
N CYS C 57 25.28 0.60 49.83
CA CYS C 57 24.95 -0.62 49.12
C CYS C 57 24.70 -1.76 50.10
N TYR C 58 23.77 -2.64 49.74
CA TYR C 58 23.46 -3.82 50.54
C TYR C 58 23.71 -5.11 49.78
N PRO C 59 24.01 -6.20 50.48
CA PRO C 59 24.26 -7.49 49.79
C PRO C 59 22.98 -8.17 49.31
N LYS C 60 21.86 -7.87 49.96
CA LYS C 60 20.57 -8.43 49.58
C LYS C 60 19.48 -7.42 49.78
N VAL C 61 18.43 -7.52 48.98
CA VAL C 61 17.31 -6.60 49.10
C VAL C 61 16.67 -6.79 50.48
N SER C 62 16.67 -8.02 51.00
CA SER C 62 16.02 -8.30 52.28
C SER C 62 16.78 -7.65 53.45
N ASP C 63 18.01 -7.21 53.19
CA ASP C 63 18.81 -6.51 54.20
C ASP C 63 18.50 -5.01 54.21
N VAL C 64 17.81 -4.53 53.18
CA VAL C 64 17.47 -3.12 53.13
C VAL C 64 16.44 -2.80 54.24
N PRO C 65 16.75 -1.80 55.10
CA PRO C 65 15.83 -1.40 56.18
C PRO C 65 14.74 -0.48 55.66
N ASP C 66 13.99 -0.97 54.70
CA ASP C 66 12.98 -0.17 54.02
C ASP C 66 12.12 -1.14 53.22
N LYS C 67 10.94 -0.70 52.79
CA LYS C 67 10.14 -1.53 51.92
C LYS C 67 10.43 -1.13 50.47
N VAL C 68 10.99 -2.07 49.72
CA VAL C 68 11.34 -1.83 48.32
C VAL C 68 10.17 -2.21 47.42
N ASP C 69 9.72 -1.26 46.62
CA ASP C 69 8.62 -1.51 45.71
C ASP C 69 9.05 -2.29 44.48
N VAL C 70 10.15 -1.84 43.89
CA VAL C 70 10.64 -2.36 42.61
C VAL C 70 12.09 -2.77 42.73
N ALA C 71 12.39 -3.98 42.27
CA ALA C 71 13.78 -4.44 42.15
C ALA C 71 14.13 -4.65 40.67
N VAL C 72 15.06 -3.85 40.18
CA VAL C 72 15.61 -4.01 38.84
C VAL C 72 16.76 -5.01 38.89
N ILE C 73 16.59 -6.17 38.25
CA ILE C 73 17.53 -7.28 38.41
C ILE C 73 18.39 -7.47 37.16
N SER C 74 19.67 -7.21 37.37
CA SER C 74 20.69 -7.28 36.33
C SER C 74 21.84 -8.19 36.77
N VAL C 75 21.52 -9.46 37.00
CA VAL C 75 22.50 -10.50 37.28
C VAL C 75 22.32 -11.62 36.26
N PRO C 76 23.34 -12.48 36.08
CA PRO C 76 23.19 -13.57 35.11
C PRO C 76 22.02 -14.50 35.46
N SER C 77 21.49 -15.18 34.43
CA SER C 77 20.28 -15.98 34.58
C SER C 77 20.40 -17.04 35.68
N ASP C 78 21.60 -17.58 35.85
CA ASP C 78 21.82 -18.62 36.85
C ASP C 78 21.79 -18.06 38.28
N LYS C 79 21.69 -16.73 38.40
CA LYS C 79 21.62 -16.05 39.69
C LYS C 79 20.24 -15.42 39.94
N VAL C 80 19.37 -15.45 38.93
CA VAL C 80 18.11 -14.71 39.04
C VAL C 80 17.15 -15.31 40.08
N LEU C 81 16.96 -16.63 40.06
CA LEU C 81 15.99 -17.27 40.95
C LEU C 81 16.32 -17.01 42.42
N GLY C 82 17.60 -16.97 42.76
CA GLY C 82 18.00 -16.64 44.12
C GLY C 82 17.55 -15.24 44.52
N VAL C 83 17.80 -14.29 43.62
CA VAL C 83 17.41 -12.91 43.86
C VAL C 83 15.89 -12.80 43.96
N ILE C 84 15.18 -13.57 43.14
CA ILE C 84 13.72 -13.57 43.17
C ILE C 84 13.24 -14.00 44.54
N ASP C 85 13.86 -15.05 45.09
CA ASP C 85 13.50 -15.54 46.41
C ASP C 85 13.76 -14.49 47.49
N ASP C 86 14.92 -13.83 47.44
CA ASP C 86 15.22 -12.80 48.43
C ASP C 86 14.25 -11.62 48.34
N CYS C 87 14.01 -11.16 47.13
CA CYS C 87 13.05 -10.09 46.87
C CYS C 87 11.65 -10.46 47.37
N GLY C 88 11.26 -11.70 47.12
CA GLY C 88 10.00 -12.22 47.62
C GLY C 88 9.94 -12.15 49.14
N LYS C 89 11.00 -12.63 49.78
CA LYS C 89 11.11 -12.56 51.24
C LYS C 89 10.96 -11.12 51.72
N ALA C 90 11.53 -10.20 50.96
CA ALA C 90 11.55 -8.77 51.31
C ALA C 90 10.24 -8.07 50.98
N GLY C 91 9.33 -8.77 50.31
CA GLY C 91 8.03 -8.21 49.96
C GLY C 91 8.02 -7.25 48.77
N VAL C 92 9.01 -7.33 47.88
CA VAL C 92 9.00 -6.39 46.76
C VAL C 92 7.86 -6.76 45.84
N LYS C 93 7.18 -5.75 45.30
CA LYS C 93 5.99 -5.97 44.48
C LYS C 93 6.29 -6.22 43.01
N PHE C 94 7.38 -5.65 42.48
CA PHE C 94 7.72 -5.83 41.06
C PHE C 94 9.18 -6.12 40.85
N ALA C 95 9.42 -7.23 40.15
CA ALA C 95 10.76 -7.60 39.71
C ALA C 95 10.89 -7.25 38.25
N VAL C 96 11.74 -6.27 37.98
CA VAL C 96 12.05 -5.83 36.63
C VAL C 96 13.33 -6.55 36.20
N VAL C 97 13.15 -7.65 35.48
CA VAL C 97 14.25 -8.55 35.18
C VAL C 97 14.89 -8.24 33.82
N ILE C 98 16.00 -7.51 33.87
CA ILE C 98 16.79 -7.16 32.69
C ILE C 98 17.30 -8.42 32.02
N THR C 99 17.72 -9.36 32.85
CA THR C 99 18.45 -10.55 32.44
C THR C 99 17.90 -11.33 31.24
N SER C 100 18.78 -11.62 30.28
CA SER C 100 18.46 -12.50 29.15
C SER C 100 18.88 -13.94 29.43
N GLY C 101 18.41 -14.87 28.61
CA GLY C 101 18.81 -16.26 28.70
C GLY C 101 17.67 -17.13 29.16
N PHE C 102 16.45 -16.74 28.80
CA PHE C 102 15.27 -17.50 29.16
C PHE C 102 14.59 -18.08 27.92
N LYS C 103 13.28 -17.86 27.77
CA LYS C 103 12.55 -18.51 26.68
C LYS C 103 13.08 -18.15 25.30
N GLU C 104 13.64 -16.95 25.16
CA GLU C 104 14.07 -16.50 23.85
C GLU C 104 15.27 -17.30 23.32
N VAL C 105 15.95 -18.02 24.23
CA VAL C 105 17.06 -18.89 23.84
C VAL C 105 16.73 -20.35 24.15
N GLY C 106 15.46 -20.65 24.40
CA GLY C 106 15.02 -22.02 24.53
C GLY C 106 14.82 -22.52 25.94
N ASN C 107 15.14 -21.69 26.93
CA ASN C 107 14.96 -22.10 28.32
C ASN C 107 13.59 -21.67 28.83
N GLU C 108 12.57 -22.29 28.25
CA GLU C 108 11.20 -22.03 28.62
C GLU C 108 10.96 -22.37 30.08
N GLU C 109 11.59 -23.45 30.55
CA GLU C 109 11.31 -23.93 31.89
C GLU C 109 11.86 -22.96 32.93
N LEU C 110 13.05 -22.41 32.68
CA LEU C 110 13.65 -21.46 33.62
C LEU C 110 12.74 -20.25 33.75
N GLU C 111 12.21 -19.79 32.61
CA GLU C 111 11.31 -18.64 32.59
C GLU C 111 10.02 -18.92 33.38
N GLU C 112 9.45 -20.10 33.19
CA GLU C 112 8.21 -20.42 33.89
C GLU C 112 8.44 -20.59 35.40
N GLU C 113 9.61 -21.12 35.77
CA GLU C 113 9.96 -21.24 37.19
C GLU C 113 10.11 -19.84 37.81
N LEU C 114 10.76 -18.93 37.08
CA LEU C 114 10.90 -17.54 37.51
C LEU C 114 9.56 -16.91 37.90
N VAL C 115 8.59 -17.01 37.01
CA VAL C 115 7.30 -16.39 37.24
C VAL C 115 6.57 -17.07 38.39
N ARG C 116 6.56 -18.40 38.42
CA ARG C 116 5.85 -19.09 39.50
C ARG C 116 6.49 -18.76 40.86
N ARG C 117 7.82 -18.71 40.93
CA ARG C 117 8.44 -18.32 42.19
C ARG C 117 8.05 -16.92 42.60
N ALA C 118 8.06 -15.98 41.67
CA ALA C 118 7.67 -14.61 41.98
C ALA C 118 6.22 -14.53 42.44
N HIS C 119 5.34 -15.24 41.74
CA HIS C 119 3.91 -15.21 42.08
C HIS C 119 3.67 -15.76 43.48
N SER C 120 4.51 -16.72 43.88
CA SER C 120 4.35 -17.35 45.18
C SER C 120 4.55 -16.32 46.31
N TYR C 121 5.21 -15.20 46.02
CA TYR C 121 5.40 -14.11 46.99
C TYR C 121 4.51 -12.90 46.70
N GLY C 122 3.54 -13.08 45.81
CA GLY C 122 2.66 -11.98 45.39
C GLY C 122 3.40 -10.94 44.57
N MET C 123 4.53 -11.33 43.99
CA MET C 123 5.37 -10.42 43.23
C MET C 123 5.18 -10.63 41.72
N ARG C 124 5.09 -9.54 40.98
CA ARG C 124 4.91 -9.57 39.52
C ARG C 124 6.25 -9.37 38.83
N VAL C 125 6.36 -9.90 37.62
CA VAL C 125 7.57 -9.80 36.80
C VAL C 125 7.36 -8.95 35.54
N LEU C 126 8.28 -8.02 35.30
CA LEU C 126 8.36 -7.37 33.98
C LEU C 126 9.54 -8.00 33.25
N GLY C 127 9.31 -8.46 32.03
CA GLY C 127 10.33 -9.16 31.26
C GLY C 127 10.14 -10.69 31.30
N PRO C 128 11.26 -11.45 31.41
CA PRO C 128 12.65 -10.99 31.46
C PRO C 128 13.17 -10.54 30.09
N ASN C 129 14.48 -10.34 29.97
CA ASN C 129 15.09 -9.97 28.70
C ASN C 129 14.57 -8.61 28.22
N ILE C 130 14.82 -7.58 29.03
CA ILE C 130 14.32 -6.25 28.75
C ILE C 130 15.41 -5.24 29.02
N PHE C 131 15.19 -4.00 28.59
CA PHE C 131 16.14 -2.94 28.90
C PHE C 131 15.61 -1.99 29.99
N GLY C 132 14.50 -2.36 30.61
CA GLY C 132 13.97 -1.60 31.73
C GLY C 132 12.75 -0.77 31.37
N TYR C 133 12.55 0.34 32.07
CA TYR C 133 11.40 1.19 31.83
C TYR C 133 11.67 2.59 32.32
N LEU C 134 10.89 3.53 31.80
CA LEU C 134 10.99 4.93 32.18
C LEU C 134 9.59 5.49 32.40
N TYR C 135 9.47 6.36 33.41
CA TYR C 135 8.24 7.08 33.67
C TYR C 135 8.60 8.52 34.04
N ALA C 136 8.32 9.44 33.11
CA ALA C 136 8.73 10.83 33.24
C ALA C 136 8.06 11.54 34.42
N PRO C 137 6.74 11.35 34.58
CA PRO C 137 6.08 12.04 35.69
C PRO C 137 6.73 11.74 37.05
N ALA C 138 7.36 10.57 37.18
CA ALA C 138 8.04 10.22 38.43
C ALA C 138 9.56 10.43 38.36
N ARG C 139 10.02 11.08 37.30
CA ARG C 139 11.45 11.29 37.04
C ARG C 139 12.22 9.99 37.23
N LEU C 140 11.69 8.94 36.60
CA LEU C 140 12.16 7.58 36.82
C LEU C 140 12.73 7.01 35.52
N ASN C 141 14.06 6.96 35.40
CA ASN C 141 14.72 6.33 34.25
C ASN C 141 15.47 5.08 34.70
N ALA C 142 14.74 3.98 34.74
CA ALA C 142 15.29 2.69 35.10
C ALA C 142 15.57 1.86 33.83
N THR C 143 16.36 2.43 32.92
CA THR C 143 16.82 1.73 31.72
C THR C 143 18.34 1.87 31.60
N PHE C 144 18.97 1.11 30.69
CA PHE C 144 20.35 1.42 30.32
C PHE C 144 20.38 2.04 28.93
N GLY C 145 19.29 2.71 28.59
CA GLY C 145 19.18 3.44 27.34
C GLY C 145 19.66 4.87 27.53
N PRO C 146 19.26 5.77 26.62
CA PRO C 146 19.64 7.17 26.75
C PRO C 146 19.24 7.74 28.12
N LYS C 147 19.91 8.80 28.55
CA LYS C 147 19.72 9.35 29.88
C LYS C 147 18.47 10.20 30.00
N ASP C 148 17.99 10.68 28.86
CA ASP C 148 16.92 11.67 28.85
C ASP C 148 15.97 11.45 27.68
N VAL C 149 14.74 11.90 27.85
CA VAL C 149 13.77 12.00 26.76
C VAL C 149 13.08 13.35 26.88
N LEU C 150 12.40 13.76 25.83
CA LEU C 150 11.58 14.96 25.86
C LEU C 150 10.30 14.66 26.62
N SER C 151 9.83 15.61 27.41
CA SER C 151 8.59 15.37 28.14
C SER C 151 7.32 15.62 27.31
N GLY C 152 6.35 14.73 27.50
CA GLY C 152 5.06 14.83 26.84
C GLY C 152 4.15 13.69 27.27
N ASN C 153 3.19 13.35 26.41
CA ASN C 153 2.09 12.47 26.78
C ASN C 153 2.06 11.11 26.05
N VAL C 154 3.18 10.73 25.43
CA VAL C 154 3.23 9.46 24.70
C VAL C 154 3.89 8.35 25.52
N ALA C 155 3.17 7.25 25.68
CA ALA C 155 3.73 6.05 26.29
C ALA C 155 4.10 5.07 25.19
N PHE C 156 5.34 4.59 25.24
CA PHE C 156 5.86 3.65 24.25
C PHE C 156 6.20 2.32 24.91
N ILE C 157 5.54 1.27 24.45
CA ILE C 157 5.78 -0.10 24.90
C ILE C 157 6.47 -0.91 23.79
N SER C 158 7.57 -1.60 24.11
CA SER C 158 8.31 -2.32 23.10
C SER C 158 8.63 -3.76 23.49
N GLN C 159 8.17 -4.69 22.67
CA GLN C 159 8.52 -6.09 22.83
C GLN C 159 9.96 -6.35 22.35
N SER C 160 10.50 -5.44 21.56
CA SER C 160 11.88 -5.58 21.04
C SER C 160 12.91 -4.82 21.86
N GLY C 161 14.06 -5.45 22.08
CA GLY C 161 15.10 -4.84 22.89
C GLY C 161 15.89 -3.75 22.19
N ALA C 162 16.72 -4.15 21.23
CA ALA C 162 17.61 -3.20 20.56
C ALA C 162 16.82 -2.15 19.79
N LEU C 163 15.81 -2.56 19.04
CA LEU C 163 14.98 -1.60 18.31
C LEU C 163 14.25 -0.66 19.28
N GLY C 164 13.72 -1.22 20.37
CA GLY C 164 13.04 -0.38 21.36
C GLY C 164 13.94 0.69 21.94
N ILE C 165 15.15 0.30 22.35
CA ILE C 165 16.04 1.23 23.02
C ILE C 165 16.56 2.25 21.98
N ALA C 166 16.69 1.81 20.73
CA ALA C 166 17.06 2.73 19.66
C ALA C 166 15.96 3.75 19.41
N LEU C 167 14.72 3.27 19.40
CA LEU C 167 13.58 4.14 19.13
C LEU C 167 13.37 5.12 20.28
N MET C 168 13.74 4.69 21.49
CA MET C 168 13.74 5.58 22.65
C MET C 168 14.59 6.81 22.35
N GLY C 169 15.76 6.60 21.76
CA GLY C 169 16.59 7.70 21.34
C GLY C 169 16.00 8.53 20.21
N TYR C 170 15.37 7.84 19.25
CA TYR C 170 14.79 8.47 18.08
C TYR C 170 13.62 9.39 18.38
N THR C 171 12.92 9.18 19.51
CA THR C 171 11.81 10.06 19.87
C THR C 171 12.33 11.49 20.00
N VAL C 172 13.57 11.65 20.45
CA VAL C 172 14.16 12.96 20.63
C VAL C 172 14.36 13.64 19.27
N VAL C 173 14.91 12.91 18.30
CA VAL C 173 15.14 13.46 16.96
C VAL C 173 13.82 13.87 16.27
N GLU C 174 12.77 13.09 16.53
CA GLU C 174 11.46 13.37 15.95
C GLU C 174 10.56 14.25 16.84
N ASN C 175 11.12 14.81 17.91
CA ASN C 175 10.40 15.75 18.78
C ASN C 175 9.15 15.18 19.43
N ILE C 176 9.17 13.89 19.71
CA ILE C 176 8.03 13.25 20.37
C ILE C 176 8.20 13.28 21.89
N GLY C 177 7.27 13.96 22.57
CA GLY C 177 7.30 14.07 24.01
C GLY C 177 6.78 12.77 24.64
N ILE C 178 7.54 12.25 25.59
CA ILE C 178 7.32 10.92 26.14
C ILE C 178 6.87 10.99 27.59
N SER C 179 5.83 10.22 27.93
CA SER C 179 5.45 10.01 29.32
C SER C 179 6.06 8.73 29.87
N SER C 180 6.19 7.72 29.03
CA SER C 180 6.71 6.43 29.46
C SER C 180 7.39 5.64 28.35
N ILE C 181 8.42 4.89 28.73
CA ILE C 181 9.04 3.86 27.88
C ILE C 181 8.96 2.58 28.66
N VAL C 182 8.40 1.53 28.11
CA VAL C 182 8.40 0.22 28.78
C VAL C 182 8.87 -0.89 27.84
N SER C 183 10.02 -1.45 28.18
CA SER C 183 10.53 -2.68 27.56
C SER C 183 9.84 -3.89 28.19
N VAL C 184 9.15 -4.71 27.39
CA VAL C 184 8.43 -5.86 27.94
C VAL C 184 9.04 -7.19 27.54
N GLY C 185 9.91 -7.18 26.52
CA GLY C 185 10.68 -8.36 26.16
C GLY C 185 9.88 -9.64 26.06
N ASN C 186 10.25 -10.60 26.87
CA ASN C 186 9.64 -11.93 26.83
C ASN C 186 8.21 -12.00 27.39
N LYS C 187 7.73 -10.94 28.05
CA LYS C 187 6.34 -10.91 28.50
C LYS C 187 5.95 -12.18 29.23
N ALA C 188 6.77 -12.60 30.18
CA ALA C 188 6.47 -13.82 30.90
C ALA C 188 5.31 -13.63 31.86
N ASP C 189 5.08 -12.39 32.29
CA ASP C 189 4.05 -12.10 33.27
C ASP C 189 3.27 -10.85 32.86
N LEU C 190 3.69 -9.69 33.35
CA LEU C 190 3.08 -8.43 32.94
C LEU C 190 3.18 -8.27 31.44
N ASP C 191 2.10 -7.86 30.81
CA ASP C 191 2.09 -7.68 29.36
C ASP C 191 1.37 -6.40 28.93
N ASP C 192 1.08 -6.32 27.63
CA ASP C 192 0.44 -5.16 27.03
C ASP C 192 -0.91 -4.87 27.67
N VAL C 193 -1.63 -5.91 28.06
CA VAL C 193 -2.95 -5.75 28.64
C VAL C 193 -2.85 -5.03 29.99
N ASP C 194 -1.90 -5.46 30.81
CA ASP C 194 -1.69 -4.85 32.11
C ASP C 194 -1.26 -3.41 31.95
N LEU C 195 -0.37 -3.15 31.01
CA LEU C 195 0.12 -1.80 30.82
C LEU C 195 -0.95 -0.86 30.25
N LEU C 196 -1.77 -1.38 29.34
CA LEU C 196 -2.85 -0.58 28.74
C LEU C 196 -3.88 -0.20 29.82
N ASP C 197 -4.15 -1.13 30.73
CA ASP C 197 -5.02 -0.86 31.85
C ASP C 197 -4.49 0.33 32.68
N PHE C 198 -3.19 0.38 32.89
CA PHE C 198 -2.61 1.49 33.65
C PHE C 198 -2.64 2.80 32.87
N PHE C 199 -2.26 2.75 31.60
CA PHE C 199 -2.17 3.96 30.81
C PHE C 199 -3.55 4.52 30.49
N ASP C 200 -4.55 3.65 30.50
CA ASP C 200 -5.94 4.06 30.34
C ASP C 200 -6.30 5.12 31.39
N LYS C 201 -5.96 4.84 32.65
CA LYS C 201 -6.26 5.75 33.75
C LYS C 201 -5.30 6.91 33.86
N ASP C 202 -4.09 6.73 33.35
CA ASP C 202 -3.00 7.65 33.61
C ASP C 202 -3.22 9.01 32.93
N PRO C 203 -3.50 10.06 33.72
CA PRO C 203 -3.71 11.39 33.12
C PRO C 203 -2.46 11.95 32.41
N ASN C 204 -1.28 11.42 32.71
CA ASN C 204 -0.06 11.91 32.06
C ASN C 204 0.13 11.37 30.65
N THR C 205 -0.63 10.35 30.29
CA THR C 205 -0.48 9.65 29.01
C THR C 205 -1.69 9.90 28.13
N GLY C 206 -1.48 10.41 26.91
CA GLY C 206 -2.56 10.70 25.97
C GLY C 206 -2.50 9.85 24.71
N VAL C 207 -1.37 9.20 24.48
CA VAL C 207 -1.18 8.35 23.31
C VAL C 207 -0.33 7.15 23.69
N ILE C 208 -0.68 5.98 23.18
CA ILE C 208 0.11 4.78 23.40
C ILE C 208 0.59 4.16 22.07
N MET C 209 1.89 3.94 21.97
CA MET C 209 2.46 3.31 20.79
C MET C 209 3.11 2.03 21.25
N ILE C 210 2.85 0.95 20.54
CA ILE C 210 3.33 -0.38 20.92
C ILE C 210 4.06 -1.06 19.77
N TYR C 211 5.30 -1.48 20.02
CA TYR C 211 5.95 -2.40 19.12
C TYR C 211 5.63 -3.81 19.59
N LEU C 212 4.84 -4.51 18.79
CA LEU C 212 4.25 -5.78 19.16
C LEU C 212 4.62 -6.91 18.20
N GLU C 213 5.27 -7.94 18.74
CA GLU C 213 5.56 -9.15 17.99
C GLU C 213 4.40 -10.13 18.15
N GLY C 214 3.97 -10.33 19.39
CA GLY C 214 2.82 -11.15 19.65
C GLY C 214 2.42 -11.09 21.11
N ILE C 215 1.22 -11.62 21.39
CA ILE C 215 0.76 -11.75 22.77
C ILE C 215 0.62 -13.23 23.11
N ALA C 216 0.50 -13.51 24.41
CA ALA C 216 0.50 -14.89 24.87
C ALA C 216 -0.82 -15.61 24.56
N PRO C 217 -0.75 -16.94 24.38
CA PRO C 217 -1.98 -17.74 24.22
C PRO C 217 -3.03 -17.40 25.29
N GLY C 218 -4.29 -17.30 24.88
CA GLY C 218 -5.39 -17.07 25.81
C GLY C 218 -5.51 -15.62 26.25
N ARG C 219 -4.66 -14.74 25.72
CA ARG C 219 -4.59 -13.37 26.18
C ARG C 219 -5.26 -12.36 25.22
N GLY C 220 -5.56 -12.81 24.00
CA GLY C 220 -6.10 -11.93 22.96
C GLY C 220 -7.47 -11.31 23.21
N ARG C 221 -8.37 -12.08 23.79
CA ARG C 221 -9.70 -11.58 24.05
C ARG C 221 -9.65 -10.43 25.04
N MET C 222 -8.86 -10.60 26.11
CA MET C 222 -8.71 -9.57 27.13
C MET C 222 -8.04 -8.32 26.52
N PHE C 223 -7.09 -8.57 25.64
CA PHE C 223 -6.42 -7.52 24.91
C PHE C 223 -7.43 -6.66 24.17
N ILE C 224 -8.34 -7.30 23.43
CA ILE C 224 -9.38 -6.54 22.74
C ILE C 224 -10.27 -5.78 23.73
N ASP C 225 -10.69 -6.42 24.82
CA ASP C 225 -11.60 -5.78 25.76
C ASP C 225 -11.00 -4.49 26.35
N VAL C 226 -9.74 -4.58 26.77
CA VAL C 226 -9.05 -3.45 27.39
C VAL C 226 -8.70 -2.39 26.35
N ALA C 227 -8.11 -2.81 25.23
CA ALA C 227 -7.69 -1.90 24.17
C ALA C 227 -8.86 -1.09 23.62
N SER C 228 -9.99 -1.75 23.40
CA SER C 228 -11.13 -1.09 22.82
C SER C 228 -11.62 -0.02 23.79
N ARG C 229 -11.56 -0.29 25.09
CA ARG C 229 -12.02 0.71 26.06
C ARG C 229 -11.05 1.88 26.15
N VAL C 230 -9.76 1.60 26.11
CA VAL C 230 -8.75 2.65 26.02
C VAL C 230 -9.02 3.56 24.84
N SER C 231 -9.35 2.94 23.70
CA SER C 231 -9.53 3.66 22.46
C SER C 231 -10.68 4.66 22.49
N LEU C 232 -11.63 4.48 23.39
CA LEU C 232 -12.70 5.45 23.53
C LEU C 232 -12.13 6.83 23.86
N ARG C 233 -10.99 6.86 24.55
CA ARG C 233 -10.43 8.13 25.00
C ARG C 233 -9.02 8.41 24.51
N LYS C 234 -8.24 7.37 24.24
CA LYS C 234 -6.84 7.56 23.81
C LYS C 234 -6.46 6.66 22.62
N PRO C 235 -5.82 7.22 21.58
CA PRO C 235 -5.40 6.41 20.43
C PRO C 235 -4.27 5.42 20.75
N ILE C 236 -4.39 4.22 20.21
CA ILE C 236 -3.33 3.22 20.29
C ILE C 236 -2.80 2.93 18.88
N ILE C 237 -1.50 3.09 18.71
CA ILE C 237 -0.81 2.77 17.46
C ILE C 237 0.06 1.55 17.69
N VAL C 238 -0.18 0.50 16.91
CA VAL C 238 0.64 -0.70 16.99
C VAL C 238 1.52 -0.82 15.75
N ILE C 239 2.82 -0.93 15.97
CA ILE C 239 3.75 -1.39 14.95
C ILE C 239 3.77 -2.89 15.09
N LYS C 240 3.16 -3.57 14.13
CA LYS C 240 3.09 -5.02 14.19
C LYS C 240 4.33 -5.64 13.52
N ALA C 241 5.05 -6.43 14.30
CA ALA C 241 6.20 -7.16 13.81
C ALA C 241 5.71 -8.49 13.29
N GLY C 242 5.97 -8.78 12.03
CA GLY C 242 5.44 -9.99 11.41
C GLY C 242 4.08 -9.77 10.77
N ARG C 243 3.98 -8.73 9.92
CA ARG C 243 2.77 -8.42 9.17
C ARG C 243 2.62 -9.28 7.94
N THR C 244 3.66 -10.02 7.60
CA THR C 244 3.64 -10.91 6.45
C THR C 244 3.85 -12.32 6.95
N GLU C 245 3.52 -13.32 6.15
CA GLU C 245 3.73 -14.70 6.55
C GLU C 245 5.21 -14.97 6.87
N VAL C 246 6.10 -14.49 6.02
CA VAL C 246 7.53 -14.72 6.23
C VAL C 246 8.03 -13.91 7.43
N GLY C 247 7.47 -12.73 7.62
CA GLY C 247 7.84 -11.92 8.77
C GLY C 247 7.36 -12.55 10.06
N ALA C 248 6.18 -13.15 10.03
CA ALA C 248 5.58 -13.74 11.22
C ALA C 248 6.38 -14.95 11.68
N ARG C 249 6.81 -15.76 10.71
CA ARG C 249 7.71 -16.87 10.98
C ARG C 249 9.02 -16.36 11.60
N ALA C 250 9.64 -15.37 10.95
CA ALA C 250 10.90 -14.80 11.43
C ALA C 250 10.80 -14.33 12.88
N ALA C 251 9.92 -13.35 13.13
CA ALA C 251 9.72 -12.82 14.47
C ALA C 251 9.45 -13.92 15.51
N ALA C 252 8.77 -14.99 15.08
CA ALA C 252 8.41 -16.07 15.99
C ALA C 252 9.63 -16.70 16.67
N SER C 253 10.73 -16.85 15.95
CA SER C 253 11.89 -17.52 16.50
C SER C 253 12.78 -16.59 17.33
N HIS C 254 12.63 -15.29 17.12
CA HIS C 254 13.37 -14.30 17.90
C HIS C 254 12.92 -14.31 19.37
N THR C 255 11.67 -14.74 19.59
CA THR C 255 11.12 -14.80 20.94
C THR C 255 10.83 -16.23 21.38
N GLY C 256 10.96 -17.16 20.45
CA GLY C 256 10.77 -18.58 20.72
C GLY C 256 9.30 -18.93 20.92
N SER C 257 8.43 -18.42 20.04
CA SER C 257 6.99 -18.67 20.12
C SER C 257 6.48 -19.30 18.82
N ILE C 258 5.18 -19.58 18.78
CA ILE C 258 4.52 -19.99 17.54
C ILE C 258 4.07 -18.75 16.77
N ALA C 259 4.14 -18.81 15.45
CA ALA C 259 3.71 -17.66 14.64
C ALA C 259 2.19 -17.45 14.76
N GLY C 260 1.81 -16.22 15.10
CA GLY C 260 0.41 -15.85 15.17
C GLY C 260 -0.23 -15.57 13.81
N SER C 261 -1.55 -15.73 13.76
CA SER C 261 -2.29 -15.45 12.53
C SER C 261 -2.26 -13.97 12.20
N VAL C 262 -1.66 -13.64 11.06
CA VAL C 262 -1.63 -12.27 10.57
C VAL C 262 -3.04 -11.67 10.48
N ALA C 263 -3.91 -12.39 9.79
CA ALA C 263 -5.23 -11.90 9.48
C ALA C 263 -6.07 -11.71 10.76
N ILE C 264 -5.89 -12.61 11.73
CA ILE C 264 -6.69 -12.51 12.97
C ILE C 264 -6.16 -11.40 13.88
N TYR C 265 -4.85 -11.17 13.92
CA TYR C 265 -4.32 -10.00 14.62
C TYR C 265 -4.89 -8.72 14.03
N GLU C 266 -4.95 -8.64 12.71
CA GLU C 266 -5.43 -7.43 12.04
C GLU C 266 -6.89 -7.18 12.39
N SER C 267 -7.66 -8.26 12.45
CA SER C 267 -9.05 -8.18 12.91
C SER C 267 -9.18 -7.71 14.35
N ALA C 268 -8.31 -8.25 15.21
CA ALA C 268 -8.30 -7.87 16.62
C ALA C 268 -8.00 -6.37 16.79
N PHE C 269 -7.12 -5.84 15.97
CA PHE C 269 -6.77 -4.42 16.04
C PHE C 269 -7.95 -3.55 15.64
N LYS C 270 -8.64 -3.96 14.59
CA LYS C 270 -9.80 -3.23 14.12
C LYS C 270 -10.90 -3.26 15.20
N GLN C 271 -11.10 -4.43 15.81
CA GLN C 271 -12.10 -4.55 16.87
C GLN C 271 -11.73 -3.73 18.09
N SER C 272 -10.44 -3.41 18.22
CA SER C 272 -9.93 -2.64 19.34
C SER C 272 -9.82 -1.13 19.06
N GLY C 273 -10.09 -0.68 17.84
CA GLY C 273 -9.89 0.73 17.50
C GLY C 273 -8.41 1.11 17.33
N ILE C 274 -7.55 0.09 17.25
CA ILE C 274 -6.11 0.30 17.11
C ILE C 274 -5.70 0.64 15.67
N LEU C 275 -4.78 1.59 15.52
CA LEU C 275 -4.17 1.91 14.23
C LEU C 275 -2.91 1.08 14.01
N MET C 276 -2.87 0.29 12.95
CA MET C 276 -1.69 -0.52 12.67
C MET C 276 -0.76 0.21 11.71
N ALA C 277 0.45 0.47 12.17
CA ALA C 277 1.49 1.08 11.33
C ALA C 277 2.39 0.00 10.77
N LYS C 278 2.71 0.13 9.48
CA LYS C 278 3.55 -0.82 8.77
C LYS C 278 5.03 -0.42 8.82
N SER C 279 5.32 0.74 9.42
CA SER C 279 6.70 1.20 9.55
C SER C 279 6.88 2.12 10.75
N VAL C 280 8.13 2.23 11.18
CA VAL C 280 8.53 3.20 12.20
C VAL C 280 8.13 4.60 11.80
N GLU C 281 8.43 4.97 10.56
CA GLU C 281 8.16 6.33 10.09
C GLU C 281 6.68 6.69 10.21
N ASP C 282 5.80 5.80 9.75
CA ASP C 282 4.38 6.02 9.88
C ASP C 282 3.97 6.10 11.35
N ALA C 283 4.41 5.14 12.16
CA ALA C 283 4.04 5.13 13.57
C ALA C 283 4.42 6.45 14.24
N PHE C 284 5.62 6.97 13.96
CA PHE C 284 6.08 8.21 14.60
C PHE C 284 5.38 9.43 14.05
N ASP C 285 5.17 9.48 12.74
CA ASP C 285 4.46 10.58 12.11
C ASP C 285 3.03 10.69 12.67
N TRP C 286 2.34 9.55 12.81
CA TRP C 286 0.97 9.52 13.32
C TRP C 286 0.93 9.88 14.80
N THR C 287 1.88 9.35 15.55
CA THR C 287 1.94 9.58 16.99
C THR C 287 2.05 11.07 17.26
N LYS C 288 2.93 11.71 16.51
CA LYS C 288 3.12 13.14 16.62
C LYS C 288 1.80 13.89 16.43
N ALA C 289 1.12 13.60 15.33
CA ALA C 289 -0.12 14.27 14.99
C ALA C 289 -1.19 14.02 16.06
N LEU C 290 -1.30 12.78 16.53
CA LEU C 290 -2.35 12.43 17.48
C LEU C 290 -2.07 13.02 18.86
N SER C 291 -0.80 13.23 19.15
CA SER C 291 -0.36 13.73 20.44
C SER C 291 -0.67 15.21 20.58
N TRP C 292 -0.66 15.92 19.45
CA TRP C 292 -0.72 17.37 19.44
C TRP C 292 -2.00 17.95 18.86
N ASN C 293 -2.99 17.10 18.56
CA ASN C 293 -4.21 17.58 17.93
C ASN C 293 -5.44 16.90 18.48
N PRO C 294 -6.56 17.63 18.56
CA PRO C 294 -7.82 16.93 18.83
C PRO C 294 -8.26 16.19 17.57
N ILE C 295 -9.19 15.25 17.71
CA ILE C 295 -9.68 14.54 16.55
C ILE C 295 -10.65 15.45 15.82
N PRO C 296 -10.69 15.33 14.49
CA PRO C 296 -11.64 16.13 13.72
C PRO C 296 -13.08 15.81 14.14
N GLU C 297 -13.92 16.85 14.15
CA GLU C 297 -15.31 16.69 14.55
C GLU C 297 -16.20 16.35 13.35
N GLY C 298 -15.67 16.52 12.14
CA GLY C 298 -16.40 16.18 10.92
C GLY C 298 -15.45 16.02 9.75
N GLU C 299 -15.98 15.89 8.55
CA GLU C 299 -15.17 15.53 7.38
C GLU C 299 -14.74 16.72 6.52
N ARG C 300 -15.03 17.93 6.96
CA ARG C 300 -14.72 19.12 6.16
C ARG C 300 -13.23 19.46 6.29
N LEU C 301 -12.42 18.65 5.63
CA LEU C 301 -10.99 18.81 5.60
C LEU C 301 -10.59 19.73 4.45
N ILE C 302 -9.82 20.75 4.77
CA ILE C 302 -9.32 21.69 3.76
C ILE C 302 -7.82 21.49 3.57
N VAL C 303 -7.39 21.48 2.31
CA VAL C 303 -5.96 21.49 2.00
C VAL C 303 -5.61 22.84 1.36
N LEU C 304 -4.59 23.48 1.90
CA LEU C 304 -4.15 24.80 1.46
C LEU C 304 -2.76 24.61 0.90
N THR C 305 -2.51 25.07 -0.31
CA THR C 305 -1.24 24.81 -0.98
C THR C 305 -0.87 26.01 -1.86
N ASN C 306 0.43 26.30 -2.00
CA ASN C 306 0.83 27.32 -2.96
C ASN C 306 1.20 26.69 -4.30
N GLY C 307 1.04 25.38 -4.42
CA GLY C 307 1.33 24.76 -5.70
C GLY C 307 0.41 23.60 -5.96
N GLY C 308 -0.03 23.47 -7.21
CA GLY C 308 -0.98 22.44 -7.54
C GLY C 308 -0.36 21.07 -7.38
N GLY C 309 0.93 20.96 -7.66
CA GLY C 309 1.63 19.69 -7.58
C GLY C 309 1.53 19.05 -6.22
N ALA C 310 1.90 19.80 -5.20
CA ALA C 310 1.82 19.32 -3.83
C ALA C 310 0.39 18.94 -3.50
N GLY C 311 -0.55 19.75 -3.97
CA GLY C 311 -1.96 19.50 -3.72
C GLY C 311 -2.43 18.18 -4.30
N VAL C 312 -1.94 17.85 -5.49
CA VAL C 312 -2.29 16.59 -6.15
C VAL C 312 -1.67 15.44 -5.39
N GLN C 313 -0.41 15.61 -4.98
CA GLN C 313 0.25 14.59 -4.18
C GLN C 313 -0.56 14.33 -2.92
N SER C 314 -1.08 15.41 -2.33
CA SER C 314 -1.89 15.31 -1.11
C SER C 314 -3.20 14.57 -1.37
N THR C 315 -3.87 14.94 -2.46
CA THR C 315 -5.15 14.35 -2.83
C THR C 315 -5.04 12.86 -3.02
N ASP C 316 -4.01 12.45 -3.76
CA ASP C 316 -3.73 11.04 -4.00
C ASP C 316 -3.48 10.30 -2.69
N THR C 317 -2.63 10.86 -1.84
CA THR C 317 -2.31 10.22 -0.56
C THR C 317 -3.55 10.08 0.33
N PHE C 318 -4.37 11.13 0.42
CA PHE C 318 -5.61 11.07 1.21
C PHE C 318 -6.54 9.97 0.67
N ALA C 319 -6.72 9.95 -0.65
CA ALA C 319 -7.53 8.94 -1.31
C ALA C 319 -7.07 7.52 -1.00
N ASP C 320 -5.76 7.29 -1.01
CA ASP C 320 -5.21 5.98 -0.64
C ASP C 320 -5.61 5.57 0.78
N ASN C 321 -5.97 6.55 1.60
CA ASN C 321 -6.38 6.32 2.98
C ASN C 321 -7.89 6.40 3.17
N GLY C 322 -8.61 6.45 2.05
CA GLY C 322 -10.07 6.52 2.07
C GLY C 322 -10.59 7.86 2.56
N ILE C 323 -9.84 8.92 2.28
CA ILE C 323 -10.25 10.28 2.61
C ILE C 323 -10.40 11.08 1.34
N TYR C 324 -11.60 11.59 1.12
CA TYR C 324 -11.94 12.30 -0.11
C TYR C 324 -12.37 13.71 0.25
N LEU C 325 -11.87 14.67 -0.51
CA LEU C 325 -12.11 16.08 -0.26
C LEU C 325 -13.38 16.51 -0.97
N SER C 326 -14.07 17.49 -0.38
CA SER C 326 -15.24 18.11 -1.01
C SER C 326 -14.98 19.59 -1.15
N LYS C 327 -15.76 20.24 -2.01
CA LYS C 327 -15.65 21.68 -2.22
C LYS C 327 -15.59 22.45 -0.89
N PRO C 328 -14.77 23.50 -0.82
CA PRO C 328 -14.75 24.30 0.42
C PRO C 328 -16.01 25.14 0.60
N PRO C 329 -16.28 25.53 1.85
CA PRO C 329 -17.45 26.41 2.00
C PRO C 329 -17.28 27.71 1.22
N GLU C 330 -18.39 28.19 0.68
CA GLU C 330 -18.39 29.37 -0.16
C GLU C 330 -17.88 30.59 0.62
N SER C 331 -18.15 30.64 1.92
CA SER C 331 -17.69 31.75 2.75
C SER C 331 -16.16 31.79 2.85
N LEU C 332 -15.55 30.62 2.91
CA LEU C 332 -14.09 30.55 2.93
C LEU C 332 -13.53 31.03 1.59
N ILE C 333 -14.17 30.60 0.51
CA ILE C 333 -13.73 31.00 -0.82
C ILE C 333 -13.76 32.52 -0.96
N GLN C 334 -14.83 33.14 -0.47
CA GLN C 334 -14.99 34.60 -0.56
C GLN C 334 -13.89 35.32 0.22
N GLU C 335 -13.66 34.83 1.44
CA GLU C 335 -12.65 35.40 2.32
C GLU C 335 -11.27 35.39 1.65
N ILE C 336 -10.90 34.25 1.08
CA ILE C 336 -9.58 34.07 0.48
C ILE C 336 -9.47 34.82 -0.85
N LYS C 337 -10.59 34.99 -1.53
CA LYS C 337 -10.60 35.72 -2.80
C LYS C 337 -10.33 37.20 -2.59
N LYS C 338 -10.35 37.66 -1.34
CA LYS C 338 -10.04 39.06 -1.07
C LYS C 338 -8.56 39.40 -1.25
N PHE C 339 -7.68 38.40 -1.29
CA PHE C 339 -6.25 38.68 -1.49
C PHE C 339 -5.60 37.79 -2.54
N VAL C 340 -6.31 36.77 -3.00
CA VAL C 340 -5.77 35.80 -3.93
C VAL C 340 -6.08 36.21 -5.38
N PRO C 341 -5.18 35.88 -6.34
CA PRO C 341 -5.48 36.21 -7.74
C PRO C 341 -6.64 35.38 -8.29
N PRO C 342 -7.22 35.81 -9.42
CA PRO C 342 -8.41 35.13 -9.96
C PRO C 342 -8.13 33.74 -10.55
N PHE C 343 -6.88 33.45 -10.86
CA PHE C 343 -6.52 32.16 -11.45
C PHE C 343 -6.17 31.12 -10.38
N ALA C 344 -6.51 31.42 -9.14
CA ALA C 344 -6.35 30.46 -8.05
C ALA C 344 -7.47 29.41 -8.09
N SER C 345 -7.15 28.18 -7.73
CA SER C 345 -8.15 27.11 -7.72
C SER C 345 -8.76 26.95 -6.33
N PHE C 346 -10.09 26.82 -6.28
CA PHE C 346 -10.80 26.64 -5.01
C PHE C 346 -11.56 25.32 -4.95
N ALA C 347 -11.11 24.34 -5.72
CA ALA C 347 -11.79 23.04 -5.77
C ALA C 347 -11.60 22.25 -4.48
N ASN C 348 -10.58 22.64 -3.71
CA ASN C 348 -10.04 21.86 -2.58
C ASN C 348 -9.21 20.67 -3.10
N PRO C 349 -7.88 20.73 -2.99
CA PRO C 349 -7.08 21.77 -2.33
C PRO C 349 -7.35 23.16 -2.87
N ILE C 350 -7.17 24.14 -2.00
CA ILE C 350 -7.20 25.53 -2.37
C ILE C 350 -5.78 25.96 -2.72
N ASP C 351 -5.60 26.32 -3.98
CA ASP C 351 -4.29 26.68 -4.52
C ASP C 351 -4.19 28.21 -4.50
N ILE C 352 -3.39 28.75 -3.60
CA ILE C 352 -3.21 30.19 -3.52
C ILE C 352 -2.12 30.67 -4.50
N THR C 353 -1.68 29.76 -5.38
CA THR C 353 -0.70 29.98 -6.46
C THR C 353 0.75 30.04 -5.99
N GLY C 354 1.65 29.67 -6.89
CA GLY C 354 3.06 29.54 -6.60
C GLY C 354 3.69 30.85 -6.18
N MET C 355 3.05 31.96 -6.53
CA MET C 355 3.61 33.28 -6.23
C MET C 355 3.07 33.86 -4.91
N ALA C 356 2.48 33.02 -4.06
CA ALA C 356 1.99 33.56 -2.79
C ALA C 356 3.11 34.08 -1.88
N PRO C 357 2.97 35.31 -1.34
CA PRO C 357 3.93 35.73 -0.31
C PRO C 357 3.59 35.14 1.05
N ASP C 358 4.52 35.25 2.00
CA ASP C 358 4.36 34.71 3.35
C ASP C 358 2.99 35.03 3.95
N ASP C 359 2.58 36.28 3.77
CA ASP C 359 1.39 36.83 4.40
C ASP C 359 0.14 36.03 4.07
N TRP C 360 0.06 35.47 2.86
CA TRP C 360 -1.16 34.75 2.45
C TRP C 360 -1.31 33.44 3.19
N TYR C 361 -0.20 32.89 3.66
CA TYR C 361 -0.30 31.69 4.47
C TYR C 361 -0.94 31.98 5.82
N TYR C 362 -0.59 33.12 6.41
CA TYR C 362 -1.24 33.55 7.64
C TYR C 362 -2.72 33.79 7.40
N MET C 363 -3.05 34.59 6.39
CA MET C 363 -4.45 34.93 6.15
C MET C 363 -5.27 33.70 5.75
N GLY C 364 -4.71 32.83 4.91
CA GLY C 364 -5.41 31.63 4.49
C GLY C 364 -5.64 30.66 5.64
N THR C 365 -4.59 30.41 6.42
CA THR C 365 -4.68 29.49 7.54
C THR C 365 -5.70 30.02 8.57
N LEU C 366 -5.66 31.33 8.82
CA LEU C 366 -6.56 31.94 9.78
C LEU C 366 -8.02 31.82 9.33
N ALA C 367 -8.27 32.16 8.07
CA ALA C 367 -9.62 32.12 7.51
C ALA C 367 -10.21 30.72 7.57
N ALA C 368 -9.41 29.73 7.20
CA ALA C 368 -9.85 28.33 7.24
C ALA C 368 -10.19 27.88 8.66
N LEU C 369 -9.27 28.10 9.60
CA LEU C 369 -9.48 27.62 10.96
C LEU C 369 -10.69 28.32 11.60
N LYS C 370 -10.92 29.58 11.25
CA LYS C 370 -12.03 30.31 11.86
C LYS C 370 -13.37 29.93 11.24
N ASN C 371 -13.34 29.43 10.00
CA ASN C 371 -14.59 29.11 9.34
C ASN C 371 -15.35 27.99 10.08
N PRO C 372 -16.64 28.22 10.39
CA PRO C 372 -17.38 27.19 11.13
C PRO C 372 -17.68 25.92 10.33
N ASP C 373 -17.51 25.95 9.01
CA ASP C 373 -17.75 24.75 8.20
C ASP C 373 -16.45 24.10 7.75
N VAL C 374 -15.38 24.32 8.52
CA VAL C 374 -14.09 23.67 8.32
C VAL C 374 -13.74 22.91 9.58
N ASP C 375 -13.43 21.63 9.44
CA ASP C 375 -13.16 20.75 10.58
C ASP C 375 -11.66 20.47 10.76
N ALA C 376 -10.90 20.58 9.67
CA ALA C 376 -9.47 20.24 9.73
C ALA C 376 -8.71 20.90 8.59
N LEU C 377 -7.43 21.11 8.82
CA LEU C 377 -6.60 21.79 7.84
C LEU C 377 -5.22 21.16 7.69
N THR C 378 -4.87 20.86 6.45
CA THR C 378 -3.51 20.48 6.11
C THR C 378 -2.93 21.60 5.26
N VAL C 379 -1.85 22.20 5.74
CA VAL C 379 -1.19 23.30 5.02
C VAL C 379 0.09 22.84 4.36
N LEU C 380 0.21 23.12 3.07
CA LEU C 380 1.34 22.65 2.24
C LEU C 380 2.10 23.85 1.68
N TYR C 381 3.42 23.76 1.70
CA TYR C 381 4.27 24.87 1.30
C TYR C 381 5.49 24.37 0.51
N CYS C 382 5.58 24.81 -0.73
CA CYS C 382 6.73 24.62 -1.58
C CYS C 382 7.58 25.89 -1.56
N GLN C 383 8.85 25.78 -1.19
CA GLN C 383 9.72 26.96 -1.11
C GLN C 383 10.03 27.56 -2.48
N THR C 384 9.79 28.87 -2.62
CA THR C 384 10.25 29.64 -3.77
C THR C 384 10.97 30.88 -3.25
N ALA C 385 11.46 31.71 -4.17
CA ALA C 385 12.27 32.86 -3.75
C ALA C 385 11.41 33.99 -3.21
N VAL C 386 10.11 33.98 -3.50
CA VAL C 386 9.23 35.06 -3.05
C VAL C 386 8.79 34.85 -1.59
N THR C 387 9.13 33.72 -0.97
CA THR C 387 8.76 33.46 0.42
C THR C 387 9.98 33.21 1.28
N THR C 388 9.77 33.14 2.59
CA THR C 388 10.75 32.61 3.52
C THR C 388 10.07 31.46 4.29
N PRO C 389 10.72 30.30 4.38
CA PRO C 389 10.10 29.19 5.11
C PRO C 389 9.75 29.56 6.55
N ILE C 390 10.64 30.25 7.24
CA ILE C 390 10.39 30.60 8.64
C ILE C 390 9.26 31.62 8.75
N GLY C 391 9.16 32.54 7.80
CA GLY C 391 8.07 33.50 7.78
C GLY C 391 6.73 32.78 7.63
N VAL C 392 6.68 31.83 6.70
CA VAL C 392 5.49 31.02 6.50
C VAL C 392 5.17 30.25 7.79
N ALA C 393 6.17 29.65 8.41
CA ALA C 393 5.98 28.89 9.64
C ALA C 393 5.42 29.77 10.74
N LYS C 394 5.97 30.98 10.88
CA LYS C 394 5.51 31.88 11.93
C LYS C 394 4.09 32.35 11.65
N GLY C 395 3.77 32.52 10.37
CA GLY C 395 2.41 32.85 9.97
C GLY C 395 1.41 31.79 10.37
N ILE C 396 1.81 30.53 10.25
CA ILE C 396 0.93 29.41 10.62
C ILE C 396 0.76 29.36 12.14
N VAL C 397 1.86 29.53 12.87
CA VAL C 397 1.79 29.61 14.34
C VAL C 397 0.80 30.71 14.77
N ASP C 398 0.97 31.89 14.19
CA ASP C 398 0.13 33.04 14.56
C ASP C 398 -1.34 32.80 14.21
N ALA C 399 -1.58 32.18 13.05
CA ALA C 399 -2.95 31.89 12.62
C ALA C 399 -3.60 30.90 13.59
N ILE C 400 -2.83 29.90 14.01
CA ILE C 400 -3.36 28.90 14.92
C ILE C 400 -3.72 29.50 16.29
N LYS C 401 -2.92 30.46 16.75
CA LYS C 401 -3.19 31.12 18.02
C LYS C 401 -4.42 32.01 17.92
N GLU C 402 -4.45 32.86 16.90
CA GLU C 402 -5.50 33.83 16.73
C GLU C 402 -6.86 33.21 16.44
N ALA C 403 -6.85 32.07 15.76
CA ALA C 403 -8.09 31.33 15.51
C ALA C 403 -8.73 30.99 16.85
N GLY C 404 -7.87 30.83 17.86
CA GLY C 404 -8.32 30.67 19.23
C GLY C 404 -9.05 29.37 19.49
N ASN C 405 -9.29 28.59 18.43
CA ASN C 405 -9.96 27.32 18.58
C ASN C 405 -8.95 26.17 18.57
N SER C 406 -9.46 24.95 18.54
CA SER C 406 -8.62 23.77 18.45
C SER C 406 -9.19 22.83 17.40
N LYS C 407 -8.58 22.90 16.22
CA LYS C 407 -8.91 22.04 15.10
C LYS C 407 -7.62 21.35 14.67
N PRO C 408 -7.71 20.10 14.22
CA PRO C 408 -6.48 19.43 13.80
C PRO C 408 -5.79 20.15 12.64
N VAL C 409 -4.47 20.30 12.77
CA VAL C 409 -3.67 20.87 11.70
C VAL C 409 -2.42 20.00 11.44
N THR C 410 -2.11 19.77 10.16
CA THR C 410 -0.80 19.23 9.80
C THR C 410 -0.16 20.14 8.73
N VAL C 411 1.17 20.14 8.71
CA VAL C 411 1.91 21.01 7.81
C VAL C 411 2.94 20.22 7.00
N GLY C 412 2.98 20.47 5.70
CA GLY C 412 3.98 19.89 4.82
C GLY C 412 4.77 21.05 4.26
N MET C 413 6.09 20.92 4.29
CA MET C 413 6.97 21.91 3.71
C MET C 413 8.05 21.21 2.91
N VAL C 414 8.18 21.57 1.63
CA VAL C 414 9.22 21.05 0.76
C VAL C 414 10.22 22.14 0.39
N GLY C 415 11.50 21.89 0.64
CA GLY C 415 12.53 22.80 0.19
C GLY C 415 13.88 22.44 0.74
N GLY C 416 14.77 23.43 0.73
CA GLY C 416 16.16 23.25 1.14
C GLY C 416 16.37 23.39 2.64
N PRO C 417 17.61 23.65 3.06
CA PRO C 417 17.99 23.74 4.47
C PRO C 417 17.12 24.69 5.29
N GLU C 418 16.66 25.79 4.68
CA GLU C 418 15.80 26.76 5.37
C GLU C 418 14.43 26.13 5.72
N VAL C 419 13.93 25.29 4.82
CA VAL C 419 12.71 24.55 5.08
C VAL C 419 12.92 23.53 6.20
N ALA C 420 14.05 22.83 6.20
CA ALA C 420 14.32 21.87 7.29
C ALA C 420 14.27 22.59 8.63
N GLU C 421 14.79 23.81 8.68
CA GLU C 421 14.79 24.60 9.91
C GLU C 421 13.38 24.99 10.32
N ALA C 422 12.57 25.36 9.33
CA ALA C 422 11.20 25.78 9.58
C ALA C 422 10.34 24.63 10.08
N VAL C 423 10.56 23.44 9.52
CA VAL C 423 9.84 22.25 9.95
C VAL C 423 10.18 21.90 11.39
N SER C 424 11.45 22.03 11.72
CA SER C 424 11.93 21.80 13.06
C SER C 424 11.32 22.80 14.06
N PHE C 425 11.29 24.06 13.65
CA PHE C 425 10.71 25.13 14.44
C PHE C 425 9.26 24.81 14.77
N LEU C 426 8.49 24.44 13.75
CA LEU C 426 7.09 24.09 13.95
C LEU C 426 6.92 22.90 14.90
N ASN C 427 7.74 21.88 14.73
CA ASN C 427 7.64 20.68 15.55
C ASN C 427 8.02 20.95 17.01
N LYS C 428 8.95 21.87 17.23
CA LYS C 428 9.39 22.19 18.58
C LYS C 428 8.32 23.01 19.31
N GLN C 429 7.34 23.49 18.55
CA GLN C 429 6.15 24.11 19.12
C GLN C 429 4.93 23.23 19.10
N ARG C 430 5.11 21.92 18.90
CA ARG C 430 3.99 20.99 18.88
C ARG C 430 2.98 21.31 17.78
N ILE C 431 3.48 21.74 16.63
CA ILE C 431 2.69 21.77 15.41
C ILE C 431 3.26 20.69 14.48
N ALA C 432 2.42 19.73 14.10
CA ALA C 432 2.89 18.55 13.40
C ALA C 432 3.33 18.91 11.99
N ALA C 433 4.64 19.00 11.80
CA ALA C 433 5.21 19.39 10.50
C ALA C 433 6.12 18.31 9.92
N TYR C 434 6.07 18.19 8.59
CA TYR C 434 6.74 17.11 7.86
C TYR C 434 7.37 17.66 6.58
N PRO C 435 8.48 17.04 6.10
CA PRO C 435 9.21 17.53 4.92
C PRO C 435 8.63 17.11 3.57
N THR C 436 7.46 16.48 3.55
CA THR C 436 6.80 16.20 2.27
C THR C 436 5.28 16.28 2.42
N PRO C 437 4.59 16.57 1.32
CA PRO C 437 3.13 16.68 1.40
C PRO C 437 2.45 15.36 1.73
N GLU C 438 3.01 14.25 1.23
CA GLU C 438 2.40 12.94 1.47
C GLU C 438 2.45 12.56 2.95
N ARG C 439 3.57 12.88 3.61
CA ARG C 439 3.70 12.59 5.03
C ARG C 439 2.81 13.49 5.88
N ALA C 440 2.63 14.75 5.48
CA ALA C 440 1.71 15.63 6.19
C ALA C 440 0.30 15.08 6.03
N SER C 441 0.01 14.57 4.83
CA SER C 441 -1.32 14.05 4.54
C SER C 441 -1.56 12.70 5.19
N SER C 442 -0.52 11.87 5.29
CA SER C 442 -0.67 10.59 5.98
C SER C 442 -0.88 10.83 7.46
N ALA C 443 -0.25 11.88 7.97
CA ALA C 443 -0.41 12.27 9.37
C ALA C 443 -1.81 12.78 9.67
N MET C 444 -2.38 13.63 8.80
CA MET C 444 -3.77 14.04 8.96
C MET C 444 -4.70 12.81 8.81
N SER C 445 -4.37 11.90 7.88
CA SER C 445 -5.16 10.69 7.70
C SER C 445 -5.24 9.85 8.96
N ALA C 446 -4.18 9.84 9.77
CA ALA C 446 -4.19 9.12 11.04
C ALA C 446 -5.18 9.73 12.03
N LEU C 447 -5.34 11.04 12.00
CA LEU C 447 -6.34 11.71 12.83
C LEU C 447 -7.75 11.26 12.45
N TYR C 448 -8.03 11.22 11.16
CA TYR C 448 -9.32 10.72 10.71
C TYR C 448 -9.47 9.23 10.95
N ALA C 449 -8.40 8.45 10.80
CA ALA C 449 -8.46 7.01 11.08
C ALA C 449 -8.76 6.78 12.54
N TYR C 450 -8.20 7.60 13.43
CA TYR C 450 -8.50 7.40 14.82
C TYR C 450 -9.94 7.84 15.11
N ALA C 451 -10.40 8.93 14.51
CA ALA C 451 -11.79 9.34 14.66
C ALA C 451 -12.73 8.19 14.28
N ARG C 452 -12.43 7.53 13.17
CA ARG C 452 -13.27 6.43 12.70
C ARG C 452 -13.15 5.21 13.59
N ALA C 453 -11.94 4.94 14.06
CA ALA C 453 -11.69 3.81 14.94
C ALA C 453 -12.42 4.00 16.28
N ARG C 454 -12.37 5.19 16.83
CA ARG C 454 -13.09 5.49 18.06
C ARG C 454 -14.58 5.28 17.82
N SER C 455 -15.04 5.68 16.63
CA SER C 455 -16.45 5.50 16.28
C SER C 455 -16.83 4.02 16.19
N TYR C 456 -15.93 3.22 15.64
CA TYR C 456 -16.11 1.77 15.56
C TYR C 456 -16.32 1.20 16.95
N VAL C 457 -15.44 1.59 17.86
CA VAL C 457 -15.50 1.02 19.19
C VAL C 457 -16.74 1.51 19.93
N MET C 458 -17.12 2.77 19.75
CA MET C 458 -18.31 3.28 20.40
C MET C 458 -19.55 2.49 19.97
N LYS C 459 -19.68 2.27 18.67
CA LYS C 459 -20.76 1.47 18.12
C LYS C 459 -20.70 0.01 18.59
N SER C 460 -19.50 -0.56 18.63
CA SER C 460 -19.32 -1.92 19.09
C SER C 460 -19.71 -2.10 20.54
N LEU C 461 -19.46 -1.08 21.35
CA LEU C 461 -19.74 -1.16 22.79
C LEU C 461 -21.12 -0.59 23.17
N ALA C 462 -21.90 -0.21 22.16
CA ALA C 462 -23.27 0.32 22.33
C ALA C 462 -23.26 1.79 22.74
N SER D 2 -31.25 -31.08 26.62
CA SER D 2 -30.23 -30.10 26.27
C SER D 2 -29.56 -30.44 24.96
N SER D 3 -29.38 -29.42 24.12
CA SER D 3 -28.69 -29.59 22.87
C SER D 3 -27.30 -30.15 23.11
N ARG D 4 -26.76 -29.88 24.30
CA ARG D 4 -25.46 -30.38 24.68
C ARG D 4 -25.41 -31.90 24.73
N ASP D 5 -26.57 -32.55 24.89
CA ASP D 5 -26.62 -34.01 24.84
C ASP D 5 -26.00 -34.52 23.54
N LEU D 6 -26.22 -33.79 22.45
CA LEU D 6 -25.68 -34.20 21.16
C LEU D 6 -24.16 -34.26 21.21
N LEU D 7 -23.56 -33.24 21.82
CA LEU D 7 -22.11 -33.20 21.97
C LEU D 7 -21.59 -34.29 22.92
N LEU D 8 -22.30 -34.47 24.03
CA LEU D 8 -21.92 -35.46 25.01
C LEU D 8 -22.02 -36.87 24.42
N LYS D 9 -23.08 -37.14 23.68
CA LYS D 9 -23.30 -38.44 23.05
C LYS D 9 -22.21 -38.75 22.03
N ALA D 10 -21.84 -37.74 21.24
CA ALA D 10 -20.80 -37.89 20.25
C ALA D 10 -19.48 -38.24 20.92
N LYS D 11 -19.16 -37.57 22.03
CA LYS D 11 -17.92 -37.84 22.76
C LYS D 11 -17.95 -39.25 23.32
N GLU D 12 -19.07 -39.60 23.94
CA GLU D 12 -19.27 -40.95 24.49
C GLU D 12 -19.04 -42.04 23.45
N ASN D 13 -19.37 -41.77 22.20
CA ASN D 13 -19.26 -42.75 21.13
C ASN D 13 -17.98 -42.59 20.31
N GLY D 14 -17.06 -41.77 20.81
CA GLY D 14 -15.78 -41.59 20.16
C GLY D 14 -15.87 -40.98 18.77
N ARG D 15 -16.89 -40.16 18.54
CA ARG D 15 -17.02 -39.43 17.28
C ARG D 15 -16.26 -38.11 17.41
N LYS D 16 -15.70 -37.62 16.31
CA LYS D 16 -14.97 -36.36 16.34
C LYS D 16 -15.73 -35.25 15.60
N SER D 17 -16.98 -35.51 15.25
CA SER D 17 -17.79 -34.51 14.56
C SER D 17 -19.29 -34.80 14.73
N LEU D 18 -20.10 -33.76 14.61
CA LEU D 18 -21.53 -33.94 14.46
C LEU D 18 -21.84 -34.07 12.97
N LEU D 19 -22.74 -34.98 12.65
CA LEU D 19 -23.16 -35.20 11.27
C LEU D 19 -24.21 -34.17 10.92
N GLU D 20 -24.48 -34.03 9.63
CA GLU D 20 -25.31 -32.94 9.11
C GLU D 20 -26.61 -32.69 9.91
N HIS D 21 -27.37 -33.74 10.17
CA HIS D 21 -28.66 -33.54 10.84
C HIS D 21 -28.46 -33.08 12.29
N GLU D 22 -27.48 -33.64 12.98
CA GLU D 22 -27.17 -33.20 14.34
C GLU D 22 -26.63 -31.77 14.36
N ALA D 23 -25.74 -31.44 13.42
CA ALA D 23 -25.15 -30.10 13.33
C ALA D 23 -26.21 -29.04 13.08
N LYS D 24 -27.11 -29.32 12.14
CA LYS D 24 -28.21 -28.43 11.84
C LYS D 24 -29.16 -28.30 13.04
N TYR D 25 -29.48 -29.41 13.69
CA TYR D 25 -30.33 -29.33 14.89
C TYR D 25 -29.68 -28.43 15.94
N PHE D 26 -28.39 -28.66 16.19
CA PHE D 26 -27.66 -27.92 17.19
C PHE D 26 -27.64 -26.41 16.90
N ILE D 27 -27.24 -25.99 15.71
CA ILE D 27 -27.14 -24.56 15.41
C ILE D 27 -28.53 -23.94 15.31
N SER D 28 -29.51 -24.77 14.96
CA SER D 28 -30.90 -24.32 14.93
C SER D 28 -31.35 -23.93 16.34
N SER D 29 -30.86 -24.65 17.35
CA SER D 29 -31.24 -24.35 18.72
C SER D 29 -30.60 -23.04 19.19
N TYR D 30 -29.66 -22.51 18.40
CA TYR D 30 -29.07 -21.20 18.68
C TYR D 30 -29.72 -20.12 17.84
N GLY D 31 -30.67 -20.50 16.99
CA GLY D 31 -31.43 -19.54 16.22
C GLY D 31 -30.87 -19.26 14.84
N ILE D 32 -30.01 -20.16 14.35
CA ILE D 32 -29.54 -20.06 12.97
C ILE D 32 -30.46 -20.90 12.06
N PRO D 33 -31.05 -20.29 11.01
CA PRO D 33 -32.03 -21.03 10.20
C PRO D 33 -31.45 -22.18 9.42
N VAL D 34 -32.07 -23.35 9.53
CA VAL D 34 -31.63 -24.53 8.79
C VAL D 34 -32.76 -25.12 7.92
N THR D 35 -32.42 -26.18 7.21
CA THR D 35 -33.38 -26.98 6.44
C THR D 35 -34.13 -27.96 7.34
N ASN D 36 -35.23 -28.52 6.83
CA ASN D 36 -35.83 -29.70 7.42
C ASN D 36 -34.78 -30.81 7.47
N ILE D 37 -34.84 -31.66 8.49
CA ILE D 37 -33.88 -32.74 8.62
C ILE D 37 -34.56 -34.06 9.03
N ARG D 38 -35.07 -34.76 8.03
CA ARG D 38 -35.77 -36.02 8.28
C ARG D 38 -34.82 -37.15 7.92
N LEU D 39 -34.54 -38.00 8.90
CA LEU D 39 -33.62 -39.11 8.67
C LEU D 39 -34.38 -40.37 8.28
N ALA D 40 -34.31 -40.71 7.00
CA ALA D 40 -35.01 -41.87 6.47
C ALA D 40 -34.14 -43.11 6.59
N LYS D 41 -34.71 -44.17 7.14
CA LYS D 41 -34.01 -45.44 7.28
C LYS D 41 -34.28 -46.33 6.05
N SER D 42 -35.38 -46.07 5.35
CA SER D 42 -35.77 -46.87 4.20
C SER D 42 -36.16 -45.99 3.01
N GLU D 43 -36.17 -46.60 1.83
CA GLU D 43 -36.64 -45.92 0.63
C GLU D 43 -38.08 -45.47 0.84
N GLU D 44 -38.82 -46.25 1.60
CA GLU D 44 -40.22 -45.95 1.87
C GLU D 44 -40.35 -44.71 2.75
N GLU D 45 -39.55 -44.64 3.81
CA GLU D 45 -39.52 -43.48 4.69
C GLU D 45 -39.08 -42.23 3.93
N ALA D 46 -38.11 -42.38 3.03
CA ALA D 46 -37.65 -41.27 2.20
C ALA D 46 -38.81 -40.69 1.40
N VAL D 47 -39.58 -41.56 0.75
CA VAL D 47 -40.77 -41.14 0.00
C VAL D 47 -41.78 -40.40 0.88
N ASN D 48 -42.08 -40.97 2.04
CA ASN D 48 -43.08 -40.38 2.93
C ASN D 48 -42.64 -39.01 3.44
N PHE D 49 -41.38 -38.92 3.85
CA PHE D 49 -40.83 -37.67 4.35
C PHE D 49 -40.87 -36.59 3.27
N SER D 50 -40.56 -36.97 2.04
CA SER D 50 -40.56 -36.06 0.91
C SER D 50 -41.95 -35.48 0.63
N ARG D 51 -42.97 -36.33 0.71
CA ARG D 51 -44.33 -35.89 0.48
C ARG D 51 -44.77 -34.90 1.56
N GLU D 52 -44.35 -35.16 2.80
CA GLU D 52 -44.68 -34.26 3.92
C GLU D 52 -43.99 -32.91 3.77
N ILE D 53 -42.69 -32.94 3.46
CA ILE D 53 -41.88 -31.73 3.30
C ILE D 53 -42.37 -30.90 2.13
N GLY D 54 -42.74 -31.57 1.03
CA GLY D 54 -43.14 -30.87 -0.18
C GLY D 54 -41.99 -30.84 -1.17
N PHE D 55 -42.34 -30.92 -2.46
CA PHE D 55 -41.36 -30.94 -3.53
C PHE D 55 -41.05 -29.51 -4.01
N PRO D 56 -39.81 -29.28 -4.47
CA PRO D 56 -38.75 -30.28 -4.62
C PRO D 56 -37.99 -30.57 -3.33
N VAL D 57 -37.31 -31.70 -3.29
CA VAL D 57 -36.52 -32.09 -2.13
C VAL D 57 -35.09 -32.44 -2.51
N VAL D 58 -34.28 -32.68 -1.49
CA VAL D 58 -32.90 -33.09 -1.64
C VAL D 58 -32.67 -34.33 -0.78
N LEU D 59 -31.87 -35.26 -1.29
CA LEU D 59 -31.46 -36.42 -0.50
C LEU D 59 -29.95 -36.43 -0.30
N LYS D 60 -29.52 -36.81 0.90
CA LYS D 60 -28.10 -36.88 1.20
C LYS D 60 -27.75 -38.09 2.04
N ILE D 61 -26.60 -38.69 1.74
CA ILE D 61 -26.03 -39.74 2.58
C ILE D 61 -25.70 -39.19 3.97
N VAL D 62 -25.91 -40.02 4.99
CA VAL D 62 -25.47 -39.69 6.34
C VAL D 62 -24.58 -40.83 6.85
N SER D 63 -23.29 -40.54 7.02
CA SER D 63 -22.33 -41.55 7.43
C SER D 63 -21.07 -40.92 8.02
N PRO D 64 -20.60 -41.46 9.15
CA PRO D 64 -19.36 -40.96 9.75
C PRO D 64 -18.18 -40.99 8.79
N GLN D 65 -18.17 -41.93 7.85
CA GLN D 65 -17.05 -42.10 6.92
C GLN D 65 -17.16 -41.23 5.67
N VAL D 66 -18.20 -40.41 5.58
CA VAL D 66 -18.41 -39.55 4.41
C VAL D 66 -18.47 -38.08 4.81
N VAL D 67 -17.35 -37.39 4.67
CA VAL D 67 -17.29 -35.96 4.98
C VAL D 67 -17.66 -35.14 3.74
N HIS D 68 -17.08 -35.52 2.61
CA HIS D 68 -17.37 -34.85 1.34
C HIS D 68 -18.40 -35.67 0.58
N LYS D 69 -19.67 -35.27 0.69
CA LYS D 69 -20.75 -36.11 0.22
C LYS D 69 -20.91 -36.05 -1.30
N SER D 70 -20.75 -34.87 -1.89
CA SER D 70 -20.84 -34.73 -3.34
C SER D 70 -19.75 -35.52 -4.07
N ASP D 71 -18.54 -35.50 -3.52
CA ASP D 71 -17.38 -36.14 -4.14
C ASP D 71 -17.57 -37.65 -4.33
N VAL D 72 -18.42 -38.27 -3.53
CA VAL D 72 -18.67 -39.71 -3.65
C VAL D 72 -20.08 -39.99 -4.17
N GLY D 73 -20.75 -38.96 -4.70
CA GLY D 73 -22.07 -39.11 -5.29
C GLY D 73 -23.19 -39.29 -4.28
N GLY D 74 -23.02 -38.69 -3.11
CA GLY D 74 -23.95 -38.86 -2.00
C GLY D 74 -24.96 -37.74 -1.83
N VAL D 75 -25.10 -36.89 -2.83
CA VAL D 75 -26.05 -35.78 -2.79
C VAL D 75 -26.89 -35.67 -4.06
N LYS D 76 -28.20 -35.64 -3.91
CA LYS D 76 -29.12 -35.48 -5.04
C LYS D 76 -30.12 -34.36 -4.79
N VAL D 77 -30.16 -33.38 -5.70
CA VAL D 77 -30.98 -32.18 -5.53
C VAL D 77 -32.17 -32.11 -6.51
N ASN D 78 -33.08 -31.17 -6.24
CA ASN D 78 -34.23 -30.86 -7.11
C ASN D 78 -35.00 -32.11 -7.52
N LEU D 79 -35.22 -32.99 -6.56
CA LEU D 79 -35.99 -34.19 -6.80
C LEU D 79 -37.47 -33.84 -6.65
N ARG D 80 -38.21 -33.89 -7.76
CA ARG D 80 -39.53 -33.27 -7.80
C ARG D 80 -40.70 -34.27 -7.71
N SER D 81 -40.41 -35.57 -7.64
CA SER D 81 -41.46 -36.58 -7.60
C SER D 81 -41.10 -37.80 -6.75
N GLU D 82 -42.09 -38.62 -6.44
CA GLU D 82 -41.86 -39.87 -5.71
C GLU D 82 -40.86 -40.76 -6.42
N GLU D 83 -41.07 -40.98 -7.71
CA GLU D 83 -40.23 -41.88 -8.49
C GLU D 83 -38.80 -41.34 -8.54
N GLU D 84 -38.66 -40.03 -8.63
CA GLU D 84 -37.33 -39.44 -8.69
C GLU D 84 -36.62 -39.58 -7.35
N VAL D 85 -37.38 -39.47 -6.26
CA VAL D 85 -36.84 -39.70 -4.92
C VAL D 85 -36.32 -41.13 -4.78
N ARG D 86 -37.13 -42.09 -5.24
CA ARG D 86 -36.78 -43.50 -5.20
C ARG D 86 -35.52 -43.78 -6.01
N LYS D 87 -35.46 -43.18 -7.20
CA LYS D 87 -34.30 -43.33 -8.07
C LYS D 87 -33.05 -42.83 -7.37
N ALA D 88 -33.13 -41.61 -6.84
CA ALA D 88 -32.01 -40.96 -6.16
C ALA D 88 -31.56 -41.74 -4.94
N TYR D 89 -32.52 -42.24 -4.17
CA TYR D 89 -32.24 -43.01 -2.95
C TYR D 89 -31.27 -44.15 -3.27
N ARG D 90 -31.69 -44.97 -4.23
CA ARG D 90 -30.92 -46.14 -4.62
C ARG D 90 -29.60 -45.71 -5.26
N GLU D 91 -29.65 -44.62 -6.03
CA GLU D 91 -28.48 -44.09 -6.70
C GLU D 91 -27.39 -43.70 -5.71
N ILE D 92 -27.81 -43.04 -4.61
CA ILE D 92 -26.89 -42.64 -3.55
C ILE D 92 -26.29 -43.85 -2.85
N ILE D 93 -27.16 -44.79 -2.46
CA ILE D 93 -26.70 -45.96 -1.73
C ILE D 93 -25.62 -46.69 -2.52
N GLU D 94 -25.87 -46.88 -3.82
CA GLU D 94 -24.92 -47.57 -4.69
C GLU D 94 -23.61 -46.80 -4.86
N ASN D 95 -23.69 -45.49 -4.95
CA ASN D 95 -22.51 -44.66 -5.12
C ASN D 95 -21.61 -44.79 -3.91
N VAL D 96 -22.23 -44.77 -2.72
CA VAL D 96 -21.51 -44.83 -1.46
C VAL D 96 -20.92 -46.22 -1.25
N LYS D 97 -21.70 -47.26 -1.55
CA LYS D 97 -21.21 -48.63 -1.46
C LYS D 97 -19.94 -48.82 -2.28
N ARG D 98 -19.92 -48.20 -3.45
CA ARG D 98 -18.83 -48.34 -4.39
C ARG D 98 -17.61 -47.50 -4.05
N ASN D 99 -17.84 -46.25 -3.64
CA ASN D 99 -16.75 -45.32 -3.39
C ASN D 99 -16.18 -45.40 -1.97
N VAL D 100 -17.03 -45.80 -1.02
CA VAL D 100 -16.64 -45.97 0.38
C VAL D 100 -17.27 -47.26 0.91
N PRO D 101 -16.69 -48.41 0.52
CA PRO D 101 -17.18 -49.74 0.88
C PRO D 101 -17.48 -49.89 2.37
N ASN D 102 -16.56 -49.42 3.20
CA ASN D 102 -16.65 -49.64 4.65
C ASN D 102 -17.39 -48.53 5.39
N ALA D 103 -18.43 -47.97 4.77
CA ALA D 103 -19.16 -46.85 5.37
C ALA D 103 -20.39 -47.26 6.18
N GLU D 104 -20.45 -46.79 7.43
CA GLU D 104 -21.60 -47.02 8.29
C GLU D 104 -22.76 -46.11 7.89
N ILE D 105 -23.73 -46.64 7.16
CA ILE D 105 -24.84 -45.81 6.69
C ILE D 105 -25.90 -45.57 7.77
N GLU D 106 -25.89 -44.37 8.35
CA GLU D 106 -26.88 -44.00 9.37
C GLU D 106 -28.27 -43.78 8.76
N GLY D 107 -28.30 -43.53 7.45
CA GLY D 107 -29.56 -43.29 6.75
C GLY D 107 -29.44 -42.27 5.63
N ILE D 108 -30.60 -41.78 5.18
CA ILE D 108 -30.64 -40.80 4.11
C ILE D 108 -31.45 -39.61 4.58
N LEU D 109 -30.81 -38.45 4.56
CA LEU D 109 -31.43 -37.24 5.02
C LEU D 109 -32.29 -36.61 3.92
N VAL D 110 -33.52 -36.29 4.26
CA VAL D 110 -34.46 -35.64 3.36
C VAL D 110 -34.70 -34.20 3.79
N GLN D 111 -34.60 -33.28 2.84
CA GLN D 111 -34.74 -31.86 3.15
C GLN D 111 -35.31 -31.10 1.95
N GLU D 112 -35.93 -29.95 2.18
CA GLU D 112 -36.43 -29.14 1.07
C GLU D 112 -35.28 -28.75 0.16
N PHE D 113 -35.58 -28.51 -1.11
CA PHE D 113 -34.58 -27.99 -2.05
C PHE D 113 -34.69 -26.48 -2.03
N ALA D 114 -33.68 -25.83 -1.46
CA ALA D 114 -33.71 -24.38 -1.30
C ALA D 114 -33.50 -23.67 -2.64
N PRO D 115 -34.34 -22.67 -2.95
CA PRO D 115 -34.17 -22.05 -4.27
C PRO D 115 -32.86 -21.28 -4.40
N PRO D 116 -32.32 -21.14 -5.61
CA PRO D 116 -31.05 -20.42 -5.81
C PRO D 116 -31.02 -19.03 -5.18
N GLY D 117 -29.86 -18.67 -4.65
CA GLY D 117 -29.64 -17.35 -4.10
C GLY D 117 -28.17 -17.05 -4.15
N VAL D 118 -27.68 -16.26 -3.20
CA VAL D 118 -26.25 -15.97 -3.10
C VAL D 118 -25.66 -16.85 -2.02
N GLU D 119 -24.68 -17.67 -2.37
CA GLU D 119 -24.09 -18.58 -1.40
C GLU D 119 -23.01 -17.90 -0.55
N LEU D 120 -23.05 -18.20 0.75
CA LEU D 120 -22.07 -17.70 1.72
C LEU D 120 -21.44 -18.84 2.48
N ILE D 121 -20.33 -18.51 3.14
CA ILE D 121 -19.71 -19.42 4.09
C ILE D 121 -19.59 -18.71 5.45
N ILE D 122 -19.98 -19.43 6.49
CA ILE D 122 -19.80 -18.96 7.86
C ILE D 122 -19.02 -20.01 8.62
N GLY D 123 -17.92 -19.58 9.22
CA GLY D 123 -17.04 -20.49 9.89
C GLY D 123 -16.74 -20.11 11.31
N LEU D 124 -16.23 -21.09 12.05
CA LEU D 124 -15.80 -20.89 13.41
C LEU D 124 -14.51 -21.67 13.58
N LEU D 125 -13.50 -21.01 14.13
CA LEU D 125 -12.23 -21.67 14.44
C LEU D 125 -11.76 -21.15 15.77
N ARG D 126 -10.73 -21.79 16.31
CA ARG D 126 -10.11 -21.35 17.57
C ARG D 126 -8.67 -20.95 17.38
N ASP D 127 -8.39 -19.66 17.56
CA ASP D 127 -7.04 -19.10 17.48
C ASP D 127 -6.33 -19.22 18.84
N PRO D 128 -5.03 -19.60 18.85
CA PRO D 128 -4.31 -19.72 20.13
C PRO D 128 -4.32 -18.45 21.00
N GLN D 129 -4.19 -17.30 20.37
CA GLN D 129 -4.18 -16.04 21.11
C GLN D 129 -5.60 -15.59 21.43
N PHE D 130 -6.47 -15.65 20.43
CA PHE D 130 -7.74 -14.93 20.51
C PHE D 130 -8.97 -15.77 20.80
N GLY D 131 -8.82 -17.08 20.82
CA GLY D 131 -9.94 -17.95 21.12
C GLY D 131 -10.92 -18.08 19.97
N PRO D 132 -12.20 -18.33 20.28
CA PRO D 132 -13.19 -18.49 19.21
C PRO D 132 -13.25 -17.29 18.28
N THR D 133 -13.16 -17.56 16.97
CA THR D 133 -13.11 -16.55 15.91
C THR D 133 -14.06 -16.95 14.77
N VAL D 134 -14.87 -15.99 14.35
CA VAL D 134 -15.87 -16.19 13.31
C VAL D 134 -15.27 -15.82 11.97
N MET D 135 -15.54 -16.62 10.95
CA MET D 135 -15.06 -16.36 9.60
C MET D 135 -16.25 -16.16 8.66
N PHE D 136 -16.11 -15.23 7.73
CA PHE D 136 -17.13 -14.97 6.72
C PHE D 136 -16.55 -14.86 5.31
N GLY D 137 -17.31 -15.33 4.33
CA GLY D 137 -16.91 -15.15 2.94
C GLY D 137 -18.00 -15.56 1.99
N LEU D 138 -17.91 -15.16 0.72
CA LEU D 138 -18.85 -15.62 -0.30
C LEU D 138 -18.52 -17.06 -0.67
N GLY D 139 -19.51 -17.79 -1.16
CA GLY D 139 -19.35 -19.21 -1.38
C GLY D 139 -18.46 -19.57 -2.55
N GLY D 140 -18.23 -20.88 -2.70
CA GLY D 140 -17.51 -21.39 -3.85
C GLY D 140 -16.08 -20.88 -3.95
N VAL D 141 -15.70 -20.48 -5.16
CA VAL D 141 -14.32 -20.09 -5.43
C VAL D 141 -13.86 -18.94 -4.54
N PHE D 142 -14.77 -18.09 -4.10
CA PHE D 142 -14.35 -16.87 -3.42
C PHE D 142 -13.61 -17.17 -2.11
N VAL D 143 -14.08 -18.15 -1.34
CA VAL D 143 -13.31 -18.63 -0.17
C VAL D 143 -12.34 -19.76 -0.52
N GLU D 144 -12.82 -20.74 -1.27
CA GLU D 144 -12.08 -21.98 -1.50
C GLU D 144 -10.87 -21.80 -2.42
N LEU D 145 -10.94 -20.86 -3.36
CA LEU D 145 -9.86 -20.65 -4.32
C LEU D 145 -9.12 -19.35 -4.04
N PHE D 146 -9.86 -18.25 -3.91
CA PHE D 146 -9.25 -16.93 -3.70
C PHE D 146 -8.94 -16.60 -2.23
N ARG D 147 -9.49 -17.39 -1.30
CA ARG D 147 -9.25 -17.19 0.13
C ARG D 147 -9.68 -15.78 0.57
N ASP D 148 -10.76 -15.29 -0.02
CA ASP D 148 -11.31 -14.00 0.36
C ASP D 148 -12.22 -14.14 1.57
N VAL D 149 -11.65 -14.01 2.77
CA VAL D 149 -12.40 -14.18 4.02
C VAL D 149 -12.14 -13.02 4.98
N SER D 150 -13.10 -12.79 5.88
CA SER D 150 -12.91 -11.88 7.01
C SER D 150 -13.06 -12.64 8.34
N PHE D 151 -12.47 -12.09 9.40
CA PHE D 151 -12.51 -12.69 10.74
C PHE D 151 -12.90 -11.64 11.77
N ARG D 152 -13.64 -12.07 12.79
CA ARG D 152 -13.87 -11.26 13.98
C ARG D 152 -13.82 -12.20 15.17
N VAL D 153 -13.06 -11.79 16.18
CA VAL D 153 -12.90 -12.58 17.39
C VAL D 153 -14.18 -12.47 18.21
N ALA D 154 -14.68 -13.61 18.68
CA ALA D 154 -15.94 -13.64 19.39
C ALA D 154 -15.76 -13.23 20.86
N PRO D 155 -16.83 -12.72 21.50
CA PRO D 155 -18.16 -12.48 20.93
C PRO D 155 -18.20 -11.30 19.95
N LEU D 156 -19.08 -11.38 18.96
CA LEU D 156 -19.24 -10.31 17.98
C LEU D 156 -20.31 -9.33 18.41
N SER D 157 -20.01 -8.04 18.31
CA SER D 157 -21.03 -7.02 18.34
C SER D 157 -21.69 -6.93 16.96
N GLU D 158 -22.79 -6.19 16.90
CA GLU D 158 -23.44 -5.90 15.62
C GLU D 158 -22.51 -5.14 14.69
N GLN D 159 -21.73 -4.24 15.27
CA GLN D 159 -20.73 -3.49 14.51
C GLN D 159 -19.67 -4.43 13.93
N ASP D 160 -19.24 -5.41 14.74
CA ASP D 160 -18.27 -6.40 14.25
C ASP D 160 -18.85 -7.19 13.09
N ALA D 161 -20.07 -7.67 13.25
CA ALA D 161 -20.70 -8.49 12.23
C ALA D 161 -20.87 -7.67 10.93
N GLU D 162 -21.40 -6.46 11.04
CA GLU D 162 -21.64 -5.66 9.85
C GLU D 162 -20.32 -5.32 9.13
N SER D 163 -19.31 -4.90 9.88
CA SER D 163 -18.08 -4.47 9.26
C SER D 163 -17.34 -5.66 8.61
N MET D 164 -17.41 -6.85 9.20
CA MET D 164 -16.67 -7.98 8.63
C MET D 164 -17.31 -8.42 7.30
N ILE D 165 -18.61 -8.21 7.16
CA ILE D 165 -19.28 -8.45 5.89
C ILE D 165 -18.81 -7.46 4.81
N LYS D 166 -18.84 -6.17 5.12
CA LYS D 166 -18.46 -5.13 4.16
C LYS D 166 -17.00 -5.21 3.75
N GLU D 167 -16.24 -5.94 4.55
CA GLU D 167 -14.80 -6.00 4.41
C GLU D 167 -14.31 -6.88 3.28
N VAL D 168 -15.05 -7.95 2.96
CA VAL D 168 -14.52 -8.93 2.01
C VAL D 168 -14.56 -8.38 0.59
N LYS D 169 -13.59 -8.77 -0.22
CA LYS D 169 -13.44 -8.20 -1.57
C LYS D 169 -14.65 -8.49 -2.44
N ALA D 170 -15.36 -9.59 -2.16
CA ALA D 170 -16.53 -9.99 -2.95
C ALA D 170 -17.84 -9.44 -2.39
N TYR D 171 -17.75 -8.44 -1.53
CA TYR D 171 -18.92 -7.89 -0.84
C TYR D 171 -20.02 -7.47 -1.81
N LYS D 172 -19.64 -6.89 -2.94
CA LYS D 172 -20.63 -6.34 -3.87
C LYS D 172 -21.59 -7.40 -4.41
N LEU D 173 -21.25 -8.69 -4.28
CA LEU D 173 -22.18 -9.74 -4.68
C LEU D 173 -23.43 -9.76 -3.80
N LEU D 174 -23.41 -9.02 -2.69
CA LEU D 174 -24.50 -9.03 -1.71
C LEU D 174 -25.40 -7.82 -1.86
N THR D 175 -25.00 -6.87 -2.71
CA THR D 175 -25.67 -5.56 -2.76
C THR D 175 -26.24 -5.22 -4.14
N GLY D 176 -26.50 -6.25 -4.93
CA GLY D 176 -27.15 -6.10 -6.22
C GLY D 176 -26.20 -6.09 -7.41
N PHE D 177 -26.36 -7.08 -8.28
CA PHE D 177 -25.60 -7.11 -9.52
C PHE D 177 -26.45 -7.75 -10.61
N ARG D 178 -25.87 -7.91 -11.81
CA ARG D 178 -26.62 -8.39 -12.96
C ARG D 178 -27.42 -9.66 -12.67
N GLY D 179 -28.74 -9.53 -12.69
CA GLY D 179 -29.65 -10.66 -12.51
C GLY D 179 -29.81 -11.11 -11.08
N MET D 180 -29.52 -10.24 -10.11
CA MET D 180 -29.52 -10.64 -8.71
C MET D 180 -29.78 -9.47 -7.78
N GLU D 181 -30.82 -9.60 -6.95
CA GLU D 181 -31.18 -8.55 -6.00
C GLU D 181 -30.24 -8.53 -4.80
N PRO D 182 -30.13 -7.39 -4.10
CA PRO D 182 -29.37 -7.35 -2.84
C PRO D 182 -29.94 -8.34 -1.84
N VAL D 183 -29.08 -8.95 -1.02
CA VAL D 183 -29.56 -9.92 -0.03
C VAL D 183 -29.67 -9.30 1.35
N ASP D 184 -30.25 -10.07 2.26
CA ASP D 184 -30.59 -9.61 3.61
C ASP D 184 -29.37 -9.59 4.54
N ILE D 185 -28.70 -8.44 4.58
CA ILE D 185 -27.49 -8.29 5.38
C ILE D 185 -27.76 -8.50 6.88
N GLU D 186 -28.95 -8.10 7.34
CA GLU D 186 -29.30 -8.23 8.75
C GLU D 186 -29.37 -9.69 9.19
N ALA D 187 -29.95 -10.55 8.36
CA ALA D 187 -30.00 -11.99 8.66
C ALA D 187 -28.60 -12.60 8.68
N ILE D 188 -27.71 -12.12 7.81
CA ILE D 188 -26.33 -12.61 7.83
C ILE D 188 -25.63 -12.19 9.12
N LYS D 189 -25.78 -10.93 9.50
CA LYS D 189 -25.18 -10.41 10.71
C LYS D 189 -25.63 -11.22 11.93
N ASP D 190 -26.93 -11.48 12.00
CA ASP D 190 -27.52 -12.23 13.10
C ASP D 190 -26.90 -13.63 13.20
N ALA D 191 -26.74 -14.29 12.05
CA ALA D 191 -26.14 -15.63 12.01
C ALA D 191 -24.69 -15.59 12.48
N LEU D 192 -23.95 -14.55 12.06
CA LEU D 192 -22.54 -14.40 12.44
C LEU D 192 -22.39 -14.21 13.95
N ILE D 193 -23.26 -13.38 14.54
CA ILE D 193 -23.22 -13.19 15.98
C ILE D 193 -23.51 -14.52 16.68
N ARG D 194 -24.53 -15.24 16.21
CA ARG D 194 -24.86 -16.52 16.85
C ARG D 194 -23.75 -17.57 16.67
N ALA D 195 -23.07 -17.56 15.53
CA ALA D 195 -21.95 -18.49 15.36
C ALA D 195 -20.89 -18.23 16.41
N GLY D 196 -20.65 -16.96 16.69
CA GLY D 196 -19.69 -16.55 17.71
C GLY D 196 -20.08 -17.03 19.10
N ARG D 197 -21.36 -16.92 19.43
CA ARG D 197 -21.86 -17.38 20.72
C ARG D 197 -21.69 -18.89 20.86
N ILE D 198 -21.97 -19.64 19.78
CA ILE D 198 -21.73 -21.08 19.80
C ILE D 198 -20.29 -21.38 20.18
N GLY D 199 -19.37 -20.64 19.57
CA GLY D 199 -17.95 -20.83 19.82
C GLY D 199 -17.53 -20.45 21.23
N VAL D 200 -18.07 -19.33 21.74
CA VAL D 200 -17.74 -18.92 23.10
C VAL D 200 -18.23 -19.97 24.11
N GLU D 201 -19.48 -20.41 23.97
CA GLU D 201 -20.11 -21.20 25.03
C GLU D 201 -19.74 -22.68 25.02
N ASN D 202 -19.46 -23.24 23.85
CA ASN D 202 -19.27 -24.70 23.74
C ASN D 202 -17.82 -25.06 23.50
N GLU D 203 -17.10 -25.25 24.59
CA GLU D 203 -15.65 -25.44 24.54
C GLU D 203 -15.22 -26.71 23.81
N GLU D 204 -16.09 -27.70 23.70
CA GLU D 204 -15.72 -28.95 23.04
C GLU D 204 -15.86 -28.84 21.52
N ILE D 205 -16.38 -27.70 21.03
CA ILE D 205 -16.42 -27.44 19.59
C ILE D 205 -15.13 -26.78 19.13
N ALA D 206 -14.40 -27.48 18.28
CA ALA D 206 -13.11 -26.99 17.77
C ALA D 206 -13.33 -26.12 16.54
N GLU D 207 -14.24 -26.57 15.68
CA GLU D 207 -14.49 -25.87 14.42
C GLU D 207 -15.94 -26.04 14.01
N MET D 208 -16.43 -25.06 13.26
CA MET D 208 -17.71 -25.18 12.60
C MET D 208 -17.55 -24.63 11.19
N ASP D 209 -18.21 -25.29 10.25
CA ASP D 209 -18.19 -24.94 8.85
C ASP D 209 -19.63 -24.99 8.33
N LEU D 210 -20.19 -23.84 7.98
CA LEU D 210 -21.52 -23.74 7.35
C LEU D 210 -21.32 -23.38 5.88
N ASN D 211 -21.35 -24.41 5.02
CA ASN D 211 -20.97 -24.25 3.62
C ASN D 211 -21.83 -25.14 2.72
N PRO D 212 -22.82 -24.55 2.01
CA PRO D 212 -23.14 -23.13 1.92
C PRO D 212 -24.31 -22.72 2.78
N VAL D 213 -24.36 -21.42 2.99
CA VAL D 213 -25.49 -20.70 3.54
C VAL D 213 -26.06 -19.90 2.38
N ILE D 214 -27.33 -20.11 2.05
CA ILE D 214 -27.92 -19.39 0.93
C ILE D 214 -28.63 -18.14 1.45
N ALA D 215 -28.30 -17.00 0.83
CA ALA D 215 -28.85 -15.73 1.24
C ALA D 215 -29.86 -15.24 0.21
N TYR D 216 -30.97 -14.70 0.68
CA TYR D 216 -32.05 -14.23 -0.16
C TYR D 216 -32.33 -12.76 0.14
N PRO D 217 -33.12 -12.08 -0.70
CA PRO D 217 -33.55 -10.72 -0.39
C PRO D 217 -34.13 -10.65 1.02
N LYS D 218 -34.79 -11.73 1.41
CA LYS D 218 -35.33 -11.87 2.75
C LYS D 218 -34.83 -13.17 3.38
N GLY D 219 -34.03 -13.04 4.43
CA GLY D 219 -33.58 -14.20 5.19
C GLY D 219 -32.49 -15.03 4.56
N ILE D 220 -32.00 -15.99 5.33
CA ILE D 220 -30.98 -16.92 4.86
C ILE D 220 -31.39 -18.32 5.22
N LYS D 221 -30.67 -19.32 4.70
CA LYS D 221 -30.94 -20.72 4.99
C LYS D 221 -29.64 -21.53 4.99
N VAL D 222 -29.28 -22.10 6.13
CA VAL D 222 -28.10 -22.96 6.17
C VAL D 222 -28.44 -24.31 5.56
N VAL D 223 -27.72 -24.66 4.50
CA VAL D 223 -28.05 -25.83 3.71
C VAL D 223 -27.11 -27.00 4.00
N ASP D 224 -25.91 -26.73 4.49
CA ASP D 224 -25.01 -27.78 5.00
C ASP D 224 -24.28 -27.28 6.24
N ALA D 225 -23.92 -28.20 7.13
CA ALA D 225 -23.32 -27.82 8.39
C ALA D 225 -22.42 -28.91 8.93
N ARG D 226 -21.25 -28.51 9.40
CA ARG D 226 -20.29 -29.42 10.00
C ARG D 226 -19.81 -28.84 11.33
N ILE D 227 -19.82 -29.68 12.36
CA ILE D 227 -19.24 -29.32 13.64
C ILE D 227 -18.19 -30.36 14.01
N ILE D 228 -16.99 -29.88 14.29
CA ILE D 228 -15.85 -30.70 14.64
C ILE D 228 -15.62 -30.59 16.13
N LEU D 229 -15.47 -31.74 16.80
CA LEU D 229 -15.26 -31.77 18.24
C LEU D 229 -13.78 -31.92 18.61
N ARG D 230 -13.46 -31.54 19.84
CA ARG D 230 -12.14 -31.80 20.43
C ARG D 230 -12.37 -32.37 21.84
#